data_5QOX
# 
_entry.id   5QOX 
# 
_audit_conform.dict_name       mmcif_pdbx.dic 
_audit_conform.dict_version    5.387 
_audit_conform.dict_location   http://mmcif.pdb.org/dictionaries/ascii/mmcif_pdbx.dic 
# 
loop_
_database_2.database_id 
_database_2.database_code 
_database_2.pdbx_database_accession 
_database_2.pdbx_DOI 
PDB   5QOX         pdb_00005qox 10.2210/pdb5qox/pdb 
WWPDB D_1001402222 ?            ?                   
# 
loop_
_pdbx_audit_revision_history.ordinal 
_pdbx_audit_revision_history.data_content_type 
_pdbx_audit_revision_history.major_revision 
_pdbx_audit_revision_history.minor_revision 
_pdbx_audit_revision_history.revision_date 
1 'Structure model' 1 0 2019-05-08 
2 'Structure model' 1 1 2019-11-20 
3 'Structure model' 1 2 2024-03-06 
# 
_pdbx_audit_revision_details.ordinal             1 
_pdbx_audit_revision_details.revision_ordinal    1 
_pdbx_audit_revision_details.data_content_type   'Structure model' 
_pdbx_audit_revision_details.provider            repository 
_pdbx_audit_revision_details.type                'Initial release' 
_pdbx_audit_revision_details.description         ? 
_pdbx_audit_revision_details.details             ? 
# 
loop_
_pdbx_audit_revision_group.ordinal 
_pdbx_audit_revision_group.revision_ordinal 
_pdbx_audit_revision_group.data_content_type 
_pdbx_audit_revision_group.group 
1 2 'Structure model' 'Data collection'     
2 3 'Structure model' 'Data collection'     
3 3 'Structure model' 'Database references' 
# 
loop_
_pdbx_audit_revision_category.ordinal 
_pdbx_audit_revision_category.revision_ordinal 
_pdbx_audit_revision_category.data_content_type 
_pdbx_audit_revision_category.category 
1 2 'Structure model' diffrn_source  
2 3 'Structure model' chem_comp_atom 
3 3 'Structure model' chem_comp_bond 
4 3 'Structure model' database_2     
# 
loop_
_pdbx_audit_revision_item.ordinal 
_pdbx_audit_revision_item.revision_ordinal 
_pdbx_audit_revision_item.data_content_type 
_pdbx_audit_revision_item.item 
1 2 'Structure model' '_diffrn_source.pdbx_synchrotron_beamline' 
2 2 'Structure model' '_diffrn_source.type'                      
3 3 'Structure model' '_database_2.pdbx_DOI'                     
4 3 'Structure model' '_database_2.pdbx_database_accession'      
# 
_pdbx_database_status.entry_id                        5QOX 
_pdbx_database_status.status_code                     REL 
_pdbx_database_status.status_code_sf                  REL 
_pdbx_database_status.status_code_mr                  ? 
_pdbx_database_status.status_code_cs                  ? 
_pdbx_database_status.recvd_initial_deposition_date   2019-02-22 
_pdbx_database_status.deposit_site                    RCSB 
_pdbx_database_status.process_site                    RCSB 
_pdbx_database_status.SG_entry                        ? 
_pdbx_database_status.pdb_format_compatible           Y 
_pdbx_database_status.methods_development_category    ? 
_pdbx_database_status.status_code_nmr_data            ? 
# 
loop_
_audit_author.name 
_audit_author.pdbx_ordinal 
_audit_author.identifier_ORCID 
'Nelson, E.R.'      1  ? 
'Velupillai, S.'    2  ? 
'Talon, R.'         3  ? 
'Collins, P.M.'     4  ? 
'Krojer, T.'        5  ? 
'Wang, D.'          6  ? 
'Brandao-Neto, J.'  7  ? 
'Douangamath, A.'   8  ? 
'Burgess-Brown, N.' 9  ? 
'Arrowsmith, C.H.'  10 ? 
'Bountra, C.'       11 ? 
'Huber, K.'         12 ? 
'von Delft, F.'     13 ? 
# 
_citation.id                        primary 
_citation.title                     'PanDDA analysis group deposition' 
_citation.journal_abbrev            'To Be Published' 
_citation.journal_volume            ? 
_citation.page_first                ? 
_citation.page_last                 ? 
_citation.year                      ? 
_citation.journal_id_ASTM           ? 
_citation.country                   ? 
_citation.journal_id_ISSN           ? 
_citation.journal_id_CSD            0353 
_citation.book_publisher            ? 
_citation.pdbx_database_id_PubMed   ? 
_citation.pdbx_database_id_DOI      ? 
# 
loop_
_citation_author.citation_id 
_citation_author.name 
_citation_author.identifier_ORCID 
_citation_author.ordinal 
primary 'Nelson, E.R.'      ? 1  
primary 'Velupillai, S.'    ? 2  
primary 'Talon, R.'         ? 3  
primary 'Collins, P.M.'     ? 4  
primary 'Krojer, T.'        ? 5  
primary 'Wang, D.'          ? 6  
primary 'Brandao-Neto, J.'  ? 7  
primary 'Douangamath, A.'   ? 8  
primary 'Burgess-Brown, N.' ? 9  
primary 'Arrowsmith, C.H.'  ? 10 
primary 'Bountra, C.'       ? 11 
primary 'Huber, K.'         ? 12 
primary 'von Delft, F.'     ? 13 
# 
loop_
_entity.id 
_entity.type 
_entity.src_method 
_entity.pdbx_description 
_entity.formula_weight 
_entity.pdbx_number_of_molecules 
_entity.pdbx_ec 
_entity.pdbx_mutation 
_entity.pdbx_fragment 
_entity.details 
1 polymer     man 'DCP2 (NUDT20)'                                                                       19073.738 1  3.6.1.62 ? 
'UNP residues 95-260' ? 
2 non-polymer syn 1,2-ETHANEDIOL                                                                        62.068    2  ?        ? ? 
? 
3 non-polymer syn 'DIMETHYL SULFOXIDE'                                                                  78.133    1  ?        ? ? 
? 
4 non-polymer syn 'ACETATE ION'                                                                         59.044    2  ?        ? ? 
? 
5 non-polymer syn 'N-[(4-fluorophenyl)methyl]-6,7-dihydro-5H-pyrazolo[5,1-b][1,3]oxazine-3-carboxamide' 275.278   1  ?        ? ? 
? 
6 water       nat water                                                                                 18.015    83 ?        ? ? 
? 
# 
_entity_name_com.entity_id   1 
_entity_name_com.name        
'Nucleoside diphosphate-linked moiety X motif 20, Nudix motif 20, mRNA-decapping enzyme 2, hDpc, m7GpppN-mRNA hydrolase' 
# 
_entity_poly.entity_id                      1 
_entity_poly.type                           'polypeptide(L)' 
_entity_poly.nstd_linkage                   no 
_entity_poly.nstd_monomer                   no 
_entity_poly.pdbx_seq_one_letter_code       
;SMGVPTYGAIILDETLENVLLVQGYLAKSGWGFPKGKVNKEEAPHDCAAREVFEETGFDIKDYICKDDYIELRINDQLAR
LYIIPGIPKDTKFNPKTRREIRNIEWFSIEKLPCHRNDMTPKSKLGLAPNKFFMAIPFIRPLRDWLSRRFGDSSDSDNGF
SSTGSTP
;
_entity_poly.pdbx_seq_one_letter_code_can   
;SMGVPTYGAIILDETLENVLLVQGYLAKSGWGFPKGKVNKEEAPHDCAAREVFEETGFDIKDYICKDDYIELRINDQLAR
LYIIPGIPKDTKFNPKTRREIRNIEWFSIEKLPCHRNDMTPKSKLGLAPNKFFMAIPFIRPLRDWLSRRFGDSSDSDNGF
SSTGSTP
;
_entity_poly.pdbx_strand_id                 A 
_entity_poly.pdbx_target_identifier         ? 
# 
loop_
_pdbx_entity_nonpoly.entity_id 
_pdbx_entity_nonpoly.name 
_pdbx_entity_nonpoly.comp_id 
2 1,2-ETHANEDIOL                                                                        EDO 
3 'DIMETHYL SULFOXIDE'                                                                  DMS 
4 'ACETATE ION'                                                                         ACT 
5 'N-[(4-fluorophenyl)methyl]-6,7-dihydro-5H-pyrazolo[5,1-b][1,3]oxazine-3-carboxamide' LFM 
6 water                                                                                 HOH 
# 
loop_
_entity_poly_seq.entity_id 
_entity_poly_seq.num 
_entity_poly_seq.mon_id 
_entity_poly_seq.hetero 
1 1   SER n 
1 2   MET n 
1 3   GLY n 
1 4   VAL n 
1 5   PRO n 
1 6   THR n 
1 7   TYR n 
1 8   GLY n 
1 9   ALA n 
1 10  ILE n 
1 11  ILE n 
1 12  LEU n 
1 13  ASP n 
1 14  GLU n 
1 15  THR n 
1 16  LEU n 
1 17  GLU n 
1 18  ASN n 
1 19  VAL n 
1 20  LEU n 
1 21  LEU n 
1 22  VAL n 
1 23  GLN n 
1 24  GLY n 
1 25  TYR n 
1 26  LEU n 
1 27  ALA n 
1 28  LYS n 
1 29  SER n 
1 30  GLY n 
1 31  TRP n 
1 32  GLY n 
1 33  PHE n 
1 34  PRO n 
1 35  LYS n 
1 36  GLY n 
1 37  LYS n 
1 38  VAL n 
1 39  ASN n 
1 40  LYS n 
1 41  GLU n 
1 42  GLU n 
1 43  ALA n 
1 44  PRO n 
1 45  HIS n 
1 46  ASP n 
1 47  CYS n 
1 48  ALA n 
1 49  ALA n 
1 50  ARG n 
1 51  GLU n 
1 52  VAL n 
1 53  PHE n 
1 54  GLU n 
1 55  GLU n 
1 56  THR n 
1 57  GLY n 
1 58  PHE n 
1 59  ASP n 
1 60  ILE n 
1 61  LYS n 
1 62  ASP n 
1 63  TYR n 
1 64  ILE n 
1 65  CYS n 
1 66  LYS n 
1 67  ASP n 
1 68  ASP n 
1 69  TYR n 
1 70  ILE n 
1 71  GLU n 
1 72  LEU n 
1 73  ARG n 
1 74  ILE n 
1 75  ASN n 
1 76  ASP n 
1 77  GLN n 
1 78  LEU n 
1 79  ALA n 
1 80  ARG n 
1 81  LEU n 
1 82  TYR n 
1 83  ILE n 
1 84  ILE n 
1 85  PRO n 
1 86  GLY n 
1 87  ILE n 
1 88  PRO n 
1 89  LYS n 
1 90  ASP n 
1 91  THR n 
1 92  LYS n 
1 93  PHE n 
1 94  ASN n 
1 95  PRO n 
1 96  LYS n 
1 97  THR n 
1 98  ARG n 
1 99  ARG n 
1 100 GLU n 
1 101 ILE n 
1 102 ARG n 
1 103 ASN n 
1 104 ILE n 
1 105 GLU n 
1 106 TRP n 
1 107 PHE n 
1 108 SER n 
1 109 ILE n 
1 110 GLU n 
1 111 LYS n 
1 112 LEU n 
1 113 PRO n 
1 114 CYS n 
1 115 HIS n 
1 116 ARG n 
1 117 ASN n 
1 118 ASP n 
1 119 MET n 
1 120 THR n 
1 121 PRO n 
1 122 LYS n 
1 123 SER n 
1 124 LYS n 
1 125 LEU n 
1 126 GLY n 
1 127 LEU n 
1 128 ALA n 
1 129 PRO n 
1 130 ASN n 
1 131 LYS n 
1 132 PHE n 
1 133 PHE n 
1 134 MET n 
1 135 ALA n 
1 136 ILE n 
1 137 PRO n 
1 138 PHE n 
1 139 ILE n 
1 140 ARG n 
1 141 PRO n 
1 142 LEU n 
1 143 ARG n 
1 144 ASP n 
1 145 TRP n 
1 146 LEU n 
1 147 SER n 
1 148 ARG n 
1 149 ARG n 
1 150 PHE n 
1 151 GLY n 
1 152 ASP n 
1 153 SER n 
1 154 SER n 
1 155 ASP n 
1 156 SER n 
1 157 ASP n 
1 158 ASN n 
1 159 GLY n 
1 160 PHE n 
1 161 SER n 
1 162 SER n 
1 163 THR n 
1 164 GLY n 
1 165 SER n 
1 166 THR n 
1 167 PRO n 
# 
_entity_src_gen.entity_id                          1 
_entity_src_gen.pdbx_src_id                        1 
_entity_src_gen.pdbx_alt_source_flag               sample 
_entity_src_gen.pdbx_seq_type                      'Biological sequence' 
_entity_src_gen.pdbx_beg_seq_num                   1 
_entity_src_gen.pdbx_end_seq_num                   167 
_entity_src_gen.gene_src_common_name               Human 
_entity_src_gen.gene_src_genus                     ? 
_entity_src_gen.pdbx_gene_src_gene                 'DCP2, NUDT20' 
_entity_src_gen.gene_src_species                   ? 
_entity_src_gen.gene_src_strain                    ? 
_entity_src_gen.gene_src_tissue                    ? 
_entity_src_gen.gene_src_tissue_fraction           ? 
_entity_src_gen.gene_src_details                   ? 
_entity_src_gen.pdbx_gene_src_fragment             ? 
_entity_src_gen.pdbx_gene_src_scientific_name      'Homo sapiens' 
_entity_src_gen.pdbx_gene_src_ncbi_taxonomy_id     9606 
_entity_src_gen.pdbx_gene_src_variant              ? 
_entity_src_gen.pdbx_gene_src_cell_line            ? 
_entity_src_gen.pdbx_gene_src_atcc                 ? 
_entity_src_gen.pdbx_gene_src_organ                ? 
_entity_src_gen.pdbx_gene_src_organelle            ? 
_entity_src_gen.pdbx_gene_src_cell                 ? 
_entity_src_gen.pdbx_gene_src_cellular_location    ? 
_entity_src_gen.host_org_common_name               ? 
_entity_src_gen.pdbx_host_org_scientific_name      'Escherichia coli' 
_entity_src_gen.pdbx_host_org_ncbi_taxonomy_id     562 
_entity_src_gen.host_org_genus                     ? 
_entity_src_gen.pdbx_host_org_gene                 ? 
_entity_src_gen.pdbx_host_org_organ                ? 
_entity_src_gen.host_org_species                   ? 
_entity_src_gen.pdbx_host_org_tissue               ? 
_entity_src_gen.pdbx_host_org_tissue_fraction      ? 
_entity_src_gen.pdbx_host_org_strain               ? 
_entity_src_gen.pdbx_host_org_variant              ? 
_entity_src_gen.pdbx_host_org_cell_line            ? 
_entity_src_gen.pdbx_host_org_atcc                 ? 
_entity_src_gen.pdbx_host_org_culture_collection   ? 
_entity_src_gen.pdbx_host_org_cell                 ? 
_entity_src_gen.pdbx_host_org_organelle            ? 
_entity_src_gen.pdbx_host_org_cellular_location    ? 
_entity_src_gen.pdbx_host_org_vector_type          ? 
_entity_src_gen.pdbx_host_org_vector               ? 
_entity_src_gen.host_org_details                   ? 
_entity_src_gen.expression_system_id               ? 
_entity_src_gen.plasmid_name                       ? 
_entity_src_gen.plasmid_details                    ? 
_entity_src_gen.pdbx_description                   ? 
# 
loop_
_chem_comp.id 
_chem_comp.type 
_chem_comp.mon_nstd_flag 
_chem_comp.name 
_chem_comp.pdbx_synonyms 
_chem_comp.formula 
_chem_comp.formula_weight 
ACT non-polymer         . 'ACETATE ION'                                                                         ?                 
'C2 H3 O2 -1'     59.044  
ALA 'L-peptide linking' y ALANINE                                                                               ?                 
'C3 H7 N O2'      89.093  
ARG 'L-peptide linking' y ARGININE                                                                              ?                 
'C6 H15 N4 O2 1'  175.209 
ASN 'L-peptide linking' y ASPARAGINE                                                                            ?                 
'C4 H8 N2 O3'     132.118 
ASP 'L-peptide linking' y 'ASPARTIC ACID'                                                                       ?                 
'C4 H7 N O4'      133.103 
CYS 'L-peptide linking' y CYSTEINE                                                                              ?                 
'C3 H7 N O2 S'    121.158 
DMS non-polymer         . 'DIMETHYL SULFOXIDE'                                                                  ?                 
'C2 H6 O S'       78.133  
EDO non-polymer         . 1,2-ETHANEDIOL                                                                        'ETHYLENE GLYCOL' 
'C2 H6 O2'        62.068  
GLN 'L-peptide linking' y GLUTAMINE                                                                             ?                 
'C5 H10 N2 O3'    146.144 
GLU 'L-peptide linking' y 'GLUTAMIC ACID'                                                                       ?                 
'C5 H9 N O4'      147.129 
GLY 'peptide linking'   y GLYCINE                                                                               ?                 
'C2 H5 N O2'      75.067  
HIS 'L-peptide linking' y HISTIDINE                                                                             ?                 
'C6 H10 N3 O2 1'  156.162 
HOH non-polymer         . WATER                                                                                 ?                 
'H2 O'            18.015  
ILE 'L-peptide linking' y ISOLEUCINE                                                                            ?                 
'C6 H13 N O2'     131.173 
LEU 'L-peptide linking' y LEUCINE                                                                               ?                 
'C6 H13 N O2'     131.173 
LFM non-polymer         . 'N-[(4-fluorophenyl)methyl]-6,7-dihydro-5H-pyrazolo[5,1-b][1,3]oxazine-3-carboxamide' ?                 
'C14 H14 F N3 O2' 275.278 
LYS 'L-peptide linking' y LYSINE                                                                                ?                 
'C6 H15 N2 O2 1'  147.195 
MET 'L-peptide linking' y METHIONINE                                                                            ?                 
'C5 H11 N O2 S'   149.211 
PHE 'L-peptide linking' y PHENYLALANINE                                                                         ?                 
'C9 H11 N O2'     165.189 
PRO 'L-peptide linking' y PROLINE                                                                               ?                 
'C5 H9 N O2'      115.130 
SER 'L-peptide linking' y SERINE                                                                                ?                 
'C3 H7 N O3'      105.093 
THR 'L-peptide linking' y THREONINE                                                                             ?                 
'C4 H9 N O3'      119.119 
TRP 'L-peptide linking' y TRYPTOPHAN                                                                            ?                 
'C11 H12 N2 O2'   204.225 
TYR 'L-peptide linking' y TYROSINE                                                                              ?                 
'C9 H11 N O3'     181.189 
VAL 'L-peptide linking' y VALINE                                                                                ?                 
'C5 H11 N O2'     117.146 
# 
loop_
_pdbx_poly_seq_scheme.asym_id 
_pdbx_poly_seq_scheme.entity_id 
_pdbx_poly_seq_scheme.seq_id 
_pdbx_poly_seq_scheme.mon_id 
_pdbx_poly_seq_scheme.ndb_seq_num 
_pdbx_poly_seq_scheme.pdb_seq_num 
_pdbx_poly_seq_scheme.auth_seq_num 
_pdbx_poly_seq_scheme.pdb_mon_id 
_pdbx_poly_seq_scheme.auth_mon_id 
_pdbx_poly_seq_scheme.pdb_strand_id 
_pdbx_poly_seq_scheme.pdb_ins_code 
_pdbx_poly_seq_scheme.hetero 
A 1 1   SER 1   94  ?   ?   ?   A . n 
A 1 2   MET 2   95  ?   ?   ?   A . n 
A 1 3   GLY 3   96  96  GLY GLY A . n 
A 1 4   VAL 4   97  97  VAL VAL A . n 
A 1 5   PRO 5   98  98  PRO PRO A . n 
A 1 6   THR 6   99  99  THR THR A . n 
A 1 7   TYR 7   100 100 TYR TYR A . n 
A 1 8   GLY 8   101 101 GLY GLY A . n 
A 1 9   ALA 9   102 102 ALA ALA A . n 
A 1 10  ILE 10  103 103 ILE ILE A . n 
A 1 11  ILE 11  104 104 ILE ILE A . n 
A 1 12  LEU 12  105 105 LEU LEU A . n 
A 1 13  ASP 13  106 106 ASP ASP A . n 
A 1 14  GLU 14  107 107 GLU GLU A . n 
A 1 15  THR 15  108 108 THR THR A . n 
A 1 16  LEU 16  109 109 LEU LEU A . n 
A 1 17  GLU 17  110 110 GLU GLU A . n 
A 1 18  ASN 18  111 111 ASN ASN A . n 
A 1 19  VAL 19  112 112 VAL VAL A . n 
A 1 20  LEU 20  113 113 LEU LEU A . n 
A 1 21  LEU 21  114 114 LEU LEU A . n 
A 1 22  VAL 22  115 115 VAL VAL A . n 
A 1 23  GLN 23  116 116 GLN GLN A . n 
A 1 24  GLY 24  117 117 GLY GLY A . n 
A 1 25  TYR 25  118 118 TYR TYR A . n 
A 1 26  LEU 26  119 119 LEU LEU A . n 
A 1 27  ALA 27  120 120 ALA ALA A . n 
A 1 28  LYS 28  121 121 LYS LYS A . n 
A 1 29  SER 29  122 122 SER SER A . n 
A 1 30  GLY 30  123 123 GLY GLY A . n 
A 1 31  TRP 31  124 124 TRP TRP A . n 
A 1 32  GLY 32  125 125 GLY GLY A . n 
A 1 33  PHE 33  126 126 PHE PHE A . n 
A 1 34  PRO 34  127 127 PRO PRO A . n 
A 1 35  LYS 35  128 128 LYS LYS A . n 
A 1 36  GLY 36  129 129 GLY GLY A . n 
A 1 37  LYS 37  130 130 LYS LYS A . n 
A 1 38  VAL 38  131 131 VAL VAL A . n 
A 1 39  ASN 39  132 132 ASN ASN A . n 
A 1 40  LYS 40  133 133 LYS LYS A . n 
A 1 41  GLU 41  134 134 GLU GLU A . n 
A 1 42  GLU 42  135 135 GLU GLU A . n 
A 1 43  ALA 43  136 136 ALA ALA A . n 
A 1 44  PRO 44  137 137 PRO PRO A . n 
A 1 45  HIS 45  138 138 HIS HIS A . n 
A 1 46  ASP 46  139 139 ASP ASP A . n 
A 1 47  CYS 47  140 140 CYS CYS A . n 
A 1 48  ALA 48  141 141 ALA ALA A . n 
A 1 49  ALA 49  142 142 ALA ALA A . n 
A 1 50  ARG 50  143 143 ARG ARG A . n 
A 1 51  GLU 51  144 144 GLU GLU A . n 
A 1 52  VAL 52  145 145 VAL VAL A . n 
A 1 53  PHE 53  146 146 PHE PHE A . n 
A 1 54  GLU 54  147 147 GLU GLU A . n 
A 1 55  GLU 55  148 148 GLU GLU A . n 
A 1 56  THR 56  149 149 THR THR A . n 
A 1 57  GLY 57  150 150 GLY GLY A . n 
A 1 58  PHE 58  151 151 PHE PHE A . n 
A 1 59  ASP 59  152 152 ASP ASP A . n 
A 1 60  ILE 60  153 153 ILE ILE A . n 
A 1 61  LYS 61  154 154 LYS LYS A . n 
A 1 62  ASP 62  155 155 ASP ASP A . n 
A 1 63  TYR 63  156 156 TYR TYR A . n 
A 1 64  ILE 64  157 157 ILE ILE A . n 
A 1 65  CYS 65  158 158 CYS CYS A . n 
A 1 66  LYS 66  159 159 LYS LYS A . n 
A 1 67  ASP 67  160 160 ASP ASP A . n 
A 1 68  ASP 68  161 161 ASP ASP A . n 
A 1 69  TYR 69  162 162 TYR TYR A . n 
A 1 70  ILE 70  163 163 ILE ILE A . n 
A 1 71  GLU 71  164 164 GLU GLU A . n 
A 1 72  LEU 72  165 165 LEU LEU A . n 
A 1 73  ARG 73  166 166 ARG ARG A . n 
A 1 74  ILE 74  167 167 ILE ILE A . n 
A 1 75  ASN 75  168 168 ASN ASN A . n 
A 1 76  ASP 76  169 169 ASP ASP A . n 
A 1 77  GLN 77  170 170 GLN GLN A . n 
A 1 78  LEU 78  171 171 LEU LEU A . n 
A 1 79  ALA 79  172 172 ALA ALA A . n 
A 1 80  ARG 80  173 173 ARG ARG A . n 
A 1 81  LEU 81  174 174 LEU LEU A . n 
A 1 82  TYR 82  175 175 TYR TYR A . n 
A 1 83  ILE 83  176 176 ILE ILE A . n 
A 1 84  ILE 84  177 177 ILE ILE A . n 
A 1 85  PRO 85  178 178 PRO PRO A . n 
A 1 86  GLY 86  179 179 GLY GLY A . n 
A 1 87  ILE 87  180 180 ILE ILE A . n 
A 1 88  PRO 88  181 181 PRO PRO A . n 
A 1 89  LYS 89  182 182 LYS LYS A . n 
A 1 90  ASP 90  183 183 ASP ASP A . n 
A 1 91  THR 91  184 184 THR THR A . n 
A 1 92  LYS 92  185 185 LYS LYS A . n 
A 1 93  PHE 93  186 186 PHE PHE A . n 
A 1 94  ASN 94  187 187 ASN ASN A . n 
A 1 95  PRO 95  188 188 PRO PRO A . n 
A 1 96  LYS 96  189 189 LYS LYS A . n 
A 1 97  THR 97  190 190 THR THR A . n 
A 1 98  ARG 98  191 191 ARG ARG A . n 
A 1 99  ARG 99  192 192 ARG ARG A . n 
A 1 100 GLU 100 193 193 GLU GLU A . n 
A 1 101 ILE 101 194 194 ILE ILE A . n 
A 1 102 ARG 102 195 195 ARG ARG A . n 
A 1 103 ASN 103 196 196 ASN ASN A . n 
A 1 104 ILE 104 197 197 ILE ILE A . n 
A 1 105 GLU 105 198 198 GLU GLU A . n 
A 1 106 TRP 106 199 199 TRP TRP A . n 
A 1 107 PHE 107 200 200 PHE PHE A . n 
A 1 108 SER 108 201 201 SER SER A . n 
A 1 109 ILE 109 202 202 ILE ILE A . n 
A 1 110 GLU 110 203 203 GLU GLU A . n 
A 1 111 LYS 111 204 204 LYS LYS A . n 
A 1 112 LEU 112 205 205 LEU LEU A . n 
A 1 113 PRO 113 206 206 PRO PRO A . n 
A 1 114 CYS 114 207 207 CYS CYS A . n 
A 1 115 HIS 115 208 208 HIS HIS A . n 
A 1 116 ARG 116 209 209 ARG ARG A . n 
A 1 117 ASN 117 210 210 ASN ASN A . n 
A 1 118 ASP 118 211 211 ASP ASP A . n 
A 1 119 MET 119 212 212 MET MET A . n 
A 1 120 THR 120 213 213 THR THR A . n 
A 1 121 PRO 121 214 214 PRO PRO A . n 
A 1 122 LYS 122 215 215 LYS LYS A . n 
A 1 123 SER 123 216 216 SER SER A . n 
A 1 124 LYS 124 217 217 LYS LYS A . n 
A 1 125 LEU 125 218 218 LEU LEU A . n 
A 1 126 GLY 126 219 219 GLY GLY A . n 
A 1 127 LEU 127 220 220 LEU LEU A . n 
A 1 128 ALA 128 221 221 ALA ALA A . n 
A 1 129 PRO 129 222 222 PRO PRO A . n 
A 1 130 ASN 130 223 223 ASN ASN A . n 
A 1 131 LYS 131 224 224 LYS LYS A . n 
A 1 132 PHE 132 225 225 PHE PHE A . n 
A 1 133 PHE 133 226 226 PHE PHE A . n 
A 1 134 MET 134 227 227 MET MET A . n 
A 1 135 ALA 135 228 228 ALA ALA A . n 
A 1 136 ILE 136 229 229 ILE ILE A . n 
A 1 137 PRO 137 230 230 PRO PRO A . n 
A 1 138 PHE 138 231 231 PHE PHE A . n 
A 1 139 ILE 139 232 232 ILE ILE A . n 
A 1 140 ARG 140 233 233 ARG ARG A . n 
A 1 141 PRO 141 234 234 PRO PRO A . n 
A 1 142 LEU 142 235 235 LEU LEU A . n 
A 1 143 ARG 143 236 236 ARG ARG A . n 
A 1 144 ASP 144 237 237 ASP ASP A . n 
A 1 145 TRP 145 238 238 TRP TRP A . n 
A 1 146 LEU 146 239 239 LEU LEU A . n 
A 1 147 SER 147 240 240 SER SER A . n 
A 1 148 ARG 148 241 241 ARG ARG A . n 
A 1 149 ARG 149 242 242 ARG ARG A . n 
A 1 150 PHE 150 243 243 PHE PHE A . n 
A 1 151 GLY 151 244 244 GLY GLY A . n 
A 1 152 ASP 152 245 ?   ?   ?   A . n 
A 1 153 SER 153 246 ?   ?   ?   A . n 
A 1 154 SER 154 247 ?   ?   ?   A . n 
A 1 155 ASP 155 248 ?   ?   ?   A . n 
A 1 156 SER 156 249 ?   ?   ?   A . n 
A 1 157 ASP 157 250 ?   ?   ?   A . n 
A 1 158 ASN 158 251 ?   ?   ?   A . n 
A 1 159 GLY 159 252 ?   ?   ?   A . n 
A 1 160 PHE 160 253 ?   ?   ?   A . n 
A 1 161 SER 161 254 ?   ?   ?   A . n 
A 1 162 SER 162 255 ?   ?   ?   A . n 
A 1 163 THR 163 256 ?   ?   ?   A . n 
A 1 164 GLY 164 257 ?   ?   ?   A . n 
A 1 165 SER 165 258 ?   ?   ?   A . n 
A 1 166 THR 166 259 ?   ?   ?   A . n 
A 1 167 PRO 167 260 ?   ?   ?   A . n 
# 
loop_
_pdbx_nonpoly_scheme.asym_id 
_pdbx_nonpoly_scheme.entity_id 
_pdbx_nonpoly_scheme.mon_id 
_pdbx_nonpoly_scheme.ndb_seq_num 
_pdbx_nonpoly_scheme.pdb_seq_num 
_pdbx_nonpoly_scheme.auth_seq_num 
_pdbx_nonpoly_scheme.pdb_mon_id 
_pdbx_nonpoly_scheme.auth_mon_id 
_pdbx_nonpoly_scheme.pdb_strand_id 
_pdbx_nonpoly_scheme.pdb_ins_code 
B 2 EDO 1  301 2   EDO EDO A . 
C 2 EDO 1  302 3   EDO EDO A . 
D 3 DMS 1  303 1   DMS DMS A . 
E 4 ACT 1  304 1   ACT ACT A . 
F 4 ACT 1  305 2   ACT ACT A . 
G 5 LFM 1  306 1   LFM LIG A . 
H 6 HOH 1  401 66  HOH HOH A . 
H 6 HOH 2  402 8   HOH HOH A . 
H 6 HOH 3  403 78  HOH HOH A . 
H 6 HOH 4  404 10  HOH HOH A . 
H 6 HOH 5  405 70  HOH HOH A . 
H 6 HOH 6  406 12  HOH HOH A . 
H 6 HOH 7  407 90  HOH HOH A . 
H 6 HOH 8  408 88  HOH HOH A . 
H 6 HOH 9  409 33  HOH HOH A . 
H 6 HOH 10 410 60  HOH HOH A . 
H 6 HOH 11 411 100 HOH HOH A . 
H 6 HOH 12 412 67  HOH HOH A . 
H 6 HOH 13 413 85  HOH HOH A . 
H 6 HOH 14 414 39  HOH HOH A . 
H 6 HOH 15 415 13  HOH HOH A . 
H 6 HOH 16 416 17  HOH HOH A . 
H 6 HOH 17 417 14  HOH HOH A . 
H 6 HOH 18 418 35  HOH HOH A . 
H 6 HOH 19 419 102 HOH HOH A . 
H 6 HOH 20 420 4   HOH HOH A . 
H 6 HOH 21 421 5   HOH HOH A . 
H 6 HOH 22 422 38  HOH HOH A . 
H 6 HOH 23 423 23  HOH HOH A . 
H 6 HOH 24 424 95  HOH HOH A . 
H 6 HOH 25 425 24  HOH HOH A . 
H 6 HOH 26 426 1   HOH HOH A . 
H 6 HOH 27 427 36  HOH HOH A . 
H 6 HOH 28 428 29  HOH HOH A . 
H 6 HOH 29 429 18  HOH HOH A . 
H 6 HOH 30 430 15  HOH HOH A . 
H 6 HOH 31 431 71  HOH HOH A . 
H 6 HOH 32 432 68  HOH HOH A . 
H 6 HOH 33 433 76  HOH HOH A . 
H 6 HOH 34 434 31  HOH HOH A . 
H 6 HOH 35 435 96  HOH HOH A . 
H 6 HOH 36 436 27  HOH HOH A . 
H 6 HOH 37 437 6   HOH HOH A . 
H 6 HOH 38 438 2   HOH HOH A . 
H 6 HOH 39 439 32  HOH HOH A . 
H 6 HOH 40 440 7   HOH HOH A . 
H 6 HOH 41 441 46  HOH HOH A . 
H 6 HOH 42 442 74  HOH HOH A . 
H 6 HOH 43 443 43  HOH HOH A . 
H 6 HOH 44 444 3   HOH HOH A . 
H 6 HOH 45 445 103 HOH HOH A . 
H 6 HOH 46 446 79  HOH HOH A . 
H 6 HOH 47 447 106 HOH HOH A . 
H 6 HOH 48 448 47  HOH HOH A . 
H 6 HOH 49 449 57  HOH HOH A . 
H 6 HOH 50 450 30  HOH HOH A . 
H 6 HOH 51 451 9   HOH HOH A . 
H 6 HOH 52 452 69  HOH HOH A . 
H 6 HOH 53 453 94  HOH HOH A . 
H 6 HOH 54 454 72  HOH HOH A . 
H 6 HOH 55 455 65  HOH HOH A . 
H 6 HOH 56 456 22  HOH HOH A . 
H 6 HOH 57 457 55  HOH HOH A . 
H 6 HOH 58 458 42  HOH HOH A . 
H 6 HOH 59 459 80  HOH HOH A . 
H 6 HOH 60 460 59  HOH HOH A . 
H 6 HOH 61 461 11  HOH HOH A . 
H 6 HOH 62 462 21  HOH HOH A . 
H 6 HOH 63 463 25  HOH HOH A . 
H 6 HOH 64 464 16  HOH HOH A . 
H 6 HOH 65 465 50  HOH HOH A . 
H 6 HOH 66 466 28  HOH HOH A . 
H 6 HOH 67 467 84  HOH HOH A . 
H 6 HOH 68 468 97  HOH HOH A . 
H 6 HOH 69 469 19  HOH HOH A . 
H 6 HOH 70 470 62  HOH HOH A . 
H 6 HOH 71 471 40  HOH HOH A . 
H 6 HOH 72 472 101 HOH HOH A . 
H 6 HOH 73 473 52  HOH HOH A . 
H 6 HOH 74 474 92  HOH HOH A . 
H 6 HOH 75 475 86  HOH HOH A . 
H 6 HOH 76 476 75  HOH HOH A . 
H 6 HOH 77 477 26  HOH HOH A . 
H 6 HOH 78 478 98  HOH HOH A . 
H 6 HOH 79 479 51  HOH HOH A . 
H 6 HOH 80 480 20  HOH HOH A . 
H 6 HOH 81 481 56  HOH HOH A . 
H 6 HOH 82 482 93  HOH HOH A . 
H 6 HOH 83 483 41  HOH HOH A . 
# 
loop_
_pdbx_unobs_or_zero_occ_atoms.id 
_pdbx_unobs_or_zero_occ_atoms.PDB_model_num 
_pdbx_unobs_or_zero_occ_atoms.polymer_flag 
_pdbx_unobs_or_zero_occ_atoms.occupancy_flag 
_pdbx_unobs_or_zero_occ_atoms.auth_asym_id 
_pdbx_unobs_or_zero_occ_atoms.auth_comp_id 
_pdbx_unobs_or_zero_occ_atoms.auth_seq_id 
_pdbx_unobs_or_zero_occ_atoms.PDB_ins_code 
_pdbx_unobs_or_zero_occ_atoms.auth_atom_id 
_pdbx_unobs_or_zero_occ_atoms.label_alt_id 
_pdbx_unobs_or_zero_occ_atoms.label_asym_id 
_pdbx_unobs_or_zero_occ_atoms.label_comp_id 
_pdbx_unobs_or_zero_occ_atoms.label_seq_id 
_pdbx_unobs_or_zero_occ_atoms.label_atom_id 
1  1 Y 1 A LYS 130 ? CE  ? A LYS 37  CE  
2  1 Y 1 A LYS 130 ? NZ  ? A LYS 37  NZ  
3  1 Y 1 A LYS 133 ? CG  ? A LYS 40  CG  
4  1 Y 1 A LYS 133 ? CD  ? A LYS 40  CD  
5  1 Y 1 A LYS 133 ? CE  ? A LYS 40  CE  
6  1 Y 1 A LYS 133 ? NZ  ? A LYS 40  NZ  
7  1 Y 1 A GLU 134 ? CG  ? A GLU 41  CG  
8  1 Y 1 A GLU 134 ? CD  ? A GLU 41  CD  
9  1 Y 1 A GLU 134 ? OE1 ? A GLU 41  OE1 
10 1 Y 1 A GLU 134 ? OE2 ? A GLU 41  OE2 
11 1 Y 1 A LYS 159 ? CD  ? A LYS 66  CD  
12 1 Y 1 A LYS 159 ? CE  ? A LYS 66  CE  
13 1 Y 1 A LYS 159 ? NZ  ? A LYS 66  NZ  
14 1 Y 1 A LYS 182 ? CE  ? A LYS 89  CE  
15 1 Y 1 A LYS 182 ? NZ  ? A LYS 89  NZ  
16 1 Y 1 A LYS 185 ? CE  ? A LYS 92  CE  
17 1 Y 1 A LYS 185 ? NZ  ? A LYS 92  NZ  
18 1 Y 1 A LYS 215 ? CD  ? A LYS 122 CD  
19 1 Y 1 A LYS 215 ? CE  ? A LYS 122 CE  
20 1 Y 1 A LYS 215 ? NZ  ? A LYS 122 NZ  
21 1 Y 1 A LYS 217 ? CE  ? A LYS 124 CE  
22 1 Y 1 A LYS 217 ? NZ  ? A LYS 124 NZ  
23 1 Y 1 A ARG 241 ? CD  ? A ARG 148 CD  
24 1 Y 1 A ARG 241 ? NE  ? A ARG 148 NE  
25 1 Y 1 A ARG 241 ? CZ  ? A ARG 148 CZ  
26 1 Y 1 A ARG 241 ? NH1 ? A ARG 148 NH1 
27 1 Y 1 A ARG 241 ? NH2 ? A ARG 148 NH2 
# 
loop_
_software.pdbx_ordinal 
_software.name 
_software.version 
_software.date 
_software.type 
_software.contact_author 
_software.contact_author_email 
_software.classification 
_software.location 
_software.language 
_software.citation_id 
1 REFMAC      5.8.0158 ?               program 'Garib N. Murshudov' garib@ysbl.york.ac.uk    refinement        
http://www.ccp4.ac.uk/dist/html/refmac5.html        Fortran_77 ? 
2 Aimless     0.5.32   29/03/17        program 'Phil Evans'         ?                        'data scaling'    
http://www.mrc-lmb.cam.ac.uk/harry/pre/aimless.html ?          ? 
3 PDB_EXTRACT 3.23     'SEP. 23, 2016' package PDB                  deposit@deposit.rcsb.org 'data extraction' 
http://sw-tools.pdb.org/apps/PDB_EXTRACT/           C++        ? 
4 XDS         .        ?               program ?                    ?                        'data reduction'  ? ?          ? 
5 REFMAC      .        ?               program ?                    ?                        phasing           ? ?          ? 
# 
_cell.entry_id           5QOX 
_cell.length_a           48.201 
_cell.length_b           60.331 
_cell.length_c           65.785 
_cell.angle_alpha        90.000 
_cell.angle_beta         90.000 
_cell.angle_gamma        90.000 
_cell.Z_PDB              4 
_cell.pdbx_unique_axis   ? 
# 
_symmetry.entry_id                         5QOX 
_symmetry.space_group_name_H-M             'P 21 21 21' 
_symmetry.pdbx_full_space_group_name_H-M   ? 
_symmetry.cell_setting                     ? 
_symmetry.Int_Tables_number                19 
# 
_exptl.crystals_number   1 
_exptl.entry_id          5QOX 
_exptl.method            'X-RAY DIFFRACTION' 
# 
_exptl_crystal.id                    1 
_exptl_crystal.pdbx_mosaicity        0.100 
_exptl_crystal.pdbx_mosaicity_esd    ? 
_exptl_crystal.density_Matthews      2.51 
_exptl_crystal.density_diffrn        ? 
_exptl_crystal.density_meas          ? 
_exptl_crystal.density_meas_temp     ? 
_exptl_crystal.density_percent_sol   50.95 
_exptl_crystal.size_max              ? 
_exptl_crystal.size_mid              ? 
_exptl_crystal.size_min              ? 
_exptl_crystal.size_rad              ? 
_exptl_crystal.description           ? 
# 
_exptl_crystal_grow.crystal_id      1 
_exptl_crystal_grow.method          'VAPOR DIFFUSION, SITTING DROP' 
_exptl_crystal_grow.pH              4.5 
_exptl_crystal_grow.temp            277 
_exptl_crystal_grow.pdbx_details    '0.1 M acetate, pH 4.5, 5-25% PEG3350' 
_exptl_crystal_grow.temp_details    ? 
_exptl_crystal_grow.pdbx_pH_range   ? 
# 
_diffrn.id                     1 
_diffrn.ambient_temp           ? 
_diffrn.crystal_id             1 
_diffrn.ambient_temp_details   ? 
# 
_diffrn_detector.detector               PIXEL 
_diffrn_detector.type                   'DECTRIS PILATUS 2M' 
_diffrn_detector.pdbx_collection_date   2017-07-26 
_diffrn_detector.diffrn_id              1 
_diffrn_detector.details                ? 
# 
_diffrn_radiation.diffrn_id                        1 
_diffrn_radiation.wavelength_id                    1 
_diffrn_radiation.pdbx_diffrn_protocol             'SINGLE WAVELENGTH' 
_diffrn_radiation.pdbx_monochromatic_or_laue_m_l   ? 
_diffrn_radiation.monochromator                    ? 
_diffrn_radiation.pdbx_scattering_type             x-ray 
# 
_diffrn_radiation_wavelength.id           1 
_diffrn_radiation_wavelength.wavelength   0.91587 
_diffrn_radiation_wavelength.wt           1.0 
# 
_diffrn_source.diffrn_id                   1 
_diffrn_source.source                      SYNCHROTRON 
_diffrn_source.type                        'DIAMOND BEAMLINE I04-1' 
_diffrn_source.pdbx_wavelength_list        0.91587 
_diffrn_source.pdbx_synchrotron_site       Diamond 
_diffrn_source.pdbx_synchrotron_beamline   I04-1 
_diffrn_source.pdbx_wavelength             ? 
# 
_reflns.entry_id                     5QOX 
_reflns.pdbx_diffrn_id               1 
_reflns.pdbx_ordinal                 1 
_reflns.observed_criterion_sigma_I   ? 
_reflns.observed_criterion_sigma_F   ? 
_reflns.d_resolution_low             28.880 
_reflns.d_resolution_high            1.950 
_reflns.number_obs                   14451 
_reflns.number_all                   ? 
_reflns.percent_possible_obs         99.400 
_reflns.pdbx_Rmerge_I_obs            0.054 
_reflns.pdbx_Rsym_value              ? 
_reflns.pdbx_netI_over_sigmaI        19.000 
_reflns.B_iso_Wilson_estimate        ? 
_reflns.pdbx_redundancy              6.500 
_reflns.pdbx_Rrim_I_all              0.059 
_reflns.pdbx_Rpim_I_all              0.023 
_reflns.pdbx_CC_half                 0.999 
_reflns.pdbx_netI_over_av_sigmaI     ? 
_reflns.pdbx_number_measured_all     93979 
_reflns.pdbx_scaling_rejects         0 
_reflns.pdbx_chi_squared             ? 
_reflns.Rmerge_F_all                 ? 
_reflns.Rmerge_F_obs                 ? 
_reflns.observed_criterion_F_max     ? 
_reflns.observed_criterion_F_min     ? 
_reflns.observed_criterion_I_max     ? 
_reflns.observed_criterion_I_min     ? 
_reflns.pdbx_d_res_high_opt          ? 
_reflns.pdbx_d_res_low_opt           ? 
_reflns.details                      ? 
# 
loop_
_reflns_shell.pdbx_diffrn_id 
_reflns_shell.pdbx_ordinal 
_reflns_shell.d_res_high 
_reflns_shell.d_res_low 
_reflns_shell.number_measured_obs 
_reflns_shell.number_measured_all 
_reflns_shell.number_unique_obs 
_reflns_shell.pdbx_rejects 
_reflns_shell.Rmerge_I_obs 
_reflns_shell.meanI_over_sigI_obs 
_reflns_shell.pdbx_Rsym_value 
_reflns_shell.pdbx_chi_squared 
_reflns_shell.pdbx_redundancy 
_reflns_shell.percent_possible_obs 
_reflns_shell.pdbx_netI_over_sigmaI_obs 
_reflns_shell.number_possible 
_reflns_shell.number_unique_all 
_reflns_shell.Rmerge_F_all 
_reflns_shell.Rmerge_F_obs 
_reflns_shell.Rmerge_I_all 
_reflns_shell.meanI_over_sigI_all 
_reflns_shell.percent_possible_all 
_reflns_shell.pdbx_Rrim_I_all 
_reflns_shell.pdbx_Rpim_I_all 
_reflns_shell.pdbx_CC_half 
1 1 1.950 2.000  ? 6886 ? ? 0.774 ? ? ? 6.600 ? 2.400  ? 1040 ? ? ? ? 98.700 0.840 0.322 0.869 
1 2 8.720 28.880 ? 1128 ? ? 0.020 ? ? ? 5.600 ? 61.700 ? 200  ? ? ? ? 97.400 0.022 0.009 1.000 
# 
_refine.entry_id                                 5QOX 
_refine.pdbx_refine_id                           'X-RAY DIFFRACTION' 
_refine.ls_d_res_high                            1.9500 
_refine.ls_d_res_low                             44.5000 
_refine.pdbx_ls_sigma_F                          0.000 
_refine.pdbx_data_cutoff_high_absF               ? 
_refine.pdbx_data_cutoff_low_absF                ? 
_refine.ls_percent_reflns_obs                    99.2000 
_refine.ls_number_reflns_obs                     13736 
_refine.ls_number_reflns_all                     ? 
_refine.pdbx_ls_cross_valid_method               THROUGHOUT 
_refine.ls_matrix_type                           ? 
_refine.pdbx_R_Free_selection_details            RANDOM 
_refine.details                                  
'HYDROGENS HAVE BEEN ADDED IN THE RIDING POSITIONS U VALUES : REFINED INDIVIDUALLY' 
_refine.ls_R_factor_all                          ? 
_refine.ls_R_factor_obs                          0.1927 
_refine.ls_R_factor_R_work                       0.1905 
_refine.ls_wR_factor_R_work                      ? 
_refine.ls_R_factor_R_free                       0.2410 
_refine.ls_wR_factor_R_free                      ? 
_refine.ls_percent_reflns_R_free                 4.7000 
_refine.ls_number_reflns_R_free                  683 
_refine.ls_number_reflns_R_work                  ? 
_refine.ls_R_factor_R_free_error                 ? 
_refine.B_iso_mean                               43.3360 
_refine.solvent_model_param_bsol                 ? 
_refine.solvent_model_param_ksol                 ? 
_refine.pdbx_isotropic_thermal_model             ? 
_refine.aniso_B[1][1]                            2.4600 
_refine.aniso_B[2][2]                            -1.9900 
_refine.aniso_B[3][3]                            -0.4600 
_refine.aniso_B[1][2]                            0.0000 
_refine.aniso_B[1][3]                            -0.0000 
_refine.aniso_B[2][3]                            0.0000 
_refine.correlation_coeff_Fo_to_Fc               0.9610 
_refine.correlation_coeff_Fo_to_Fc_free          0.9250 
_refine.overall_SU_R_Cruickshank_DPI             ? 
_refine.pdbx_overall_SU_R_free_Cruickshank_DPI   ? 
_refine.pdbx_overall_SU_R_Blow_DPI               ? 
_refine.pdbx_overall_SU_R_free_Blow_DPI          ? 
_refine.overall_SU_R_free                        ? 
_refine.pdbx_overall_ESU_R                       0.1810 
_refine.pdbx_overall_ESU_R_Free                  0.1660 
_refine.overall_SU_ML                            0.1310 
_refine.overall_SU_B                             4.6490 
_refine.solvent_model_details                    MASK 
_refine.pdbx_solvent_vdw_probe_radii             1.2000 
_refine.pdbx_solvent_ion_probe_radii             0.8000 
_refine.pdbx_solvent_shrinkage_radii             0.8000 
_refine.ls_number_parameters                     ? 
_refine.ls_number_restraints                     ? 
_refine.pdbx_starting_model                      'PDB entry 5MP0' 
_refine.pdbx_method_to_determine_struct          'FOURIER SYNTHESIS' 
_refine.pdbx_stereochemistry_target_values       'MAXIMUM LIKELIHOOD' 
_refine.pdbx_stereochem_target_val_spec_case     ? 
_refine.overall_FOM_work_R_set                   ? 
_refine.B_iso_max                                96.560 
_refine.B_iso_min                                22.990 
_refine.pdbx_overall_phase_error                 ? 
_refine.occupancy_max                            ? 
_refine.occupancy_min                            ? 
_refine.pdbx_diffrn_id                           1 
_refine.pdbx_TLS_residual_ADP_flag               ? 
_refine.pdbx_ls_sigma_I                          ? 
_refine.pdbx_data_cutoff_high_rms_absF           ? 
_refine.ls_R_factor_R_free_error_details         ? 
# 
_refine_hist.cycle_id                         final 
_refine_hist.pdbx_refine_id                   'X-RAY DIFFRACTION' 
_refine_hist.d_res_high                       1.9500 
_refine_hist.d_res_low                        44.5000 
_refine_hist.pdbx_number_atoms_ligand         40 
_refine_hist.number_atoms_solvent             83 
_refine_hist.number_atoms_total               1316 
_refine_hist.pdbx_number_residues_total       149 
_refine_hist.pdbx_B_iso_mean_ligand           61.81 
_refine_hist.pdbx_B_iso_mean_solvent          47.90 
_refine_hist.pdbx_number_atoms_protein        1193 
_refine_hist.pdbx_number_atoms_nucleic_acid   0 
# 
loop_
_refine_ls_restr.pdbx_refine_id 
_refine_ls_restr.type 
_refine_ls_restr.number 
_refine_ls_restr.dev_ideal 
_refine_ls_restr.dev_ideal_target 
_refine_ls_restr.weight 
_refine_ls_restr.pdbx_restraint_function 
'X-RAY DIFFRACTION' r_bond_refined_d       1855 0.016  0.019  ? ? 
'X-RAY DIFFRACTION' r_bond_other_d         1494 0.002  0.020  ? ? 
'X-RAY DIFFRACTION' r_angle_refined_deg    2166 1.745  1.967  ? ? 
'X-RAY DIFFRACTION' r_angle_other_deg      3460 1.069  2.974  ? ? 
'X-RAY DIFFRACTION' r_dihedral_angle_1_deg 199  5.961  5.000  ? ? 
'X-RAY DIFFRACTION' r_dihedral_angle_2_deg 75   32.354 21.467 ? ? 
'X-RAY DIFFRACTION' r_dihedral_angle_3_deg 276  15.725 15.000 ? ? 
'X-RAY DIFFRACTION' r_dihedral_angle_4_deg 19   23.384 15.000 ? ? 
'X-RAY DIFFRACTION' r_chiral_restr         211  0.111  0.200  ? ? 
'X-RAY DIFFRACTION' r_gen_planes_refined   1847 0.009  0.021  ? ? 
'X-RAY DIFFRACTION' r_gen_planes_other     378  0.003  0.020  ? ? 
'X-RAY DIFFRACTION' r_mcbond_it            847  3.355  4.089  ? ? 
'X-RAY DIFFRACTION' r_mcbond_other         835  3.340  4.048  ? ? 
'X-RAY DIFFRACTION' r_mcangle_it           955  4.959  5.972  ? ? 
# 
_refine_ls_shell.d_res_high                       1.9500 
_refine_ls_shell.d_res_low                        2.0000 
_refine_ls_shell.pdbx_total_number_of_bins_used   20 
_refine_ls_shell.percent_reflns_obs               98.5700 
_refine_ls_shell.number_reflns_R_work             979 
_refine_ls_shell.R_factor_all                     ? 
_refine_ls_shell.R_factor_R_work                  0.2540 
_refine_ls_shell.R_factor_R_free                  0.2560 
_refine_ls_shell.percent_reflns_R_free            ? 
_refine_ls_shell.number_reflns_R_free             57 
_refine_ls_shell.R_factor_R_free_error            ? 
_refine_ls_shell.number_reflns_all                1036 
_refine_ls_shell.number_reflns_obs                ? 
_refine_ls_shell.pdbx_refine_id                   'X-RAY DIFFRACTION' 
# 
_struct.entry_id                  5QOX 
_struct.title                     
'PanDDA analysis group deposition -- Crystal Structure of DCP2 (NUDT20) in complex with Z2212124043' 
_struct.pdbx_model_details        ? 
_struct.pdbx_CASP_flag            ? 
_struct.pdbx_model_type_details   ? 
# 
_struct_keywords.entry_id        5QOX 
_struct_keywords.text            'SGC - Diamond I04-1 fragment screening, PanDDA, XChemExplorer, HYDROLASE' 
_struct_keywords.pdbx_keywords   HYDROLASE 
# 
loop_
_struct_asym.id 
_struct_asym.pdbx_blank_PDB_chainid_flag 
_struct_asym.pdbx_modified 
_struct_asym.entity_id 
_struct_asym.details 
A N N 1 ? 
B N N 2 ? 
C N N 2 ? 
D N N 3 ? 
E N N 4 ? 
F N N 4 ? 
G N N 5 ? 
H N N 6 ? 
# 
_struct_ref.id                         1 
_struct_ref.db_name                    UNP 
_struct_ref.db_code                    DCP2_HUMAN 
_struct_ref.pdbx_db_accession          Q8IU60 
_struct_ref.pdbx_db_isoform            ? 
_struct_ref.entity_id                  1 
_struct_ref.pdbx_seq_one_letter_code   
;MGVPTYGAIILDETLENVLLVQGYLAKSGWGFPKGKVNKEEAPHDCAAREVFEETGFDIKDYICKDDYIELRINDQLARL
YIIPGIPKDTKFNPKTRREIRNIEWFSIEKLPCHRNDMTPKSKLGLAPNKFFMAIPFIRPLRDWLSRRFGDSSDSDNGFS
STGSTP
;
_struct_ref.pdbx_align_begin           95 
# 
_struct_ref_seq.align_id                      1 
_struct_ref_seq.ref_id                        1 
_struct_ref_seq.pdbx_PDB_id_code              5QOX 
_struct_ref_seq.pdbx_strand_id                A 
_struct_ref_seq.seq_align_beg                 2 
_struct_ref_seq.pdbx_seq_align_beg_ins_code   ? 
_struct_ref_seq.seq_align_end                 167 
_struct_ref_seq.pdbx_seq_align_end_ins_code   ? 
_struct_ref_seq.pdbx_db_accession             Q8IU60 
_struct_ref_seq.db_align_beg                  95 
_struct_ref_seq.pdbx_db_align_beg_ins_code    ? 
_struct_ref_seq.db_align_end                  260 
_struct_ref_seq.pdbx_db_align_end_ins_code    ? 
_struct_ref_seq.pdbx_auth_seq_align_beg       95 
_struct_ref_seq.pdbx_auth_seq_align_end       260 
# 
_struct_ref_seq_dif.align_id                     1 
_struct_ref_seq_dif.pdbx_pdb_id_code             5QOX 
_struct_ref_seq_dif.mon_id                       SER 
_struct_ref_seq_dif.pdbx_pdb_strand_id           A 
_struct_ref_seq_dif.seq_num                      1 
_struct_ref_seq_dif.pdbx_pdb_ins_code            ? 
_struct_ref_seq_dif.pdbx_seq_db_name             UNP 
_struct_ref_seq_dif.pdbx_seq_db_accession_code   Q8IU60 
_struct_ref_seq_dif.db_mon_id                    ? 
_struct_ref_seq_dif.pdbx_seq_db_seq_num          ? 
_struct_ref_seq_dif.details                      'expression tag' 
_struct_ref_seq_dif.pdbx_auth_seq_num            94 
_struct_ref_seq_dif.pdbx_ordinal                 1 
# 
_pdbx_struct_assembly.id                   1 
_pdbx_struct_assembly.details              author_and_software_defined_assembly 
_pdbx_struct_assembly.method_details       PISA 
_pdbx_struct_assembly.oligomeric_details   monomeric 
_pdbx_struct_assembly.oligomeric_count     1 
# 
loop_
_pdbx_struct_assembly_prop.biol_id 
_pdbx_struct_assembly_prop.type 
_pdbx_struct_assembly_prop.value 
_pdbx_struct_assembly_prop.details 
1 'ABSA (A^2)' 840  ? 
1 MORE         5    ? 
1 'SSA (A^2)'  8670 ? 
# 
_pdbx_struct_assembly_gen.assembly_id       1 
_pdbx_struct_assembly_gen.oper_expression   1 
_pdbx_struct_assembly_gen.asym_id_list      A,B,C,D,E,F,G,H 
# 
_pdbx_struct_oper_list.id                   1 
_pdbx_struct_oper_list.type                 'identity operation' 
_pdbx_struct_oper_list.name                 1_555 
_pdbx_struct_oper_list.symmetry_operation   x,y,z 
_pdbx_struct_oper_list.matrix[1][1]         1.0000000000 
_pdbx_struct_oper_list.matrix[1][2]         0.0000000000 
_pdbx_struct_oper_list.matrix[1][3]         0.0000000000 
_pdbx_struct_oper_list.vector[1]            0.0000000000 
_pdbx_struct_oper_list.matrix[2][1]         0.0000000000 
_pdbx_struct_oper_list.matrix[2][2]         1.0000000000 
_pdbx_struct_oper_list.matrix[2][3]         0.0000000000 
_pdbx_struct_oper_list.vector[2]            0.0000000000 
_pdbx_struct_oper_list.matrix[3][1]         0.0000000000 
_pdbx_struct_oper_list.matrix[3][2]         0.0000000000 
_pdbx_struct_oper_list.matrix[3][3]         1.0000000000 
_pdbx_struct_oper_list.vector[3]            0.0000000000 
# 
loop_
_struct_conf.conf_type_id 
_struct_conf.id 
_struct_conf.pdbx_PDB_helix_id 
_struct_conf.beg_label_comp_id 
_struct_conf.beg_label_asym_id 
_struct_conf.beg_label_seq_id 
_struct_conf.pdbx_beg_PDB_ins_code 
_struct_conf.end_label_comp_id 
_struct_conf.end_label_asym_id 
_struct_conf.end_label_seq_id 
_struct_conf.pdbx_end_PDB_ins_code 
_struct_conf.beg_auth_comp_id 
_struct_conf.beg_auth_asym_id 
_struct_conf.beg_auth_seq_id 
_struct_conf.end_auth_comp_id 
_struct_conf.end_auth_asym_id 
_struct_conf.end_auth_seq_id 
_struct_conf.pdbx_PDB_helix_class 
_struct_conf.details 
_struct_conf.pdbx_PDB_helix_length 
HELX_P HELX_P1 AA1 TYR A 25  ? SER A 29  ? TYR A 118 SER A 122 5 ? 5  
HELX_P HELX_P2 AA2 ALA A 43  ? GLY A 57  ? ALA A 136 GLY A 150 1 ? 15 
HELX_P HELX_P3 AA3 GLU A 110 ? LEU A 112 ? GLU A 203 LEU A 205 5 ? 3  
HELX_P HELX_P4 AA4 MET A 119 ? SER A 123 ? MET A 212 SER A 216 5 ? 5  
HELX_P HELX_P5 AA5 ALA A 135 ? PHE A 150 ? ALA A 228 PHE A 243 1 ? 16 
# 
_struct_conf_type.id          HELX_P 
_struct_conf_type.criteria    ? 
_struct_conf_type.reference   ? 
# 
loop_
_struct_sheet.id 
_struct_sheet.type 
_struct_sheet.number_strands 
_struct_sheet.details 
AA1 ? 4 ? 
AA2 ? 3 ? 
# 
loop_
_struct_sheet_order.sheet_id 
_struct_sheet_order.range_id_1 
_struct_sheet_order.range_id_2 
_struct_sheet_order.offset 
_struct_sheet_order.sense 
AA1 1 2 ? anti-parallel 
AA1 2 3 ? parallel      
AA1 3 4 ? anti-parallel 
AA2 1 2 ? anti-parallel 
AA2 2 3 ? anti-parallel 
# 
loop_
_struct_sheet_range.sheet_id 
_struct_sheet_range.id 
_struct_sheet_range.beg_label_comp_id 
_struct_sheet_range.beg_label_asym_id 
_struct_sheet_range.beg_label_seq_id 
_struct_sheet_range.pdbx_beg_PDB_ins_code 
_struct_sheet_range.end_label_comp_id 
_struct_sheet_range.end_label_asym_id 
_struct_sheet_range.end_label_seq_id 
_struct_sheet_range.pdbx_end_PDB_ins_code 
_struct_sheet_range.beg_auth_comp_id 
_struct_sheet_range.beg_auth_asym_id 
_struct_sheet_range.beg_auth_seq_id 
_struct_sheet_range.end_auth_comp_id 
_struct_sheet_range.end_auth_asym_id 
_struct_sheet_range.end_auth_seq_id 
AA1 1 LYS A 35  ? LYS A 37  ? LYS A 128 LYS A 130 
AA1 2 THR A 6   ? ILE A 11  ? THR A 99  ILE A 104 
AA1 3 GLN A 77  ? ILE A 84  ? GLN A 170 ILE A 177 
AA1 4 TYR A 69  ? ILE A 74  ? TYR A 162 ILE A 167 
AA2 1 TRP A 31  ? GLY A 32  ? TRP A 124 GLY A 125 
AA2 2 ASN A 18  ? GLN A 23  ? ASN A 111 GLN A 116 
AA2 3 ASN A 103 ? SER A 108 ? ASN A 196 SER A 201 
# 
loop_
_pdbx_struct_sheet_hbond.sheet_id 
_pdbx_struct_sheet_hbond.range_id_1 
_pdbx_struct_sheet_hbond.range_id_2 
_pdbx_struct_sheet_hbond.range_1_label_atom_id 
_pdbx_struct_sheet_hbond.range_1_label_comp_id 
_pdbx_struct_sheet_hbond.range_1_label_asym_id 
_pdbx_struct_sheet_hbond.range_1_label_seq_id 
_pdbx_struct_sheet_hbond.range_1_PDB_ins_code 
_pdbx_struct_sheet_hbond.range_1_auth_atom_id 
_pdbx_struct_sheet_hbond.range_1_auth_comp_id 
_pdbx_struct_sheet_hbond.range_1_auth_asym_id 
_pdbx_struct_sheet_hbond.range_1_auth_seq_id 
_pdbx_struct_sheet_hbond.range_2_label_atom_id 
_pdbx_struct_sheet_hbond.range_2_label_comp_id 
_pdbx_struct_sheet_hbond.range_2_label_asym_id 
_pdbx_struct_sheet_hbond.range_2_label_seq_id 
_pdbx_struct_sheet_hbond.range_2_PDB_ins_code 
_pdbx_struct_sheet_hbond.range_2_auth_atom_id 
_pdbx_struct_sheet_hbond.range_2_auth_comp_id 
_pdbx_struct_sheet_hbond.range_2_auth_asym_id 
_pdbx_struct_sheet_hbond.range_2_auth_seq_id 
AA1 1 2 O GLY A 36 ? O GLY A 129 N TYR A 7   ? N TYR A 100 
AA1 2 3 N ILE A 10 ? N ILE A 103 O ILE A 84  ? O ILE A 177 
AA1 3 4 O LEU A 81 ? O LEU A 174 N ILE A 70  ? N ILE A 163 
AA2 1 2 O GLY A 32 ? O GLY A 125 N VAL A 22  ? N VAL A 115 
AA2 2 3 N LEU A 21 ? N LEU A 114 O GLU A 105 ? O GLU A 198 
# 
loop_
_struct_site.id 
_struct_site.pdbx_evidence_code 
_struct_site.pdbx_auth_asym_id 
_struct_site.pdbx_auth_comp_id 
_struct_site.pdbx_auth_seq_id 
_struct_site.pdbx_auth_ins_code 
_struct_site.pdbx_num_residues 
_struct_site.details 
AC1 Software A EDO 301 ? 2  'binding site for residue EDO A 301' 
AC2 Software A EDO 302 ? 2  'binding site for residue EDO A 302' 
AC3 Software A DMS 303 ? 2  'binding site for residue DMS A 303' 
AC4 Software A ACT 304 ? 3  'binding site for residue ACT A 304' 
AC5 Software A ACT 305 ? 5  'binding site for residue ACT A 305' 
AC6 Software A LFM 306 ? 10 'binding site for residue LFM A 306' 
# 
loop_
_struct_site_gen.id 
_struct_site_gen.site_id 
_struct_site_gen.pdbx_num_res 
_struct_site_gen.label_comp_id 
_struct_site_gen.label_asym_id 
_struct_site_gen.label_seq_id 
_struct_site_gen.pdbx_auth_ins_code 
_struct_site_gen.auth_comp_id 
_struct_site_gen.auth_asym_id 
_struct_site_gen.auth_seq_id 
_struct_site_gen.label_atom_id 
_struct_site_gen.label_alt_id 
_struct_site_gen.symmetry 
_struct_site_gen.details 
1  AC1 2  ASP A 59  ? ASP A 152 . ? 1_555 ? 
2  AC1 2  LYS A 61  ? LYS A 154 . ? 1_555 ? 
3  AC2 2  ASN A 130 ? ASN A 223 . ? 1_555 ? 
4  AC2 2  ACT F .   ? ACT A 305 . ? 1_555 ? 
5  AC3 2  ASN A 18  ? ASN A 111 . ? 1_555 ? 
6  AC3 2  TRP A 106 ? TRP A 199 . ? 1_555 ? 
7  AC4 3  SER A 29  ? SER A 122 . ? 1_555 ? 
8  AC4 3  TYR A 63  ? TYR A 156 . ? 3_357 ? 
9  AC4 3  HOH H .   ? HOH A 432 . ? 1_555 ? 
10 AC5 5  ARG A 116 ? ARG A 209 . ? 1_555 ? 
11 AC5 5  PRO A 129 ? PRO A 222 . ? 1_555 ? 
12 AC5 5  ASN A 130 ? ASN A 223 . ? 1_555 ? 
13 AC5 5  PHE A 133 ? PHE A 226 . ? 1_555 ? 
14 AC5 5  EDO C .   ? EDO A 302 . ? 1_555 ? 
15 AC6 10 VAL A 22  ? VAL A 115 . ? 1_555 ? 
16 AC6 10 GLY A 24  ? GLY A 117 . ? 1_555 ? 
17 AC6 10 ALA A 27  ? ALA A 120 . ? 1_555 ? 
18 AC6 10 LYS A 28  ? LYS A 121 . ? 1_555 ? 
19 AC6 10 GLY A 32  ? GLY A 125 . ? 1_555 ? 
20 AC6 10 GLU A 55  ? GLU A 148 . ? 1_555 ? 
21 AC6 10 ILE A 101 ? ILE A 194 . ? 1_555 ? 
22 AC6 10 MET A 134 ? MET A 227 . ? 1_555 ? 
23 AC6 10 HOH H .   ? HOH A 427 . ? 1_555 ? 
24 AC6 10 HOH H .   ? HOH A 439 . ? 1_555 ? 
# 
_pdbx_validate_rmsd_angle.id                         1 
_pdbx_validate_rmsd_angle.PDB_model_num              1 
_pdbx_validate_rmsd_angle.auth_atom_id_1             CB 
_pdbx_validate_rmsd_angle.auth_asym_id_1             A 
_pdbx_validate_rmsd_angle.auth_comp_id_1             ASP 
_pdbx_validate_rmsd_angle.auth_seq_id_1              169 
_pdbx_validate_rmsd_angle.PDB_ins_code_1             ? 
_pdbx_validate_rmsd_angle.label_alt_id_1             ? 
_pdbx_validate_rmsd_angle.auth_atom_id_2             CG 
_pdbx_validate_rmsd_angle.auth_asym_id_2             A 
_pdbx_validate_rmsd_angle.auth_comp_id_2             ASP 
_pdbx_validate_rmsd_angle.auth_seq_id_2              169 
_pdbx_validate_rmsd_angle.PDB_ins_code_2             ? 
_pdbx_validate_rmsd_angle.label_alt_id_2             ? 
_pdbx_validate_rmsd_angle.auth_atom_id_3             OD2 
_pdbx_validate_rmsd_angle.auth_asym_id_3             A 
_pdbx_validate_rmsd_angle.auth_comp_id_3             ASP 
_pdbx_validate_rmsd_angle.auth_seq_id_3              169 
_pdbx_validate_rmsd_angle.PDB_ins_code_3             ? 
_pdbx_validate_rmsd_angle.label_alt_id_3             ? 
_pdbx_validate_rmsd_angle.angle_value                111.41 
_pdbx_validate_rmsd_angle.angle_target_value         118.30 
_pdbx_validate_rmsd_angle.angle_deviation            -6.89 
_pdbx_validate_rmsd_angle.angle_standard_deviation   0.90 
_pdbx_validate_rmsd_angle.linker_flag                N 
# 
loop_
_pdbx_validate_torsion.id 
_pdbx_validate_torsion.PDB_model_num 
_pdbx_validate_torsion.auth_comp_id 
_pdbx_validate_torsion.auth_asym_id 
_pdbx_validate_torsion.auth_seq_id 
_pdbx_validate_torsion.PDB_ins_code 
_pdbx_validate_torsion.label_alt_id 
_pdbx_validate_torsion.phi 
_pdbx_validate_torsion.psi 
1 1 LEU A 119 ? ? 59.76  -117.73 
2 1 LYS A 121 ? ? -95.19 32.09   
3 1 GLU A 134 ? ? 72.25  -7.68   
# 
_phasing.method   MR 
# 
loop_
_pdbx_unobs_or_zero_occ_residues.id 
_pdbx_unobs_or_zero_occ_residues.PDB_model_num 
_pdbx_unobs_or_zero_occ_residues.polymer_flag 
_pdbx_unobs_or_zero_occ_residues.occupancy_flag 
_pdbx_unobs_or_zero_occ_residues.auth_asym_id 
_pdbx_unobs_or_zero_occ_residues.auth_comp_id 
_pdbx_unobs_or_zero_occ_residues.auth_seq_id 
_pdbx_unobs_or_zero_occ_residues.PDB_ins_code 
_pdbx_unobs_or_zero_occ_residues.label_asym_id 
_pdbx_unobs_or_zero_occ_residues.label_comp_id 
_pdbx_unobs_or_zero_occ_residues.label_seq_id 
1  1 Y 1 A SER 94  ? A SER 1   
2  1 Y 1 A MET 95  ? A MET 2   
3  1 Y 1 A ASP 245 ? A ASP 152 
4  1 Y 1 A SER 246 ? A SER 153 
5  1 Y 1 A SER 247 ? A SER 154 
6  1 Y 1 A ASP 248 ? A ASP 155 
7  1 Y 1 A SER 249 ? A SER 156 
8  1 Y 1 A ASP 250 ? A ASP 157 
9  1 Y 1 A ASN 251 ? A ASN 158 
10 1 Y 1 A GLY 252 ? A GLY 159 
11 1 Y 1 A PHE 253 ? A PHE 160 
12 1 Y 1 A SER 254 ? A SER 161 
13 1 Y 1 A SER 255 ? A SER 162 
14 1 Y 1 A THR 256 ? A THR 163 
15 1 Y 1 A GLY 257 ? A GLY 164 
16 1 Y 1 A SER 258 ? A SER 165 
17 1 Y 1 A THR 259 ? A THR 166 
18 1 Y 1 A PRO 260 ? A PRO 167 
# 
loop_
_chem_comp_atom.comp_id 
_chem_comp_atom.atom_id 
_chem_comp_atom.type_symbol 
_chem_comp_atom.pdbx_aromatic_flag 
_chem_comp_atom.pdbx_stereo_config 
_chem_comp_atom.pdbx_ordinal 
ACT C    C N N 1   
ACT O    O N N 2   
ACT OXT  O N N 3   
ACT CH3  C N N 4   
ACT H1   H N N 5   
ACT H2   H N N 6   
ACT H3   H N N 7   
ALA N    N N N 8   
ALA CA   C N S 9   
ALA C    C N N 10  
ALA O    O N N 11  
ALA CB   C N N 12  
ALA OXT  O N N 13  
ALA H    H N N 14  
ALA H2   H N N 15  
ALA HA   H N N 16  
ALA HB1  H N N 17  
ALA HB2  H N N 18  
ALA HB3  H N N 19  
ALA HXT  H N N 20  
ARG N    N N N 21  
ARG CA   C N S 22  
ARG C    C N N 23  
ARG O    O N N 24  
ARG CB   C N N 25  
ARG CG   C N N 26  
ARG CD   C N N 27  
ARG NE   N N N 28  
ARG CZ   C N N 29  
ARG NH1  N N N 30  
ARG NH2  N N N 31  
ARG OXT  O N N 32  
ARG H    H N N 33  
ARG H2   H N N 34  
ARG HA   H N N 35  
ARG HB2  H N N 36  
ARG HB3  H N N 37  
ARG HG2  H N N 38  
ARG HG3  H N N 39  
ARG HD2  H N N 40  
ARG HD3  H N N 41  
ARG HE   H N N 42  
ARG HH11 H N N 43  
ARG HH12 H N N 44  
ARG HH21 H N N 45  
ARG HH22 H N N 46  
ARG HXT  H N N 47  
ASN N    N N N 48  
ASN CA   C N S 49  
ASN C    C N N 50  
ASN O    O N N 51  
ASN CB   C N N 52  
ASN CG   C N N 53  
ASN OD1  O N N 54  
ASN ND2  N N N 55  
ASN OXT  O N N 56  
ASN H    H N N 57  
ASN H2   H N N 58  
ASN HA   H N N 59  
ASN HB2  H N N 60  
ASN HB3  H N N 61  
ASN HD21 H N N 62  
ASN HD22 H N N 63  
ASN HXT  H N N 64  
ASP N    N N N 65  
ASP CA   C N S 66  
ASP C    C N N 67  
ASP O    O N N 68  
ASP CB   C N N 69  
ASP CG   C N N 70  
ASP OD1  O N N 71  
ASP OD2  O N N 72  
ASP OXT  O N N 73  
ASP H    H N N 74  
ASP H2   H N N 75  
ASP HA   H N N 76  
ASP HB2  H N N 77  
ASP HB3  H N N 78  
ASP HD2  H N N 79  
ASP HXT  H N N 80  
CYS N    N N N 81  
CYS CA   C N R 82  
CYS C    C N N 83  
CYS O    O N N 84  
CYS CB   C N N 85  
CYS SG   S N N 86  
CYS OXT  O N N 87  
CYS H    H N N 88  
CYS H2   H N N 89  
CYS HA   H N N 90  
CYS HB2  H N N 91  
CYS HB3  H N N 92  
CYS HG   H N N 93  
CYS HXT  H N N 94  
DMS S    S N N 95  
DMS O    O N N 96  
DMS C1   C N N 97  
DMS C2   C N N 98  
DMS H11  H N N 99  
DMS H12  H N N 100 
DMS H13  H N N 101 
DMS H21  H N N 102 
DMS H22  H N N 103 
DMS H23  H N N 104 
EDO C1   C N N 105 
EDO O1   O N N 106 
EDO C2   C N N 107 
EDO O2   O N N 108 
EDO H11  H N N 109 
EDO H12  H N N 110 
EDO HO1  H N N 111 
EDO H21  H N N 112 
EDO H22  H N N 113 
EDO HO2  H N N 114 
GLN N    N N N 115 
GLN CA   C N S 116 
GLN C    C N N 117 
GLN O    O N N 118 
GLN CB   C N N 119 
GLN CG   C N N 120 
GLN CD   C N N 121 
GLN OE1  O N N 122 
GLN NE2  N N N 123 
GLN OXT  O N N 124 
GLN H    H N N 125 
GLN H2   H N N 126 
GLN HA   H N N 127 
GLN HB2  H N N 128 
GLN HB3  H N N 129 
GLN HG2  H N N 130 
GLN HG3  H N N 131 
GLN HE21 H N N 132 
GLN HE22 H N N 133 
GLN HXT  H N N 134 
GLU N    N N N 135 
GLU CA   C N S 136 
GLU C    C N N 137 
GLU O    O N N 138 
GLU CB   C N N 139 
GLU CG   C N N 140 
GLU CD   C N N 141 
GLU OE1  O N N 142 
GLU OE2  O N N 143 
GLU OXT  O N N 144 
GLU H    H N N 145 
GLU H2   H N N 146 
GLU HA   H N N 147 
GLU HB2  H N N 148 
GLU HB3  H N N 149 
GLU HG2  H N N 150 
GLU HG3  H N N 151 
GLU HE2  H N N 152 
GLU HXT  H N N 153 
GLY N    N N N 154 
GLY CA   C N N 155 
GLY C    C N N 156 
GLY O    O N N 157 
GLY OXT  O N N 158 
GLY H    H N N 159 
GLY H2   H N N 160 
GLY HA2  H N N 161 
GLY HA3  H N N 162 
GLY HXT  H N N 163 
HIS N    N N N 164 
HIS CA   C N S 165 
HIS C    C N N 166 
HIS O    O N N 167 
HIS CB   C N N 168 
HIS CG   C Y N 169 
HIS ND1  N Y N 170 
HIS CD2  C Y N 171 
HIS CE1  C Y N 172 
HIS NE2  N Y N 173 
HIS OXT  O N N 174 
HIS H    H N N 175 
HIS H2   H N N 176 
HIS HA   H N N 177 
HIS HB2  H N N 178 
HIS HB3  H N N 179 
HIS HD1  H N N 180 
HIS HD2  H N N 181 
HIS HE1  H N N 182 
HIS HE2  H N N 183 
HIS HXT  H N N 184 
HOH O    O N N 185 
HOH H1   H N N 186 
HOH H2   H N N 187 
ILE N    N N N 188 
ILE CA   C N S 189 
ILE C    C N N 190 
ILE O    O N N 191 
ILE CB   C N S 192 
ILE CG1  C N N 193 
ILE CG2  C N N 194 
ILE CD1  C N N 195 
ILE OXT  O N N 196 
ILE H    H N N 197 
ILE H2   H N N 198 
ILE HA   H N N 199 
ILE HB   H N N 200 
ILE HG12 H N N 201 
ILE HG13 H N N 202 
ILE HG21 H N N 203 
ILE HG22 H N N 204 
ILE HG23 H N N 205 
ILE HD11 H N N 206 
ILE HD12 H N N 207 
ILE HD13 H N N 208 
ILE HXT  H N N 209 
LEU N    N N N 210 
LEU CA   C N S 211 
LEU C    C N N 212 
LEU O    O N N 213 
LEU CB   C N N 214 
LEU CG   C N N 215 
LEU CD1  C N N 216 
LEU CD2  C N N 217 
LEU OXT  O N N 218 
LEU H    H N N 219 
LEU H2   H N N 220 
LEU HA   H N N 221 
LEU HB2  H N N 222 
LEU HB3  H N N 223 
LEU HG   H N N 224 
LEU HD11 H N N 225 
LEU HD12 H N N 226 
LEU HD13 H N N 227 
LEU HD21 H N N 228 
LEU HD22 H N N 229 
LEU HD23 H N N 230 
LEU HXT  H N N 231 
LFM N1   N N N 232 
LFM N3   N Y N 233 
LFM C4   C Y N 234 
LFM C5   C N N 235 
LFM C6   C N N 236 
LFM C7   C Y N 237 
LFM C8   C Y N 238 
LFM C10  C N N 239 
LFM C13  C Y N 240 
LFM C1   C Y N 241 
LFM C11  C N N 242 
LFM C12  C Y N 243 
LFM C14  C Y N 244 
LFM C2   C Y N 245 
LFM C3   C Y N 246 
LFM C9   C N N 247 
LFM F1   F N N 248 
LFM N2   N Y N 249 
LFM O1   O N N 250 
LFM O2   O N N 251 
LFM H1   H N N 252 
LFM H2   H N N 253 
LFM H3   H N N 254 
LFM H4   H N N 255 
LFM H5   H N N 256 
LFM H6   H N N 257 
LFM H7   H N N 258 
LFM H8   H N N 259 
LFM H9   H N N 260 
LFM H10  H N N 261 
LFM H11  H N N 262 
LFM H12  H N N 263 
LFM H13  H N N 264 
LFM H14  H N N 265 
LYS N    N N N 266 
LYS CA   C N S 267 
LYS C    C N N 268 
LYS O    O N N 269 
LYS CB   C N N 270 
LYS CG   C N N 271 
LYS CD   C N N 272 
LYS CE   C N N 273 
LYS NZ   N N N 274 
LYS OXT  O N N 275 
LYS H    H N N 276 
LYS H2   H N N 277 
LYS HA   H N N 278 
LYS HB2  H N N 279 
LYS HB3  H N N 280 
LYS HG2  H N N 281 
LYS HG3  H N N 282 
LYS HD2  H N N 283 
LYS HD3  H N N 284 
LYS HE2  H N N 285 
LYS HE3  H N N 286 
LYS HZ1  H N N 287 
LYS HZ2  H N N 288 
LYS HZ3  H N N 289 
LYS HXT  H N N 290 
MET N    N N N 291 
MET CA   C N S 292 
MET C    C N N 293 
MET O    O N N 294 
MET CB   C N N 295 
MET CG   C N N 296 
MET SD   S N N 297 
MET CE   C N N 298 
MET OXT  O N N 299 
MET H    H N N 300 
MET H2   H N N 301 
MET HA   H N N 302 
MET HB2  H N N 303 
MET HB3  H N N 304 
MET HG2  H N N 305 
MET HG3  H N N 306 
MET HE1  H N N 307 
MET HE2  H N N 308 
MET HE3  H N N 309 
MET HXT  H N N 310 
PHE N    N N N 311 
PHE CA   C N S 312 
PHE C    C N N 313 
PHE O    O N N 314 
PHE CB   C N N 315 
PHE CG   C Y N 316 
PHE CD1  C Y N 317 
PHE CD2  C Y N 318 
PHE CE1  C Y N 319 
PHE CE2  C Y N 320 
PHE CZ   C Y N 321 
PHE OXT  O N N 322 
PHE H    H N N 323 
PHE H2   H N N 324 
PHE HA   H N N 325 
PHE HB2  H N N 326 
PHE HB3  H N N 327 
PHE HD1  H N N 328 
PHE HD2  H N N 329 
PHE HE1  H N N 330 
PHE HE2  H N N 331 
PHE HZ   H N N 332 
PHE HXT  H N N 333 
PRO N    N N N 334 
PRO CA   C N S 335 
PRO C    C N N 336 
PRO O    O N N 337 
PRO CB   C N N 338 
PRO CG   C N N 339 
PRO CD   C N N 340 
PRO OXT  O N N 341 
PRO H    H N N 342 
PRO HA   H N N 343 
PRO HB2  H N N 344 
PRO HB3  H N N 345 
PRO HG2  H N N 346 
PRO HG3  H N N 347 
PRO HD2  H N N 348 
PRO HD3  H N N 349 
PRO HXT  H N N 350 
SER N    N N N 351 
SER CA   C N S 352 
SER C    C N N 353 
SER O    O N N 354 
SER CB   C N N 355 
SER OG   O N N 356 
SER OXT  O N N 357 
SER H    H N N 358 
SER H2   H N N 359 
SER HA   H N N 360 
SER HB2  H N N 361 
SER HB3  H N N 362 
SER HG   H N N 363 
SER HXT  H N N 364 
THR N    N N N 365 
THR CA   C N S 366 
THR C    C N N 367 
THR O    O N N 368 
THR CB   C N R 369 
THR OG1  O N N 370 
THR CG2  C N N 371 
THR OXT  O N N 372 
THR H    H N N 373 
THR H2   H N N 374 
THR HA   H N N 375 
THR HB   H N N 376 
THR HG1  H N N 377 
THR HG21 H N N 378 
THR HG22 H N N 379 
THR HG23 H N N 380 
THR HXT  H N N 381 
TRP N    N N N 382 
TRP CA   C N S 383 
TRP C    C N N 384 
TRP O    O N N 385 
TRP CB   C N N 386 
TRP CG   C Y N 387 
TRP CD1  C Y N 388 
TRP CD2  C Y N 389 
TRP NE1  N Y N 390 
TRP CE2  C Y N 391 
TRP CE3  C Y N 392 
TRP CZ2  C Y N 393 
TRP CZ3  C Y N 394 
TRP CH2  C Y N 395 
TRP OXT  O N N 396 
TRP H    H N N 397 
TRP H2   H N N 398 
TRP HA   H N N 399 
TRP HB2  H N N 400 
TRP HB3  H N N 401 
TRP HD1  H N N 402 
TRP HE1  H N N 403 
TRP HE3  H N N 404 
TRP HZ2  H N N 405 
TRP HZ3  H N N 406 
TRP HH2  H N N 407 
TRP HXT  H N N 408 
TYR N    N N N 409 
TYR CA   C N S 410 
TYR C    C N N 411 
TYR O    O N N 412 
TYR CB   C N N 413 
TYR CG   C Y N 414 
TYR CD1  C Y N 415 
TYR CD2  C Y N 416 
TYR CE1  C Y N 417 
TYR CE2  C Y N 418 
TYR CZ   C Y N 419 
TYR OH   O N N 420 
TYR OXT  O N N 421 
TYR H    H N N 422 
TYR H2   H N N 423 
TYR HA   H N N 424 
TYR HB2  H N N 425 
TYR HB3  H N N 426 
TYR HD1  H N N 427 
TYR HD2  H N N 428 
TYR HE1  H N N 429 
TYR HE2  H N N 430 
TYR HH   H N N 431 
TYR HXT  H N N 432 
VAL N    N N N 433 
VAL CA   C N S 434 
VAL C    C N N 435 
VAL O    O N N 436 
VAL CB   C N N 437 
VAL CG1  C N N 438 
VAL CG2  C N N 439 
VAL OXT  O N N 440 
VAL H    H N N 441 
VAL H2   H N N 442 
VAL HA   H N N 443 
VAL HB   H N N 444 
VAL HG11 H N N 445 
VAL HG12 H N N 446 
VAL HG13 H N N 447 
VAL HG21 H N N 448 
VAL HG22 H N N 449 
VAL HG23 H N N 450 
VAL HXT  H N N 451 
# 
loop_
_chem_comp_bond.comp_id 
_chem_comp_bond.atom_id_1 
_chem_comp_bond.atom_id_2 
_chem_comp_bond.value_order 
_chem_comp_bond.pdbx_aromatic_flag 
_chem_comp_bond.pdbx_stereo_config 
_chem_comp_bond.pdbx_ordinal 
ACT C   O    doub N N 1   
ACT C   OXT  sing N N 2   
ACT C   CH3  sing N N 3   
ACT CH3 H1   sing N N 4   
ACT CH3 H2   sing N N 5   
ACT CH3 H3   sing N N 6   
ALA N   CA   sing N N 7   
ALA N   H    sing N N 8   
ALA N   H2   sing N N 9   
ALA CA  C    sing N N 10  
ALA CA  CB   sing N N 11  
ALA CA  HA   sing N N 12  
ALA C   O    doub N N 13  
ALA C   OXT  sing N N 14  
ALA CB  HB1  sing N N 15  
ALA CB  HB2  sing N N 16  
ALA CB  HB3  sing N N 17  
ALA OXT HXT  sing N N 18  
ARG N   CA   sing N N 19  
ARG N   H    sing N N 20  
ARG N   H2   sing N N 21  
ARG CA  C    sing N N 22  
ARG CA  CB   sing N N 23  
ARG CA  HA   sing N N 24  
ARG C   O    doub N N 25  
ARG C   OXT  sing N N 26  
ARG CB  CG   sing N N 27  
ARG CB  HB2  sing N N 28  
ARG CB  HB3  sing N N 29  
ARG CG  CD   sing N N 30  
ARG CG  HG2  sing N N 31  
ARG CG  HG3  sing N N 32  
ARG CD  NE   sing N N 33  
ARG CD  HD2  sing N N 34  
ARG CD  HD3  sing N N 35  
ARG NE  CZ   sing N N 36  
ARG NE  HE   sing N N 37  
ARG CZ  NH1  sing N N 38  
ARG CZ  NH2  doub N N 39  
ARG NH1 HH11 sing N N 40  
ARG NH1 HH12 sing N N 41  
ARG NH2 HH21 sing N N 42  
ARG NH2 HH22 sing N N 43  
ARG OXT HXT  sing N N 44  
ASN N   CA   sing N N 45  
ASN N   H    sing N N 46  
ASN N   H2   sing N N 47  
ASN CA  C    sing N N 48  
ASN CA  CB   sing N N 49  
ASN CA  HA   sing N N 50  
ASN C   O    doub N N 51  
ASN C   OXT  sing N N 52  
ASN CB  CG   sing N N 53  
ASN CB  HB2  sing N N 54  
ASN CB  HB3  sing N N 55  
ASN CG  OD1  doub N N 56  
ASN CG  ND2  sing N N 57  
ASN ND2 HD21 sing N N 58  
ASN ND2 HD22 sing N N 59  
ASN OXT HXT  sing N N 60  
ASP N   CA   sing N N 61  
ASP N   H    sing N N 62  
ASP N   H2   sing N N 63  
ASP CA  C    sing N N 64  
ASP CA  CB   sing N N 65  
ASP CA  HA   sing N N 66  
ASP C   O    doub N N 67  
ASP C   OXT  sing N N 68  
ASP CB  CG   sing N N 69  
ASP CB  HB2  sing N N 70  
ASP CB  HB3  sing N N 71  
ASP CG  OD1  doub N N 72  
ASP CG  OD2  sing N N 73  
ASP OD2 HD2  sing N N 74  
ASP OXT HXT  sing N N 75  
CYS N   CA   sing N N 76  
CYS N   H    sing N N 77  
CYS N   H2   sing N N 78  
CYS CA  C    sing N N 79  
CYS CA  CB   sing N N 80  
CYS CA  HA   sing N N 81  
CYS C   O    doub N N 82  
CYS C   OXT  sing N N 83  
CYS CB  SG   sing N N 84  
CYS CB  HB2  sing N N 85  
CYS CB  HB3  sing N N 86  
CYS SG  HG   sing N N 87  
CYS OXT HXT  sing N N 88  
DMS S   O    doub N N 89  
DMS S   C1   sing N N 90  
DMS S   C2   sing N N 91  
DMS C1  H11  sing N N 92  
DMS C1  H12  sing N N 93  
DMS C1  H13  sing N N 94  
DMS C2  H21  sing N N 95  
DMS C2  H22  sing N N 96  
DMS C2  H23  sing N N 97  
EDO C1  O1   sing N N 98  
EDO C1  C2   sing N N 99  
EDO C1  H11  sing N N 100 
EDO C1  H12  sing N N 101 
EDO O1  HO1  sing N N 102 
EDO C2  O2   sing N N 103 
EDO C2  H21  sing N N 104 
EDO C2  H22  sing N N 105 
EDO O2  HO2  sing N N 106 
GLN N   CA   sing N N 107 
GLN N   H    sing N N 108 
GLN N   H2   sing N N 109 
GLN CA  C    sing N N 110 
GLN CA  CB   sing N N 111 
GLN CA  HA   sing N N 112 
GLN C   O    doub N N 113 
GLN C   OXT  sing N N 114 
GLN CB  CG   sing N N 115 
GLN CB  HB2  sing N N 116 
GLN CB  HB3  sing N N 117 
GLN CG  CD   sing N N 118 
GLN CG  HG2  sing N N 119 
GLN CG  HG3  sing N N 120 
GLN CD  OE1  doub N N 121 
GLN CD  NE2  sing N N 122 
GLN NE2 HE21 sing N N 123 
GLN NE2 HE22 sing N N 124 
GLN OXT HXT  sing N N 125 
GLU N   CA   sing N N 126 
GLU N   H    sing N N 127 
GLU N   H2   sing N N 128 
GLU CA  C    sing N N 129 
GLU CA  CB   sing N N 130 
GLU CA  HA   sing N N 131 
GLU C   O    doub N N 132 
GLU C   OXT  sing N N 133 
GLU CB  CG   sing N N 134 
GLU CB  HB2  sing N N 135 
GLU CB  HB3  sing N N 136 
GLU CG  CD   sing N N 137 
GLU CG  HG2  sing N N 138 
GLU CG  HG3  sing N N 139 
GLU CD  OE1  doub N N 140 
GLU CD  OE2  sing N N 141 
GLU OE2 HE2  sing N N 142 
GLU OXT HXT  sing N N 143 
GLY N   CA   sing N N 144 
GLY N   H    sing N N 145 
GLY N   H2   sing N N 146 
GLY CA  C    sing N N 147 
GLY CA  HA2  sing N N 148 
GLY CA  HA3  sing N N 149 
GLY C   O    doub N N 150 
GLY C   OXT  sing N N 151 
GLY OXT HXT  sing N N 152 
HIS N   CA   sing N N 153 
HIS N   H    sing N N 154 
HIS N   H2   sing N N 155 
HIS CA  C    sing N N 156 
HIS CA  CB   sing N N 157 
HIS CA  HA   sing N N 158 
HIS C   O    doub N N 159 
HIS C   OXT  sing N N 160 
HIS CB  CG   sing N N 161 
HIS CB  HB2  sing N N 162 
HIS CB  HB3  sing N N 163 
HIS CG  ND1  sing Y N 164 
HIS CG  CD2  doub Y N 165 
HIS ND1 CE1  doub Y N 166 
HIS ND1 HD1  sing N N 167 
HIS CD2 NE2  sing Y N 168 
HIS CD2 HD2  sing N N 169 
HIS CE1 NE2  sing Y N 170 
HIS CE1 HE1  sing N N 171 
HIS NE2 HE2  sing N N 172 
HIS OXT HXT  sing N N 173 
HOH O   H1   sing N N 174 
HOH O   H2   sing N N 175 
ILE N   CA   sing N N 176 
ILE N   H    sing N N 177 
ILE N   H2   sing N N 178 
ILE CA  C    sing N N 179 
ILE CA  CB   sing N N 180 
ILE CA  HA   sing N N 181 
ILE C   O    doub N N 182 
ILE C   OXT  sing N N 183 
ILE CB  CG1  sing N N 184 
ILE CB  CG2  sing N N 185 
ILE CB  HB   sing N N 186 
ILE CG1 CD1  sing N N 187 
ILE CG1 HG12 sing N N 188 
ILE CG1 HG13 sing N N 189 
ILE CG2 HG21 sing N N 190 
ILE CG2 HG22 sing N N 191 
ILE CG2 HG23 sing N N 192 
ILE CD1 HD11 sing N N 193 
ILE CD1 HD12 sing N N 194 
ILE CD1 HD13 sing N N 195 
ILE OXT HXT  sing N N 196 
LEU N   CA   sing N N 197 
LEU N   H    sing N N 198 
LEU N   H2   sing N N 199 
LEU CA  C    sing N N 200 
LEU CA  CB   sing N N 201 
LEU CA  HA   sing N N 202 
LEU C   O    doub N N 203 
LEU C   OXT  sing N N 204 
LEU CB  CG   sing N N 205 
LEU CB  HB2  sing N N 206 
LEU CB  HB3  sing N N 207 
LEU CG  CD1  sing N N 208 
LEU CG  CD2  sing N N 209 
LEU CG  HG   sing N N 210 
LEU CD1 HD11 sing N N 211 
LEU CD1 HD12 sing N N 212 
LEU CD1 HD13 sing N N 213 
LEU CD2 HD21 sing N N 214 
LEU CD2 HD22 sing N N 215 
LEU CD2 HD23 sing N N 216 
LEU OXT HXT  sing N N 217 
LFM N2  N3   sing Y N 218 
LFM N2  C8   doub Y N 219 
LFM C9  N3   sing N N 220 
LFM C9  C10  sing N N 221 
LFM N3  C12  sing Y N 222 
LFM C8  C7   sing Y N 223 
LFM C10 C11  sing N N 224 
LFM C11 O2   sing N N 225 
LFM C12 C7   doub Y N 226 
LFM C12 O2   sing N N 227 
LFM C7  C6   sing N N 228 
LFM C6  N1   sing N N 229 
LFM C6  O1   doub N N 230 
LFM N1  C5   sing N N 231 
LFM C5  C4   sing N N 232 
LFM C4  C13  doub Y N 233 
LFM C4  C3   sing Y N 234 
LFM C13 C14  sing Y N 235 
LFM C3  C2   doub Y N 236 
LFM C14 C1   doub Y N 237 
LFM C2  C1   sing Y N 238 
LFM C1  F1   sing N N 239 
LFM N1  H1   sing N N 240 
LFM C5  H2   sing N N 241 
LFM C5  H3   sing N N 242 
LFM C8  H4   sing N N 243 
LFM C10 H5   sing N N 244 
LFM C10 H6   sing N N 245 
LFM C13 H7   sing N N 246 
LFM C11 H8   sing N N 247 
LFM C11 H9   sing N N 248 
LFM C14 H10  sing N N 249 
LFM C2  H11  sing N N 250 
LFM C3  H12  sing N N 251 
LFM C9  H13  sing N N 252 
LFM C9  H14  sing N N 253 
LYS N   CA   sing N N 254 
LYS N   H    sing N N 255 
LYS N   H2   sing N N 256 
LYS CA  C    sing N N 257 
LYS CA  CB   sing N N 258 
LYS CA  HA   sing N N 259 
LYS C   O    doub N N 260 
LYS C   OXT  sing N N 261 
LYS CB  CG   sing N N 262 
LYS CB  HB2  sing N N 263 
LYS CB  HB3  sing N N 264 
LYS CG  CD   sing N N 265 
LYS CG  HG2  sing N N 266 
LYS CG  HG3  sing N N 267 
LYS CD  CE   sing N N 268 
LYS CD  HD2  sing N N 269 
LYS CD  HD3  sing N N 270 
LYS CE  NZ   sing N N 271 
LYS CE  HE2  sing N N 272 
LYS CE  HE3  sing N N 273 
LYS NZ  HZ1  sing N N 274 
LYS NZ  HZ2  sing N N 275 
LYS NZ  HZ3  sing N N 276 
LYS OXT HXT  sing N N 277 
MET N   CA   sing N N 278 
MET N   H    sing N N 279 
MET N   H2   sing N N 280 
MET CA  C    sing N N 281 
MET CA  CB   sing N N 282 
MET CA  HA   sing N N 283 
MET C   O    doub N N 284 
MET C   OXT  sing N N 285 
MET CB  CG   sing N N 286 
MET CB  HB2  sing N N 287 
MET CB  HB3  sing N N 288 
MET CG  SD   sing N N 289 
MET CG  HG2  sing N N 290 
MET CG  HG3  sing N N 291 
MET SD  CE   sing N N 292 
MET CE  HE1  sing N N 293 
MET CE  HE2  sing N N 294 
MET CE  HE3  sing N N 295 
MET OXT HXT  sing N N 296 
PHE N   CA   sing N N 297 
PHE N   H    sing N N 298 
PHE N   H2   sing N N 299 
PHE CA  C    sing N N 300 
PHE CA  CB   sing N N 301 
PHE CA  HA   sing N N 302 
PHE C   O    doub N N 303 
PHE C   OXT  sing N N 304 
PHE CB  CG   sing N N 305 
PHE CB  HB2  sing N N 306 
PHE CB  HB3  sing N N 307 
PHE CG  CD1  doub Y N 308 
PHE CG  CD2  sing Y N 309 
PHE CD1 CE1  sing Y N 310 
PHE CD1 HD1  sing N N 311 
PHE CD2 CE2  doub Y N 312 
PHE CD2 HD2  sing N N 313 
PHE CE1 CZ   doub Y N 314 
PHE CE1 HE1  sing N N 315 
PHE CE2 CZ   sing Y N 316 
PHE CE2 HE2  sing N N 317 
PHE CZ  HZ   sing N N 318 
PHE OXT HXT  sing N N 319 
PRO N   CA   sing N N 320 
PRO N   CD   sing N N 321 
PRO N   H    sing N N 322 
PRO CA  C    sing N N 323 
PRO CA  CB   sing N N 324 
PRO CA  HA   sing N N 325 
PRO C   O    doub N N 326 
PRO C   OXT  sing N N 327 
PRO CB  CG   sing N N 328 
PRO CB  HB2  sing N N 329 
PRO CB  HB3  sing N N 330 
PRO CG  CD   sing N N 331 
PRO CG  HG2  sing N N 332 
PRO CG  HG3  sing N N 333 
PRO CD  HD2  sing N N 334 
PRO CD  HD3  sing N N 335 
PRO OXT HXT  sing N N 336 
SER N   CA   sing N N 337 
SER N   H    sing N N 338 
SER N   H2   sing N N 339 
SER CA  C    sing N N 340 
SER CA  CB   sing N N 341 
SER CA  HA   sing N N 342 
SER C   O    doub N N 343 
SER C   OXT  sing N N 344 
SER CB  OG   sing N N 345 
SER CB  HB2  sing N N 346 
SER CB  HB3  sing N N 347 
SER OG  HG   sing N N 348 
SER OXT HXT  sing N N 349 
THR N   CA   sing N N 350 
THR N   H    sing N N 351 
THR N   H2   sing N N 352 
THR CA  C    sing N N 353 
THR CA  CB   sing N N 354 
THR CA  HA   sing N N 355 
THR C   O    doub N N 356 
THR C   OXT  sing N N 357 
THR CB  OG1  sing N N 358 
THR CB  CG2  sing N N 359 
THR CB  HB   sing N N 360 
THR OG1 HG1  sing N N 361 
THR CG2 HG21 sing N N 362 
THR CG2 HG22 sing N N 363 
THR CG2 HG23 sing N N 364 
THR OXT HXT  sing N N 365 
TRP N   CA   sing N N 366 
TRP N   H    sing N N 367 
TRP N   H2   sing N N 368 
TRP CA  C    sing N N 369 
TRP CA  CB   sing N N 370 
TRP CA  HA   sing N N 371 
TRP C   O    doub N N 372 
TRP C   OXT  sing N N 373 
TRP CB  CG   sing N N 374 
TRP CB  HB2  sing N N 375 
TRP CB  HB3  sing N N 376 
TRP CG  CD1  doub Y N 377 
TRP CG  CD2  sing Y N 378 
TRP CD1 NE1  sing Y N 379 
TRP CD1 HD1  sing N N 380 
TRP CD2 CE2  doub Y N 381 
TRP CD2 CE3  sing Y N 382 
TRP NE1 CE2  sing Y N 383 
TRP NE1 HE1  sing N N 384 
TRP CE2 CZ2  sing Y N 385 
TRP CE3 CZ3  doub Y N 386 
TRP CE3 HE3  sing N N 387 
TRP CZ2 CH2  doub Y N 388 
TRP CZ2 HZ2  sing N N 389 
TRP CZ3 CH2  sing Y N 390 
TRP CZ3 HZ3  sing N N 391 
TRP CH2 HH2  sing N N 392 
TRP OXT HXT  sing N N 393 
TYR N   CA   sing N N 394 
TYR N   H    sing N N 395 
TYR N   H2   sing N N 396 
TYR CA  C    sing N N 397 
TYR CA  CB   sing N N 398 
TYR CA  HA   sing N N 399 
TYR C   O    doub N N 400 
TYR C   OXT  sing N N 401 
TYR CB  CG   sing N N 402 
TYR CB  HB2  sing N N 403 
TYR CB  HB3  sing N N 404 
TYR CG  CD1  doub Y N 405 
TYR CG  CD2  sing Y N 406 
TYR CD1 CE1  sing Y N 407 
TYR CD1 HD1  sing N N 408 
TYR CD2 CE2  doub Y N 409 
TYR CD2 HD2  sing N N 410 
TYR CE1 CZ   doub Y N 411 
TYR CE1 HE1  sing N N 412 
TYR CE2 CZ   sing Y N 413 
TYR CE2 HE2  sing N N 414 
TYR CZ  OH   sing N N 415 
TYR OH  HH   sing N N 416 
TYR OXT HXT  sing N N 417 
VAL N   CA   sing N N 418 
VAL N   H    sing N N 419 
VAL N   H2   sing N N 420 
VAL CA  C    sing N N 421 
VAL CA  CB   sing N N 422 
VAL CA  HA   sing N N 423 
VAL C   O    doub N N 424 
VAL C   OXT  sing N N 425 
VAL CB  CG1  sing N N 426 
VAL CB  CG2  sing N N 427 
VAL CB  HB   sing N N 428 
VAL CG1 HG11 sing N N 429 
VAL CG1 HG12 sing N N 430 
VAL CG1 HG13 sing N N 431 
VAL CG2 HG21 sing N N 432 
VAL CG2 HG22 sing N N 433 
VAL CG2 HG23 sing N N 434 
VAL OXT HXT  sing N N 435 
# 
_pdbx_deposit_group.group_id            G_1002061 
_pdbx_deposit_group.group_description   
;XDomainX of XOrganismX DCP2 (NUDT20) screened against the XXX Fragment Library by X-ray Crystallography at the XChem facility of Diamond Light Source beamline I04-1
;
_pdbx_deposit_group.group_title         'PanDDA analysis group deposition' 
_pdbx_deposit_group.group_type          'changed state' 
# 
_pdbx_related_exp_data_set.ordinal              1 
_pdbx_related_exp_data_set.data_reference       10.5281/zenodo.1437589 
_pdbx_related_exp_data_set.metadata_reference   10.5281/zenodo.1437589 
_pdbx_related_exp_data_set.data_set_type        'other data' 
_pdbx_related_exp_data_set.details              'Complete PanDDA analysis' 
# 
_atom_sites.entry_id                    5QOX 
_atom_sites.fract_transf_matrix[1][1]   0.01923664 
_atom_sites.fract_transf_matrix[1][2]   -0.00710917 
_atom_sites.fract_transf_matrix[1][3]   0.00313176 
_atom_sites.fract_transf_matrix[2][1]   -0.00092042 
_atom_sites.fract_transf_matrix[2][2]   0.00452238 
_atom_sites.fract_transf_matrix[2][3]   0.01591953 
_atom_sites.fract_transf_matrix[3][1]   -0.00562913 
_atom_sites.fract_transf_matrix[3][2]   -0.01366509 
_atom_sites.fract_transf_matrix[3][3]   0.00355649 
_atom_sites.fract_transf_vector[1]      -0.884528 
_atom_sites.fract_transf_vector[2]      0.224098 
_atom_sites.fract_transf_vector[3]      1.165981 
# 
loop_
_atom_type.symbol 
C 
F 
N 
O 
S 
# 
loop_
_atom_site.group_PDB 
_atom_site.id 
_atom_site.type_symbol 
_atom_site.label_atom_id 
_atom_site.label_alt_id 
_atom_site.label_comp_id 
_atom_site.label_asym_id 
_atom_site.label_entity_id 
_atom_site.label_seq_id 
_atom_site.pdbx_PDB_ins_code 
_atom_site.Cartn_x 
_atom_site.Cartn_y 
_atom_site.Cartn_z 
_atom_site.occupancy 
_atom_site.B_iso_or_equiv 
_atom_site.pdbx_formal_charge 
_atom_site.auth_seq_id 
_atom_site.auth_comp_id 
_atom_site.auth_asym_id 
_atom_site.auth_atom_id 
_atom_site.pdbx_PDB_model_num 
ATOM   1    N N   . GLY A 1 3   ? 17.658  -7.584  4.382   1.00 70.30 ? 96  GLY A N   1 
ATOM   2    C CA  . GLY A 1 3   ? 16.190  -7.512  4.718   1.00 72.41 ? 96  GLY A CA  1 
ATOM   3    C C   . GLY A 1 3   ? 15.377  -8.409  3.784   1.00 67.03 ? 96  GLY A C   1 
ATOM   4    O O   . GLY A 1 3   ? 15.678  -8.540  2.585   1.00 73.63 ? 96  GLY A O   1 
ATOM   5    N N   . VAL A 1 4   ? 14.348  -9.051  4.317   1.00 58.46 ? 97  VAL A N   1 
ATOM   6    C CA  . VAL A 1 4   ? 13.539  -9.976  3.495   1.00 59.22 ? 97  VAL A CA  1 
ATOM   7    C C   . VAL A 1 4   ? 12.573  -9.161  2.600   1.00 45.76 ? 97  VAL A C   1 
ATOM   8    O O   . VAL A 1 4   ? 11.892  -8.355  3.148   1.00 42.63 ? 97  VAL A O   1 
ATOM   9    C CB  . VAL A 1 4   ? 12.660  -10.875 4.385   1.00 61.76 ? 97  VAL A CB  1 
ATOM   10   C CG1 . VAL A 1 4   ? 11.884  -11.859 3.512   1.00 59.73 ? 97  VAL A CG1 1 
ATOM   11   C CG2 . VAL A 1 4   ? 13.500  -11.580 5.454   1.00 63.91 ? 97  VAL A CG2 1 
ATOM   12   N N   . PRO A 1 5   ? 12.511  -9.410  1.275   1.00 44.74 ? 98  PRO A N   1 
ATOM   13   C CA  . PRO A 1 5   ? 11.598  -8.605  0.449   1.00 44.22 ? 98  PRO A CA  1 
ATOM   14   C C   . PRO A 1 5   ? 10.136  -8.684  0.925   1.00 44.71 ? 98  PRO A C   1 
ATOM   15   O O   . PRO A 1 5   ? 9.747   -9.704  1.518   1.00 36.88 ? 98  PRO A O   1 
ATOM   16   C CB  . PRO A 1 5   ? 11.785  -9.150  -0.970  1.00 46.68 ? 98  PRO A CB  1 
ATOM   17   C CG  . PRO A 1 5   ? 13.018  -10.016 -0.925  1.00 47.67 ? 98  PRO A CG  1 
ATOM   18   C CD  . PRO A 1 5   ? 13.385  -10.298 0.471   1.00 41.23 ? 98  PRO A CD  1 
ATOM   19   N N   . THR A 1 6   ? 9.370   -7.587  0.758   1.00 38.17 ? 99  THR A N   1 
ATOM   20   C CA  . THR A 1 6   ? 7.905   -7.567  1.009   1.00 38.07 ? 99  THR A CA  1 
ATOM   21   C C   . THR A 1 6   ? 7.131   -7.379  -0.299  1.00 34.94 ? 99  THR A C   1 
ATOM   22   O O   . THR A 1 6   ? 7.628   -6.765  -1.225  1.00 34.47 ? 99  THR A O   1 
ATOM   23   C CB  . THR A 1 6   ? 7.539   -6.490  2.015   1.00 36.34 ? 99  THR A CB  1 
ATOM   24   O OG1 . THR A 1 6   ? 8.033   -5.222  1.538   1.00 35.41 ? 99  THR A OG1 1 
ATOM   25   C CG2 . THR A 1 6   ? 8.178   -6.808  3.343   1.00 37.03 ? 99  THR A CG2 1 
ATOM   26   N N   . TYR A 1 7   ? 5.924   -7.944  -0.362  1.00 33.78 ? 100 TYR A N   1 
ATOM   27   C CA  . TYR A 1 7   ? 5.088   -7.880  -1.520  1.00 30.91 ? 100 TYR A CA  1 
ATOM   28   C C   . TYR A 1 7   ? 3.675   -7.617  -1.088  1.00 29.15 ? 100 TYR A C   1 
ATOM   29   O O   . TYR A 1 7   ? 3.251   -8.071  -0.059  1.00 29.56 ? 100 TYR A O   1 
ATOM   30   C CB  . TYR A 1 7   ? 5.125   -9.202  -2.350  1.00 34.72 ? 100 TYR A CB  1 
ATOM   31   C CG  . TYR A 1 7   ? 6.504   -9.509  -2.889  1.00 34.08 ? 100 TYR A CG  1 
ATOM   32   C CD1 . TYR A 1 7   ? 6.990   -8.822  -3.975  1.00 37.72 ? 100 TYR A CD1 1 
ATOM   33   C CD2 . TYR A 1 7   ? 7.345   -10.416 -2.242  1.00 37.37 ? 100 TYR A CD2 1 
ATOM   34   C CE1 . TYR A 1 7   ? 8.276   -9.032  -4.453  1.00 41.29 ? 100 TYR A CE1 1 
ATOM   35   C CE2 . TYR A 1 7   ? 8.633   -10.651 -2.698  1.00 39.31 ? 100 TYR A CE2 1 
ATOM   36   C CZ  . TYR A 1 7   ? 9.081   -9.984  -3.808  1.00 41.16 ? 100 TYR A CZ  1 
ATOM   37   O OH  . TYR A 1 7   ? 10.350  -10.208 -4.257  1.00 50.73 ? 100 TYR A OH  1 
ATOM   38   N N   . GLY A 1 8   ? 2.924   -6.895  -1.921  1.00 27.25 ? 101 GLY A N   1 
ATOM   39   C CA  . GLY A 1 8   ? 1.552   -6.557  -1.552  1.00 25.91 ? 101 GLY A CA  1 
ATOM   40   C C   . GLY A 1 8   ? 0.907   -5.865  -2.738  1.00 24.02 ? 101 GLY A C   1 
ATOM   41   O O   . GLY A 1 8   ? 1.237   -6.138  -3.889  1.00 25.36 ? 101 GLY A O   1 
ATOM   42   N N   . ALA A 1 9   ? -0.070  -5.019  -2.469  1.00 25.72 ? 102 ALA A N   1 
ATOM   43   C CA  . ALA A 1 9   ? -0.783  -4.370  -3.561  1.00 25.05 ? 102 ALA A CA  1 
ATOM   44   C C   . ALA A 1 9   ? -1.245  -2.968  -3.225  1.00 26.27 ? 102 ALA A C   1 
ATOM   45   O O   . ALA A 1 9   ? -1.509  -2.658  -2.069  1.00 25.36 ? 102 ALA A O   1 
ATOM   46   C CB  . ALA A 1 9   ? -1.988  -5.175  -3.979  1.00 27.80 ? 102 ALA A CB  1 
ATOM   47   N N   . ILE A 1 10  ? -1.410  -2.197  -4.304  1.00 23.25 ? 103 ILE A N   1 
ATOM   48   C CA  . ILE A 1 10  ? -2.039  -0.905  -4.330  1.00 24.51 ? 103 ILE A CA  1 
ATOM   49   C C   . ILE A 1 10  ? -3.308  -1.152  -5.091  1.00 22.99 ? 103 ILE A C   1 
ATOM   50   O O   . ILE A 1 10  ? -3.304  -1.320  -6.354  1.00 25.64 ? 103 ILE A O   1 
ATOM   51   C CB  . ILE A 1 10  ? -1.193  0.164   -5.055  1.00 25.35 ? 103 ILE A CB  1 
ATOM   52   C CG1 . ILE A 1 10  ? 0.102   0.407   -4.342  1.00 27.35 ? 103 ILE A CG1 1 
ATOM   53   C CG2 . ILE A 1 10  ? -1.991  1.436   -5.197  1.00 28.89 ? 103 ILE A CG2 1 
ATOM   54   C CD1 . ILE A 1 10  ? 1.120   1.329   -5.093  1.00 30.18 ? 103 ILE A CD1 1 
ATOM   55   N N   . ILE A 1 11  ? -4.386  -1.221  -4.343  1.00 23.78 ? 104 ILE A N   1 
ATOM   56   C CA  . ILE A 1 11  ? -5.711  -1.450  -4.859  1.00 25.29 ? 104 ILE A CA  1 
ATOM   57   C C   . ILE A 1 11  ? -6.378  -0.106  -5.042  1.00 24.76 ? 104 ILE A C   1 
ATOM   58   O O   . ILE A 1 11  ? -6.421  0.660   -4.115  1.00 25.02 ? 104 ILE A O   1 
ATOM   59   C CB  . ILE A 1 11  ? -6.514  -2.318  -3.884  1.00 26.69 ? 104 ILE A CB  1 
ATOM   60   C CG1 . ILE A 1 11  ? -5.879  -3.684  -3.825  1.00 29.40 ? 104 ILE A CG1 1 
ATOM   61   C CG2 . ILE A 1 11  ? -7.994  -2.444  -4.282  1.00 30.49 ? 104 ILE A CG2 1 
ATOM   62   C CD1 . ILE A 1 11  ? -6.357  -4.498  -2.622  1.00 31.54 ? 104 ILE A CD1 1 
ATOM   63   N N   . LEU A 1 12  ? -6.920  0.150   -6.240  1.00 25.96 ? 105 LEU A N   1 
ATOM   64   C CA  . LEU A 1 12  ? -7.659  1.325   -6.566  1.00 25.22 ? 105 LEU A CA  1 
ATOM   65   C C   . LEU A 1 12  ? -9.085  0.952   -6.979  1.00 27.75 ? 105 LEU A C   1 
ATOM   66   O O   . LEU A 1 12  ? -9.402  -0.166  -7.463  1.00 28.22 ? 105 LEU A O   1 
ATOM   67   C CB  . LEU A 1 12  ? -6.993  2.062   -7.723  1.00 27.15 ? 105 LEU A CB  1 
ATOM   68   C CG  . LEU A 1 12  ? -5.565  2.505   -7.510  1.00 31.68 ? 105 LEU A CG  1 
ATOM   69   C CD1 . LEU A 1 12  ? -4.579  1.556   -8.156  1.00 40.20 ? 105 LEU A CD1 1 
ATOM   70   C CD2 . LEU A 1 12  ? -5.355  3.905   -7.976  1.00 40.99 ? 105 LEU A CD2 1 
ATOM   71   N N   . ASP A 1 13  ? -9.951  1.930   -6.828  1.00 27.06 ? 106 ASP A N   1 
ATOM   72   C CA  . ASP A 1 13  ? -11.336 1.769   -7.165  1.00 31.11 ? 106 ASP A CA  1 
ATOM   73   C C   . ASP A 1 13  ? -11.509 2.004   -8.658  1.00 27.92 ? 106 ASP A C   1 
ATOM   74   O O   . ASP A 1 13  ? -10.564 2.130   -9.418  1.00 28.10 ? 106 ASP A O   1 
ATOM   75   C CB  . ASP A 1 13  ? -12.212 2.675   -6.294  1.00 33.88 ? 106 ASP A CB  1 
ATOM   76   C CG  . ASP A 1 13  ? -12.022 4.183   -6.565  1.00 35.43 ? 106 ASP A CG  1 
ATOM   77   O OD1 . ASP A 1 13  ? -11.032 4.659   -7.159  1.00 35.96 ? 106 ASP A OD1 1 
ATOM   78   O OD2 . ASP A 1 13  ? -12.880 4.894   -6.082  1.00 43.31 ? 106 ASP A OD2 1 
ATOM   79   N N   . GLU A 1 14  ? -12.747 2.092   -9.063  1.00 30.41 ? 107 GLU A N   1 
ATOM   80   C CA  . GLU A 1 14  ? -13.072 2.165   -10.455 1.00 34.60 ? 107 GLU A CA  1 
ATOM   81   C C   . GLU A 1 14  ? -12.820 3.531   -11.005 1.00 36.79 ? 107 GLU A C   1 
ATOM   82   O O   . GLU A 1 14  ? -12.537 3.646   -12.195 1.00 34.74 ? 107 GLU A O   1 
ATOM   83   C CB  . GLU A 1 14  ? -14.545 1.721   -10.729 1.00 41.96 ? 107 GLU A CB  1 
ATOM   84   C CG  . GLU A 1 14  ? -15.619 2.467   -9.951  1.00 47.98 ? 107 GLU A CG  1 
ATOM   85   C CD  . GLU A 1 14  ? -16.108 1.684   -8.731  1.00 59.44 ? 107 GLU A CD  1 
ATOM   86   O OE1 . GLU A 1 14  ? -15.601 1.927   -7.625  1.00 53.24 ? 107 GLU A OE1 1 
ATOM   87   O OE2 . GLU A 1 14  ? -16.969 0.782   -8.891  1.00 77.73 ? 107 GLU A OE2 1 
ATOM   88   N N   . THR A 1 15  ? -12.879 4.573   -10.143 1.00 34.78 ? 108 THR A N   1 
ATOM   89   C CA  . THR A 1 15  ? -12.641 5.907   -10.594 1.00 32.52 ? 108 THR A CA  1 
ATOM   90   C C   . THR A 1 15  ? -11.199 6.263   -10.700 1.00 34.13 ? 108 THR A C   1 
ATOM   91   O O   . THR A 1 15  ? -10.846 7.286   -11.324 1.00 33.19 ? 108 THR A O   1 
ATOM   92   C CB  . THR A 1 15  ? -13.259 6.953   -9.659  1.00 40.75 ? 108 THR A CB  1 
ATOM   93   O OG1 . THR A 1 15  ? -12.529 6.991   -8.452  1.00 37.67 ? 108 THR A OG1 1 
ATOM   94   C CG2 . THR A 1 15  ? -14.714 6.637   -9.374  1.00 43.18 ? 108 THR A CG2 1 
ATOM   95   N N   . LEU A 1 16  ? -10.354 5.434   -10.089 1.00 32.58 ? 109 LEU A N   1 
ATOM   96   C CA  . LEU A 1 16  ? -8.902  5.699   -9.979  1.00 32.00 ? 109 LEU A CA  1 
ATOM   97   C C   . LEU A 1 16  ? -8.523  6.846   -8.986  1.00 33.24 ? 109 LEU A C   1 
ATOM   98   O O   . LEU A 1 16  ? -7.324  7.234   -8.934  1.00 36.45 ? 109 LEU A O   1 
ATOM   99   C CB  . LEU A 1 16  ? -8.209  5.896   -11.331 1.00 35.18 ? 109 LEU A CB  1 
ATOM   100  C CG  . LEU A 1 16  ? -8.451  4.860   -12.417 1.00 35.02 ? 109 LEU A CG  1 
ATOM   101  C CD1 . LEU A 1 16  ? -7.934  5.354   -13.738 1.00 38.75 ? 109 LEU A CD1 1 
ATOM   102  C CD2 . LEU A 1 16  ? -7.777  3.588   -11.952 1.00 38.62 ? 109 LEU A CD2 1 
ATOM   103  N N   A GLU A 1 17  ? -9.532  7.326   -8.246  0.25 32.20 ? 110 GLU A N   1 
ATOM   104  N N   B GLU A 1 17  ? -9.465  7.366   -8.218  0.25 33.47 ? 110 GLU A N   1 
ATOM   105  C CA  A GLU A 1 17  ? -9.431  8.409   -7.254  0.25 36.03 ? 110 GLU A CA  1 
ATOM   106  C CA  B GLU A 1 17  ? -9.159  8.462   -7.295  0.25 37.93 ? 110 GLU A CA  1 
ATOM   107  C C   A GLU A 1 17  ? -8.879  7.910   -5.924  0.25 33.92 ? 110 GLU A C   1 
ATOM   108  C C   B GLU A 1 17  ? -9.062  7.993   -5.817  0.25 34.76 ? 110 GLU A C   1 
ATOM   109  O O   A GLU A 1 17  ? -8.080  8.605   -5.290  0.25 32.21 ? 110 GLU A O   1 
ATOM   110  O O   B GLU A 1 17  ? -8.767  8.810   -4.948  0.25 32.71 ? 110 GLU A O   1 
ATOM   111  C CB  A GLU A 1 17  ? -10.825 8.996   -6.913  0.25 35.81 ? 110 GLU A CB  1 
ATOM   112  C CB  B GLU A 1 17  ? -10.199 9.581   -7.462  0.25 41.39 ? 110 GLU A CB  1 
ATOM   113  C CG  A GLU A 1 17  ? -11.504 9.848   -7.975  0.25 38.80 ? 110 GLU A CG  1 
ATOM   114  C CG  B GLU A 1 17  ? -10.442 9.978   -8.914  0.25 44.58 ? 110 GLU A CG  1 
ATOM   115  C CD  A GLU A 1 17  ? -12.933 10.239  -7.595  0.25 40.14 ? 110 GLU A CD  1 
ATOM   116  C CD  B GLU A 1 17  ? -9.677  11.207  -9.357  0.25 47.66 ? 110 GLU A CD  1 
ATOM   117  O OE1 A GLU A 1 17  ? -13.800 9.348   -7.457  0.25 41.14 ? 110 GLU A OE1 1 
ATOM   118  O OE1 B GLU A 1 17  ? -10.298 12.283  -9.474  0.25 53.50 ? 110 GLU A OE1 1 
ATOM   119  O OE2 A GLU A 1 17  ? -13.191 11.449  -7.444  0.25 41.87 ? 110 GLU A OE2 1 
ATOM   120  O OE2 B GLU A 1 17  ? -8.458  11.103  -9.604  0.25 53.57 ? 110 GLU A OE2 1 
ATOM   121  N N   . ASN A 1 18  ? -9.321  6.705   -5.540  1.00 32.77 ? 111 ASN A N   1 
ATOM   122  C CA  . ASN A 1 18  ? -9.144  6.119   -4.202  1.00 31.27 ? 111 ASN A CA  1 
ATOM   123  C C   . ASN A 1 18  ? -8.238  4.863   -4.166  1.00 31.92 ? 111 ASN A C   1 
ATOM   124  O O   . ASN A 1 18  ? -8.234  4.034   -5.098  1.00 30.50 ? 111 ASN A O   1 
ATOM   125  C CB  . ASN A 1 18  ? -10.498 5.819   -3.576  1.00 32.91 ? 111 ASN A CB  1 
ATOM   126  C CG  . ASN A 1 18  ? -11.397 7.059   -3.567  1.00 42.69 ? 111 ASN A CG  1 
ATOM   127  O OD1 . ASN A 1 18  ? -11.051 8.071   -2.970  1.00 43.41 ? 111 ASN A OD1 1 
ATOM   128  N ND2 . ASN A 1 18  ? -12.441 7.030   -4.346  1.00 38.51 ? 111 ASN A ND2 1 
ATOM   129  N N   . VAL A 1 19  ? -7.493  4.747   -3.068  1.00 30.57 ? 112 VAL A N   1 
ATOM   130  C CA  . VAL A 1 19  ? -6.622  3.610   -2.816  1.00 26.84 ? 112 VAL A CA  1 
ATOM   131  C C   . VAL A 1 19  ? -7.018  2.963   -1.512  1.00 25.54 ? 112 VAL A C   1 
ATOM   132  O O   . VAL A 1 19  ? -7.473  3.642   -0.588  1.00 26.09 ? 112 VAL A O   1 
ATOM   133  C CB  . VAL A 1 19  ? -5.168  3.989   -2.738  1.00 30.92 ? 112 VAL A CB  1 
ATOM   134  C CG1 . VAL A 1 19  ? -4.660  4.401   -4.094  1.00 33.62 ? 112 VAL A CG1 1 
ATOM   135  C CG2 . VAL A 1 19  ? -4.885  5.087   -1.679  1.00 28.69 ? 112 VAL A CG2 1 
ATOM   136  N N   . LEU A 1 20  ? -6.782  1.678   -1.405  1.00 24.27 ? 113 LEU A N   1 
ATOM   137  C CA  . LEU A 1 20  ? -7.141  0.931   -0.179  1.00 25.23 ? 113 LEU A CA  1 
ATOM   138  C C   . LEU A 1 20  ? -5.946  0.854   0.772   1.00 26.90 ? 113 LEU A C   1 
ATOM   139  O O   . LEU A 1 20  ? -4.918  0.367   0.426   1.00 27.12 ? 113 LEU A O   1 
ATOM   140  C CB  . LEU A 1 20  ? -7.648  -0.488  -0.536  1.00 27.26 ? 113 LEU A CB  1 
ATOM   141  C CG  . LEU A 1 20  ? -8.403  -1.207  0.612   1.00 28.40 ? 113 LEU A CG  1 
ATOM   142  C CD1 . LEU A 1 20  ? -9.794  -0.588  0.789   1.00 28.80 ? 113 LEU A CD1 1 
ATOM   143  C CD2 . LEU A 1 20  ? -8.485  -2.697  0.334   1.00 29.47 ? 113 LEU A CD2 1 
ATOM   144  N N   . LEU A 1 21  ? -6.108  1.385   1.996   1.00 26.95 ? 114 LEU A N   1 
ATOM   145  C CA  . LEU A 1 21  ? -5.071  1.294   2.954   1.00 26.62 ? 114 LEU A CA  1 
ATOM   146  C C   . LEU A 1 21  ? -5.590  0.476   4.141   1.00 26.16 ? 114 LEU A C   1 
ATOM   147  O O   . LEU A 1 21  ? -6.796  0.371   4.368   1.00 25.55 ? 114 LEU A O   1 
ATOM   148  C CB  . LEU A 1 21  ? -4.599  2.680   3.381   1.00 25.97 ? 114 LEU A CB  1 
ATOM   149  C CG  . LEU A 1 21  ? -4.064  3.674   2.369   1.00 26.89 ? 114 LEU A CG  1 
ATOM   150  C CD1 . LEU A 1 21  ? -3.482  4.874   3.085   1.00 30.44 ? 114 LEU A CD1 1 
ATOM   151  C CD2 . LEU A 1 21  ? -2.943  3.048   1.594   1.00 28.57 ? 114 LEU A CD2 1 
ATOM   152  N N   . VAL A 1 22  ? -4.660  -0.111  4.865   1.00 23.46 ? 115 VAL A N   1 
ATOM   153  C CA  . VAL A 1 22  ? -4.959  -0.857  6.065   1.00 25.55 ? 115 VAL A CA  1 
ATOM   154  C C   . VAL A 1 22  ? -4.139  -0.277  7.215   1.00 29.04 ? 115 VAL A C   1 
ATOM   155  O O   . VAL A 1 22  ? -3.073  0.310   7.015   1.00 26.55 ? 115 VAL A O   1 
ATOM   156  C CB  . VAL A 1 22  ? -4.677  -2.353  5.969   1.00 28.84 ? 115 VAL A CB  1 
ATOM   157  C CG1 . VAL A 1 22  ? -5.484  -2.961  4.832   1.00 29.47 ? 115 VAL A CG1 1 
ATOM   158  C CG2 . VAL A 1 22  ? -3.209  -2.630  5.749   1.00 30.46 ? 115 VAL A CG2 1 
ATOM   159  N N   . GLN A 1 23  ? -4.694  -0.431  8.422   1.00 25.56 ? 116 GLN A N   1 
ATOM   160  C CA  . GLN A 1 23  ? -4.147  0.125   9.639   1.00 24.82 ? 116 GLN A CA  1 
ATOM   161  C C   . GLN A 1 23  ? -3.845  -1.044  10.564  1.00 24.92 ? 116 GLN A C   1 
ATOM   162  O O   . GLN A 1 23  ? -4.718  -1.881  10.851  1.00 28.22 ? 116 GLN A O   1 
ATOM   163  C CB  . GLN A 1 23  ? -5.151  1.074   10.276  1.00 25.05 ? 116 GLN A CB  1 
ATOM   164  C CG  . GLN A 1 23  ? -4.637  1.763   11.521  1.00 26.92 ? 116 GLN A CG  1 
ATOM   165  C CD  . GLN A 1 23  ? -5.699  2.638   12.157  1.00 30.33 ? 116 GLN A CD  1 
ATOM   166  O OE1 . GLN A 1 23  ? -6.873  2.285   12.161  1.00 33.83 ? 116 GLN A OE1 1 
ATOM   167  N NE2 . GLN A 1 23  ? -5.282  3.762   12.690  1.00 30.29 ? 116 GLN A NE2 1 
ATOM   168  N N   . GLY A 1 24  ? -2.598  -1.165  10.977  1.00 30.06 ? 117 GLY A N   1 
ATOM   169  C CA  . GLY A 1 24  ? -2.254  -2.251  11.911  1.00 30.75 ? 117 GLY A CA  1 
ATOM   170  C C   . GLY A 1 24  ? -2.248  -1.768  13.358  1.00 29.82 ? 117 GLY A C   1 
ATOM   171  O O   . GLY A 1 24  ? -2.909  -0.827  13.707  1.00 31.10 ? 117 GLY A O   1 
ATOM   172  N N   . TYR A 1 25  ? -1.435  -2.401  14.178  1.00 34.51 ? 118 TYR A N   1 
ATOM   173  C CA  . TYR A 1 25  ? -1.325  -2.091  15.598  1.00 34.80 ? 118 TYR A CA  1 
ATOM   174  C C   . TYR A 1 25  ? 0.116   -1.897  15.992  1.00 38.74 ? 118 TYR A C   1 
ATOM   175  O O   . TYR A 1 25  ? 1.042   -2.361  15.289  1.00 34.83 ? 118 TYR A O   1 
ATOM   176  C CB  . TYR A 1 25  ? -1.805  -3.294  16.380  1.00 35.18 ? 118 TYR A CB  1 
ATOM   177  C CG  . TYR A 1 25  ? -3.257  -3.551  16.308  1.00 31.94 ? 118 TYR A CG  1 
ATOM   178  C CD1 . TYR A 1 25  ? -4.163  -2.675  16.869  1.00 34.08 ? 118 TYR A CD1 1 
ATOM   179  C CD2 . TYR A 1 25  ? -3.755  -4.637  15.631  1.00 30.43 ? 118 TYR A CD2 1 
ATOM   180  C CE1 . TYR A 1 25  ? -5.516  -2.944  16.827  1.00 30.91 ? 118 TYR A CE1 1 
ATOM   181  C CE2 . TYR A 1 25  ? -5.097  -4.849  15.533  1.00 31.51 ? 118 TYR A CE2 1 
ATOM   182  C CZ  . TYR A 1 25  ? -5.959  -4.015  16.132  1.00 33.28 ? 118 TYR A CZ  1 
ATOM   183  O OH  . TYR A 1 25  ? -7.267  -4.225  16.047  1.00 33.85 ? 118 TYR A OH  1 
ATOM   184  N N   . LEU A 1 26  ? 0.308   -1.218  17.122  1.00 40.72 ? 119 LEU A N   1 
ATOM   185  C CA  . LEU A 1 26  ? 1.640   -1.132  17.751  1.00 44.54 ? 119 LEU A CA  1 
ATOM   186  C C   . LEU A 1 26  ? 2.645   -0.489  16.806  1.00 43.69 ? 119 LEU A C   1 
ATOM   187  O O   . LEU A 1 26  ? 2.467   0.652   16.466  1.00 45.09 ? 119 LEU A O   1 
ATOM   188  C CB  . LEU A 1 26  ? 2.111   -2.512  18.263  1.00 44.95 ? 119 LEU A CB  1 
ATOM   189  C CG  . LEU A 1 26  ? 1.142   -3.147  19.304  1.00 50.12 ? 119 LEU A CG  1 
ATOM   190  C CD1 . LEU A 1 26  ? 1.574   -4.574  19.615  1.00 50.46 ? 119 LEU A CD1 1 
ATOM   191  C CD2 . LEU A 1 26  ? 1.020   -2.265  20.564  1.00 54.03 ? 119 LEU A CD2 1 
ATOM   192  N N   . ALA A 1 27  ? 3.697   -1.185  16.396  1.00 46.08 ? 120 ALA A N   1 
ATOM   193  C CA  . ALA A 1 27  ? 4.698   -0.575  15.508  1.00 48.22 ? 120 ALA A CA  1 
ATOM   194  C C   . ALA A 1 27  ? 4.081   -0.274  14.108  1.00 47.50 ? 120 ALA A C   1 
ATOM   195  O O   . ALA A 1 27  ? 4.472   0.690   13.451  1.00 47.02 ? 120 ALA A O   1 
ATOM   196  C CB  . ALA A 1 27  ? 5.933   -1.471  15.399  1.00 50.34 ? 120 ALA A CB  1 
ATOM   197  N N   . LYS A 1 28  ? 3.094   -1.087  13.701  1.00 45.47 ? 121 LYS A N   1 
ATOM   198  C CA  . LYS A 1 28  ? 2.351   -0.896  12.468  1.00 41.22 ? 121 LYS A CA  1 
ATOM   199  C C   . LYS A 1 28  ? 1.022   -0.121  12.652  1.00 38.51 ? 121 LYS A C   1 
ATOM   200  O O   . LYS A 1 28  ? 0.045   -0.330  11.944  1.00 34.90 ? 121 LYS A O   1 
ATOM   201  C CB  . LYS A 1 28  ? 2.113   -2.245  11.820  1.00 47.03 ? 121 LYS A CB  1 
ATOM   202  C CG  . LYS A 1 28  ? 3.376   -3.047  11.602  1.00 51.82 ? 121 LYS A CG  1 
ATOM   203  C CD  . LYS A 1 28  ? 3.118   -4.285  10.749  1.00 59.86 ? 121 LYS A CD  1 
ATOM   204  C CE  . LYS A 1 28  ? 4.422   -4.750  10.123  1.00 73.22 ? 121 LYS A CE  1 
ATOM   205  N NZ  . LYS A 1 28  ? 4.325   -6.072  9.463   1.00 73.34 ? 121 LYS A NZ  1 
ATOM   206  N N   . SER A 1 29  ? 0.998   0.787   13.600  1.00 36.16 ? 122 SER A N   1 
ATOM   207  C CA  . SER A 1 29  ? -0.201  1.505   13.974  1.00 43.53 ? 122 SER A CA  1 
ATOM   208  C C   . SER A 1 29  ? -0.820  2.512   12.967  1.00 45.31 ? 122 SER A C   1 
ATOM   209  O O   . SER A 1 29  ? -2.021  2.918   13.105  1.00 57.04 ? 122 SER A O   1 
ATOM   210  C CB  . SER A 1 29  ? 0.065   2.272   15.263  1.00 38.04 ? 122 SER A CB  1 
ATOM   211  O OG  . SER A 1 29  ? -1.148  2.851   15.631  1.00 53.21 ? 122 SER A OG  1 
ATOM   212  N N   . GLY A 1 30  ? -0.017  2.970   12.039  1.00 36.26 ? 123 GLY A N   1 
ATOM   213  C CA  . GLY A 1 30  ? -0.492  3.911   11.028  1.00 37.58 ? 123 GLY A CA  1 
ATOM   214  C C   . GLY A 1 30  ? -1.096  3.157   9.860   1.00 37.98 ? 123 GLY A C   1 
ATOM   215  O O   . GLY A 1 30  ? -1.345  1.932   9.912   1.00 35.39 ? 123 GLY A O   1 
ATOM   216  N N   . TRP A 1 31  ? -1.295  3.897   8.781   1.00 31.45 ? 124 TRP A N   1 
ATOM   217  C CA  . TRP A 1 31  ? -1.933  3.354   7.628   1.00 29.12 ? 124 TRP A CA  1 
ATOM   218  C C   . TRP A 1 31  ? -0.863  3.041   6.603   1.00 27.03 ? 124 TRP A C   1 
ATOM   219  O O   . TRP A 1 31  ? 0.001   3.893   6.389   1.00 31.03 ? 124 TRP A O   1 
ATOM   220  C CB  . TRP A 1 31  ? -2.845  4.393   7.023   1.00 25.22 ? 124 TRP A CB  1 
ATOM   221  C CG  . TRP A 1 31  ? -4.099  4.649   7.828   1.00 27.12 ? 124 TRP A CG  1 
ATOM   222  C CD1 . TRP A 1 31  ? -4.264  5.566   8.787   1.00 29.85 ? 124 TRP A CD1 1 
ATOM   223  C CD2 . TRP A 1 31  ? -5.280  3.850   7.831   1.00 27.08 ? 124 TRP A CD2 1 
ATOM   224  N NE1 . TRP A 1 31  ? -5.510  5.458   9.338   1.00 30.09 ? 124 TRP A NE1 1 
ATOM   225  C CE2 . TRP A 1 31  ? -6.161  4.409   8.769   1.00 29.06 ? 124 TRP A CE2 1 
ATOM   226  C CE3 . TRP A 1 31  ? -5.728  2.801   7.056   1.00 24.53 ? 124 TRP A CE3 1 
ATOM   227  C CZ2 . TRP A 1 31  ? -7.450  3.927   8.956   1.00 31.44 ? 124 TRP A CZ2 1 
ATOM   228  C CZ3 . TRP A 1 31  ? -6.978  2.299   7.276   1.00 28.46 ? 124 TRP A CZ3 1 
ATOM   229  C CH2 . TRP A 1 31  ? -7.824  2.844   8.207   1.00 28.99 ? 124 TRP A CH2 1 
ATOM   230  N N   . GLY A 1 32  ? -1.020  1.922   5.878   1.00 26.73 ? 125 GLY A N   1 
ATOM   231  C CA  . GLY A 1 32  ? -0.143  1.604   4.780   1.00 27.04 ? 125 GLY A CA  1 
ATOM   232  C C   . GLY A 1 32  ? -0.819  0.656   3.801   1.00 26.91 ? 125 GLY A C   1 
ATOM   233  O O   . GLY A 1 32  ? -1.919  0.245   4.007   1.00 26.19 ? 125 GLY A O   1 
ATOM   234  N N   . PHE A 1 33  ? -0.138  0.364   2.685   1.00 26.49 ? 126 PHE A N   1 
ATOM   235  C CA  . PHE A 1 33  ? -0.607  -0.594  1.719   1.00 25.72 ? 126 PHE A CA  1 
ATOM   236  C C   . PHE A 1 33  ? -0.458  -2.001  2.317   1.00 27.19 ? 126 PHE A C   1 
ATOM   237  O O   . PHE A 1 33  ? 0.461   -2.274  3.087   1.00 26.91 ? 126 PHE A O   1 
ATOM   238  C CB  . PHE A 1 33  ? 0.178   -0.457  0.411   1.00 23.94 ? 126 PHE A CB  1 
ATOM   239  C CG  . PHE A 1 33  ? -0.068  0.808   -0.258  1.00 25.25 ? 126 PHE A CG  1 
ATOM   240  C CD1 . PHE A 1 33  ? -1.272  1.038   -0.840  1.00 27.20 ? 126 PHE A CD1 1 
ATOM   241  C CD2 . PHE A 1 33  ? 0.840   1.844   -0.172  1.00 27.34 ? 126 PHE A CD2 1 
ATOM   242  C CE1 . PHE A 1 33  ? -1.553  2.214   -1.440  1.00 28.66 ? 126 PHE A CE1 1 
ATOM   243  C CE2 . PHE A 1 33  ? 0.576   3.063   -0.744  1.00 27.32 ? 126 PHE A CE2 1 
ATOM   244  C CZ  . PHE A 1 33  ? -0.633  3.248   -1.409  1.00 28.38 ? 126 PHE A CZ  1 
ATOM   245  N N   . PRO A 1 34  ? -1.418  -2.868  2.040   1.00 25.79 ? 127 PRO A N   1 
ATOM   246  C CA  . PRO A 1 34  ? -1.305  -4.240  2.462   1.00 28.29 ? 127 PRO A CA  1 
ATOM   247  C C   . PRO A 1 34  ? -0.130  -4.960  1.799   1.00 28.91 ? 127 PRO A C   1 
ATOM   248  O O   . PRO A 1 34  ? 0.000   -4.944  0.580   1.00 30.66 ? 127 PRO A O   1 
ATOM   249  C CB  . PRO A 1 34  ? -2.662  -4.832  2.099   1.00 26.29 ? 127 PRO A CB  1 
ATOM   250  C CG  . PRO A 1 34  ? -3.150  -4.015  0.980   1.00 27.81 ? 127 PRO A CG  1 
ATOM   251  C CD  . PRO A 1 34  ? -2.562  -2.637  1.140   1.00 26.49 ? 127 PRO A CD  1 
ATOM   252  N N   . LYS A 1 35  ? 0.757   -5.518  2.628   1.00 28.04 ? 128 LYS A N   1 
ATOM   253  C CA  . LYS A 1 35  ? 1.953   -6.184  2.175   1.00 29.63 ? 128 LYS A CA  1 
ATOM   254  C C   . LYS A 1 35  ? 2.595   -6.990  3.315   1.00 32.10 ? 128 LYS A C   1 
ATOM   255  O O   . LYS A 1 35  ? 2.287   -6.806  4.466   1.00 31.46 ? 128 LYS A O   1 
ATOM   256  C CB  . LYS A 1 35  ? 2.992   -5.207  1.623   1.00 30.78 ? 128 LYS A CB  1 
ATOM   257  C CG  . LYS A 1 35  ? 3.602   -4.269  2.679   1.00 32.47 ? 128 LYS A CG  1 
ATOM   258  C CD  . LYS A 1 35  ? 4.508   -3.243  2.058   1.00 42.94 ? 128 LYS A CD  1 
ATOM   259  C CE  . LYS A 1 35  ? 5.249   -2.424  3.135   1.00 47.91 ? 128 LYS A CE  1 
ATOM   260  N NZ  . LYS A 1 35  ? 6.156   -3.270  3.954   1.00 54.21 ? 128 LYS A NZ  1 
ATOM   261  N N   . GLY A 1 36  ? 3.521   -7.852  2.963   1.00 34.64 ? 129 GLY A N   1 
ATOM   262  C CA  . GLY A 1 36  ? 4.207   -8.629  4.009   1.00 32.47 ? 129 GLY A CA  1 
ATOM   263  C C   . GLY A 1 36  ? 5.401   -9.395  3.431   1.00 33.91 ? 129 GLY A C   1 
ATOM   264  O O   . GLY A 1 36  ? 5.636   -9.422  2.209   1.00 32.55 ? 129 GLY A O   1 
ATOM   265  N N   . LYS A 1 37  ? 6.136   -10.055 4.331   1.00 36.02 ? 130 LYS A N   1 
ATOM   266  C CA  . LYS A 1 37  ? 7.422   -10.676 4.023   1.00 40.55 ? 130 LYS A CA  1 
ATOM   267  C C   . LYS A 1 37  ? 7.229   -11.927 3.171   1.00 35.48 ? 130 LYS A C   1 
ATOM   268  O O   . LYS A 1 37  ? 6.290   -12.665 3.381   1.00 37.93 ? 130 LYS A O   1 
ATOM   269  C CB  . LYS A 1 37  ? 8.142   -11.007 5.349   1.00 48.65 ? 130 LYS A CB  1 
ATOM   270  C CG  . LYS A 1 37  ? 8.958   -9.848  5.942   1.00 50.16 ? 130 LYS A CG  1 
ATOM   271  C CD  . LYS A 1 37  ? 9.604   -10.308 7.257   1.00 54.40 ? 130 LYS A CD  1 
ATOM   272  N N   . VAL A 1 38  ? 8.059   -12.090 2.151   1.00 38.41 ? 131 VAL A N   1 
ATOM   273  C CA  . VAL A 1 38  ? 8.034   -13.295 1.334   1.00 47.02 ? 131 VAL A CA  1 
ATOM   274  C C   . VAL A 1 38  ? 8.468   -14.538 2.150   1.00 45.30 ? 131 VAL A C   1 
ATOM   275  O O   . VAL A 1 38  ? 9.397   -14.433 2.967   1.00 46.87 ? 131 VAL A O   1 
ATOM   276  C CB  . VAL A 1 38  ? 8.876   -13.108 0.046   1.00 47.29 ? 131 VAL A CB  1 
ATOM   277  C CG1 . VAL A 1 38  ? 10.376  -13.021 0.324   1.00 51.26 ? 131 VAL A CG1 1 
ATOM   278  C CG2 . VAL A 1 38  ? 8.573   -14.219 -0.958  1.00 53.09 ? 131 VAL A CG2 1 
ATOM   279  N N   . ASN A 1 39  ? 7.788   -15.675 1.941   1.00 51.20 ? 132 ASN A N   1 
ATOM   280  C CA  . ASN A 1 39  ? 8.196   -17.003 2.550   1.00 53.81 ? 132 ASN A CA  1 
ATOM   281  C C   . ASN A 1 39  ? 9.262   -17.675 1.663   1.00 55.39 ? 132 ASN A C   1 
ATOM   282  O O   . ASN A 1 39  ? 9.271   -17.443 0.463   1.00 52.23 ? 132 ASN A O   1 
ATOM   283  C CB  . ASN A 1 39  ? 7.010   -17.970 2.647   1.00 51.54 ? 132 ASN A CB  1 
ATOM   284  C CG  . ASN A 1 39  ? 5.920   -17.512 3.595   1.00 46.56 ? 132 ASN A CG  1 
ATOM   285  O OD1 . ASN A 1 39  ? 6.155   -16.819 4.571   1.00 57.21 ? 132 ASN A OD1 1 
ATOM   286  N ND2 . ASN A 1 39  ? 4.724   -17.955 3.337   1.00 48.46 ? 132 ASN A ND2 1 
ATOM   287  N N   . LYS A 1 40  ? 10.129  -18.526 2.235   1.00 60.33 ? 133 LYS A N   1 
ATOM   288  C CA  . LYS A 1 40  ? 11.134  -19.302 1.446   1.00 61.77 ? 133 LYS A CA  1 
ATOM   289  C C   . LYS A 1 40  ? 10.502  -20.017 0.235   1.00 55.51 ? 133 LYS A C   1 
ATOM   290  O O   . LYS A 1 40  ? 9.443   -20.624 0.362   1.00 55.07 ? 133 LYS A O   1 
ATOM   291  C CB  . LYS A 1 40  ? 11.866  -20.337 2.338   1.00 68.38 ? 133 LYS A CB  1 
ATOM   292  N N   . GLU A 1 41  ? 11.121  -19.881 -0.938  1.00 57.36 ? 134 GLU A N   1 
ATOM   293  C CA  . GLU A 1 41  ? 10.645  -20.509 -2.193  1.00 67.26 ? 134 GLU A CA  1 
ATOM   294  C C   . GLU A 1 41  ? 9.356   -19.882 -2.820  1.00 71.11 ? 134 GLU A C   1 
ATOM   295  O O   . GLU A 1 41  ? 9.025   -20.223 -3.965  1.00 72.30 ? 134 GLU A O   1 
ATOM   296  C CB  . GLU A 1 41  ? 10.495  -22.044 -2.033  1.00 72.43 ? 134 GLU A CB  1 
ATOM   297  N N   . GLU A 1 42  ? 8.682   -18.942 -2.122  1.00 62.86 ? 135 GLU A N   1 
ATOM   298  C CA  . GLU A 1 42  ? 7.422   -18.317 -2.596  1.00 48.77 ? 135 GLU A CA  1 
ATOM   299  C C   . GLU A 1 42  ? 7.700   -17.286 -3.689  1.00 47.23 ? 135 GLU A C   1 
ATOM   300  O O   . GLU A 1 42  ? 8.593   -16.467 -3.543  1.00 48.89 ? 135 GLU A O   1 
ATOM   301  C CB  . GLU A 1 42  ? 6.677   -17.683 -1.420  1.00 49.43 ? 135 GLU A CB  1 
ATOM   302  C CG  . GLU A 1 42  ? 5.298   -17.097 -1.714  1.00 46.17 ? 135 GLU A CG  1 
ATOM   303  C CD  . GLU A 1 42  ? 4.643   -16.504 -0.486  1.00 44.99 ? 135 GLU A CD  1 
ATOM   304  O OE1 . GLU A 1 42  ? 5.357   -15.829 0.299   1.00 45.88 ? 135 GLU A OE1 1 
ATOM   305  O OE2 . GLU A 1 42  ? 3.393   -16.683 -0.317  1.00 44.28 ? 135 GLU A OE2 1 
ATOM   306  N N   . ALA A 1 43  ? 6.939   -17.353 -4.793  1.00 44.79 ? 136 ALA A N   1 
ATOM   307  C CA  . ALA A 1 43  ? 7.050   -16.392 -5.892  1.00 46.04 ? 136 ALA A CA  1 
ATOM   308  C C   . ALA A 1 43  ? 6.501   -15.011 -5.465  1.00 43.62 ? 136 ALA A C   1 
ATOM   309  O O   . ALA A 1 43  ? 5.544   -14.945 -4.695  1.00 41.03 ? 136 ALA A O   1 
ATOM   310  C CB  . ALA A 1 43  ? 6.281   -16.863 -7.102  1.00 44.82 ? 136 ALA A CB  1 
ATOM   311  N N   . PRO A 1 44  ? 7.055   -13.948 -6.040  1.00 44.96 ? 137 PRO A N   1 
ATOM   312  C CA  . PRO A 1 44  ? 6.561   -12.601 -5.651  1.00 45.53 ? 137 PRO A CA  1 
ATOM   313  C C   . PRO A 1 44  ? 5.022   -12.434 -5.787  1.00 42.06 ? 137 PRO A C   1 
ATOM   314  O O   . PRO A 1 44  ? 4.399   -11.949 -4.860  1.00 38.99 ? 137 PRO A O   1 
ATOM   315  C CB  . PRO A 1 44  ? 7.357   -11.660 -6.582  1.00 50.10 ? 137 PRO A CB  1 
ATOM   316  C CG  . PRO A 1 44  ? 8.668   -12.431 -6.877  1.00 46.46 ? 137 PRO A CG  1 
ATOM   317  C CD  . PRO A 1 44  ? 8.169   -13.871 -7.023  1.00 47.22 ? 137 PRO A CD  1 
ATOM   318  N N   . HIS A 1 45  ? 4.436   -12.853 -6.908  1.00 39.97 ? 138 HIS A N   1 
ATOM   319  C CA  . HIS A 1 45  ? 2.978   -12.746 -7.132  1.00 41.16 ? 138 HIS A CA  1 
ATOM   320  C C   . HIS A 1 45  ? 2.144   -13.516 -6.126  1.00 38.39 ? 138 HIS A C   1 
ATOM   321  O O   . HIS A 1 45  ? 1.070   -13.038 -5.717  1.00 33.80 ? 138 HIS A O   1 
ATOM   322  C CB  . HIS A 1 45  ? 2.603   -13.042 -8.608  1.00 46.95 ? 138 HIS A CB  1 
ATOM   323  C CG  . HIS A 1 45  ? 2.484   -14.494 -8.944  1.00 59.89 ? 138 HIS A CG  1 
ATOM   324  N ND1 . HIS A 1 45  ? 3.523   -15.214 -9.508  1.00 68.46 ? 138 HIS A ND1 1 
ATOM   325  C CD2 . HIS A 1 45  ? 1.444   -15.360 -8.829  1.00 60.65 ? 138 HIS A CD2 1 
ATOM   326  C CE1 . HIS A 1 45  ? 3.123   -16.456 -9.735  1.00 58.54 ? 138 HIS A CE1 1 
ATOM   327  N NE2 . HIS A 1 45  ? 1.865   -16.571 -9.334  1.00 64.83 ? 138 HIS A NE2 1 
ATOM   328  N N   . ASP A 1 46  ? 2.651   -14.680 -5.668  1.00 36.15 ? 139 ASP A N   1 
ATOM   329  C CA  . ASP A 1 46  ? 1.928   -15.461 -4.677  1.00 37.59 ? 139 ASP A CA  1 
ATOM   330  C C   . ASP A 1 46  ? 2.039   -14.837 -3.282  1.00 32.75 ? 139 ASP A C   1 
ATOM   331  O O   . ASP A 1 46  ? 1.106   -14.863 -2.534  1.00 36.54 ? 139 ASP A O   1 
ATOM   332  C CB  . ASP A 1 46  ? 2.466   -16.887 -4.598  1.00 38.61 ? 139 ASP A CB  1 
ATOM   333  C CG  . ASP A 1 46  ? 2.123   -17.704 -5.843  1.00 45.86 ? 139 ASP A CG  1 
ATOM   334  O OD1 . ASP A 1 46  ? 1.008   -17.585 -6.355  1.00 46.43 ? 139 ASP A OD1 1 
ATOM   335  O OD2 . ASP A 1 46  ? 2.980   -18.482 -6.285  1.00 50.12 ? 139 ASP A OD2 1 
ATOM   336  N N   . CYS A 1 47  ? 3.184   -14.286 -2.947  1.00 35.05 ? 140 CYS A N   1 
ATOM   337  C CA  . CYS A 1 47  ? 3.293   -13.581 -1.675  1.00 32.89 ? 140 CYS A CA  1 
ATOM   338  C C   . CYS A 1 47  ? 2.327   -12.355 -1.646  1.00 30.75 ? 140 CYS A C   1 
ATOM   339  O O   . CYS A 1 47  ? 1.550   -12.195 -0.697  1.00 29.90 ? 140 CYS A O   1 
ATOM   340  C CB  . CYS A 1 47  ? 4.715   -13.125 -1.507  1.00 34.83 ? 140 CYS A CB  1 
ATOM   341  S SG  . CYS A 1 47  ? 4.945   -12.123 -0.036  1.00 38.15 ? 140 CYS A SG  1 
ATOM   342  N N   . ALA A 1 48  ? 2.277   -11.591 -2.744  1.00 35.29 ? 141 ALA A N   1 
ATOM   343  C CA  . ALA A 1 48  ? 1.388   -10.413 -2.800  1.00 32.37 ? 141 ALA A CA  1 
ATOM   344  C C   . ALA A 1 48  ? -0.078  -10.798 -2.544  1.00 31.90 ? 141 ALA A C   1 
ATOM   345  O O   . ALA A 1 48  ? -0.747  -10.210 -1.720  1.00 28.59 ? 141 ALA A O   1 
ATOM   346  C CB  . ALA A 1 48  ? 1.528   -9.691  -4.138  1.00 29.69 ? 141 ALA A CB  1 
ATOM   347  N N   . ALA A 1 49  ? -0.565  -11.809 -3.262  1.00 30.60 ? 142 ALA A N   1 
ATOM   348  C CA  . ALA A 1 49  ? -1.913  -12.335 -3.082  1.00 29.52 ? 142 ALA A CA  1 
ATOM   349  C C   . ALA A 1 49  ? -2.218  -12.870 -1.692  1.00 26.91 ? 142 ALA A C   1 
ATOM   350  O O   . ALA A 1 49  ? -3.273  -12.549 -1.122  1.00 28.80 ? 142 ALA A O   1 
ATOM   351  C CB  . ALA A 1 49  ? -2.186  -13.420 -4.133  1.00 32.38 ? 142 ALA A CB  1 
ATOM   352  N N   . ARG A 1 50  ? -1.287  -13.614 -1.120  1.00 27.37 ? 143 ARG A N   1 
ATOM   353  C CA  . ARG A 1 50  ? -1.434  -14.153 0.201   1.00 29.40 ? 143 ARG A CA  1 
ATOM   354  C C   . ARG A 1 50  ? -1.478  -13.030 1.222   1.00 31.54 ? 143 ARG A C   1 
ATOM   355  O O   . ARG A 1 50  ? -2.351  -13.012 2.087   1.00 30.35 ? 143 ARG A O   1 
ATOM   356  C CB  . ARG A 1 50  ? -0.236  -15.041 0.519   1.00 33.11 ? 143 ARG A CB  1 
ATOM   357  C CG  . ARG A 1 50  ? -0.304  -15.681 1.911   1.00 34.95 ? 143 ARG A CG  1 
ATOM   358  C CD  . ARG A 1 50  ? 0.896   -16.603 2.215   1.00 37.06 ? 143 ARG A CD  1 
ATOM   359  N NE  . ARG A 1 50  ? 2.209   -15.979 1.987   1.00 39.28 ? 143 ARG A NE  1 
ATOM   360  C CZ  . ARG A 1 50  ? 2.869   -15.147 2.824   1.00 38.81 ? 143 ARG A CZ  1 
ATOM   361  N NH1 . ARG A 1 50  ? 2.363   -14.787 3.984   1.00 41.84 ? 143 ARG A NH1 1 
ATOM   362  N NH2 . ARG A 1 50  ? 4.065   -14.698 2.497   1.00 40.49 ? 143 ARG A NH2 1 
ATOM   363  N N   . GLU A 1 51  ? -0.529  -12.089 1.150   1.00 30.37 ? 144 GLU A N   1 
ATOM   364  C CA  . GLU A 1 51  ? -0.514  -11.040 2.193   1.00 29.67 ? 144 GLU A CA  1 
ATOM   365  C C   . GLU A 1 51  ? -1.757  -10.185 2.062   1.00 28.60 ? 144 GLU A C   1 
ATOM   366  O O   . GLU A 1 51  ? -2.373  -9.790  3.056   1.00 30.98 ? 144 GLU A O   1 
ATOM   367  C CB  . GLU A 1 51  ? 0.695   -10.203 2.093   1.00 33.45 ? 144 GLU A CB  1 
ATOM   368  C CG  . GLU A 1 51  ? 1.953   -10.959 2.409   1.00 34.50 ? 144 GLU A CG  1 
ATOM   369  C CD  . GLU A 1 51  ? 2.142   -11.226 3.873   1.00 43.23 ? 144 GLU A CD  1 
ATOM   370  O OE1 . GLU A 1 51  ? 1.386   -10.663 4.691   1.00 40.27 ? 144 GLU A OE1 1 
ATOM   371  O OE2 . GLU A 1 51  ? 3.112   -11.950 4.226   1.00 47.53 ? 144 GLU A OE2 1 
ATOM   372  N N   . VAL A 1 52  ? -2.134  -9.902  0.827   1.00 28.48 ? 145 VAL A N   1 
ATOM   373  C CA  . VAL A 1 52  ? -3.319  -9.066  0.620   1.00 26.76 ? 145 VAL A CA  1 
ATOM   374  C C   . VAL A 1 52  ? -4.608  -9.766  1.065   1.00 28.16 ? 145 VAL A C   1 
ATOM   375  O O   . VAL A 1 52  ? -5.526  -9.121  1.652   1.00 30.12 ? 145 VAL A O   1 
ATOM   376  C CB  . VAL A 1 52  ? -3.365  -8.532  -0.813  1.00 29.80 ? 145 VAL A CB  1 
ATOM   377  C CG1 . VAL A 1 52  ? -4.671  -7.836  -1.031  1.00 32.64 ? 145 VAL A CG1 1 
ATOM   378  C CG2 . VAL A 1 52  ? -2.208  -7.598  -1.070  1.00 31.99 ? 145 VAL A CG2 1 
ATOM   379  N N   . PHE A 1 53  ? -4.719  -11.055 0.723   1.00 29.89 ? 146 PHE A N   1 
ATOM   380  C CA  . PHE A 1 53  ? -5.844  -11.837 1.230   1.00 29.82 ? 146 PHE A CA  1 
ATOM   381  C C   . PHE A 1 53  ? -5.877  -11.919 2.785   1.00 29.44 ? 146 PHE A C   1 
ATOM   382  O O   . PHE A 1 53  ? -6.917  -11.701 3.370   1.00 33.21 ? 146 PHE A O   1 
ATOM   383  C CB  . PHE A 1 53  ? -5.881  -13.243 0.582   1.00 30.20 ? 146 PHE A CB  1 
ATOM   384  C CG  . PHE A 1 53  ? -7.164  -13.978 0.861   1.00 34.65 ? 146 PHE A CG  1 
ATOM   385  C CD1 . PHE A 1 53  ? -8.302  -13.653 0.184   1.00 39.19 ? 146 PHE A CD1 1 
ATOM   386  C CD2 . PHE A 1 53  ? -7.237  -14.899 1.887   1.00 43.23 ? 146 PHE A CD2 1 
ATOM   387  C CE1 . PHE A 1 53  ? -9.505  -14.258 0.470   1.00 43.42 ? 146 PHE A CE1 1 
ATOM   388  C CE2 . PHE A 1 53  ? -8.433  -15.528 2.189   1.00 47.05 ? 146 PHE A CE2 1 
ATOM   389  C CZ  . PHE A 1 53  ? -9.577  -15.198 1.477   1.00 45.37 ? 146 PHE A CZ  1 
ATOM   390  N N   . GLU A 1 54  ? -4.752  -12.190 3.417   1.00 30.06 ? 147 GLU A N   1 
ATOM   391  C CA  . GLU A 1 54  ? -4.661  -12.206 4.923   1.00 37.38 ? 147 GLU A CA  1 
ATOM   392  C C   . GLU A 1 54  ? -5.055  -10.905 5.559   1.00 37.57 ? 147 GLU A C   1 
ATOM   393  O O   . GLU A 1 54  ? -5.707  -10.893 6.599   1.00 36.78 ? 147 GLU A O   1 
ATOM   394  C CB  . GLU A 1 54  ? -3.231  -12.457 5.398   1.00 44.88 ? 147 GLU A CB  1 
ATOM   395  C CG  . GLU A 1 54  ? -2.689  -13.865 5.204   1.00 53.36 ? 147 GLU A CG  1 
ATOM   396  C CD  . GLU A 1 54  ? -1.187  -14.010 5.590   1.00 63.11 ? 147 GLU A CD  1 
ATOM   397  O OE1 . GLU A 1 54  ? -0.531  -13.013 6.060   1.00 64.48 ? 147 GLU A OE1 1 
ATOM   398  O OE2 . GLU A 1 54  ? -0.646  -15.144 5.417   1.00 65.29 ? 147 GLU A OE2 1 
ATOM   399  N N   . GLU A 1 55  ? -4.649  -9.791  4.935   1.00 32.67 ? 148 GLU A N   1 
ATOM   400  C CA  . GLU A 1 55  ? -4.950  -8.463  5.522   1.00 34.30 ? 148 GLU A CA  1 
ATOM   401  C C   . GLU A 1 55  ? -6.265  -7.777  5.144   1.00 32.10 ? 148 GLU A C   1 
ATOM   402  O O   . GLU A 1 55  ? -6.630  -6.846  5.787   1.00 33.64 ? 148 GLU A O   1 
ATOM   403  C CB  . GLU A 1 55  ? -3.768  -7.521  5.236   1.00 33.29 ? 148 GLU A CB  1 
ATOM   404  C CG  . GLU A 1 55  ? -2.503  -7.975  5.931   1.00 36.92 ? 148 GLU A CG  1 
ATOM   405  C CD  . GLU A 1 55  ? -1.295  -7.244  5.435   1.00 41.74 ? 148 GLU A CD  1 
ATOM   406  O OE1 . GLU A 1 55  ? -1.456  -6.097  4.987   1.00 39.25 ? 148 GLU A OE1 1 
ATOM   407  O OE2 . GLU A 1 55  ? -0.190  -7.830  5.465   1.00 47.22 ? 148 GLU A OE2 1 
ATOM   408  N N   . THR A 1 56  ? -6.887  -8.149  4.035   1.00 32.19 ? 149 THR A N   1 
ATOM   409  C CA  . THR A 1 56  ? -8.068  -7.463  3.505   1.00 31.14 ? 149 THR A CA  1 
ATOM   410  C C   . THR A 1 56  ? -9.206  -8.424  3.222   1.00 32.55 ? 149 THR A C   1 
ATOM   411  O O   . THR A 1 56  ? -10.328 -7.995  2.987   1.00 33.67 ? 149 THR A O   1 
ATOM   412  C CB  . THR A 1 56  ? -7.760  -6.737  2.153   1.00 31.75 ? 149 THR A CB  1 
ATOM   413  O OG1 . THR A 1 56  ? -7.584  -7.701  1.065   1.00 29.86 ? 149 THR A OG1 1 
ATOM   414  C CG2 . THR A 1 56  ? -6.494  -5.915  2.293   1.00 30.76 ? 149 THR A CG2 1 
ATOM   415  N N   . GLY A 1 57  ? -8.912  -9.698  3.113   1.00 31.38 ? 150 GLY A N   1 
ATOM   416  C CA  . GLY A 1 57  ? -9.925  -10.645 2.633   1.00 37.17 ? 150 GLY A CA  1 
ATOM   417  C C   . GLY A 1 57  ? -10.247 -10.593 1.143   1.00 37.62 ? 150 GLY A C   1 
ATOM   418  O O   . GLY A 1 57  ? -11.200 -11.219 0.718   1.00 37.04 ? 150 GLY A O   1 
ATOM   419  N N   . PHE A 1 58  ? -9.464  -9.896  0.338   1.00 32.92 ? 151 PHE A N   1 
ATOM   420  C CA  . PHE A 1 58  ? -9.782  -9.781  -1.051  1.00 32.14 ? 151 PHE A CA  1 
ATOM   421  C C   . PHE A 1 58  ? -8.717  -10.496 -1.806  1.00 32.76 ? 151 PHE A C   1 
ATOM   422  O O   . PHE A 1 58  ? -7.517  -10.369 -1.498  1.00 32.15 ? 151 PHE A O   1 
ATOM   423  C CB  . PHE A 1 58  ? -10.003 -8.341  -1.445  1.00 32.82 ? 151 PHE A CB  1 
ATOM   424  C CG  . PHE A 1 58  ? -10.327 -8.148  -2.906  1.00 33.73 ? 151 PHE A CG  1 
ATOM   425  C CD1 . PHE A 1 58  ? -11.634 -8.304  -3.365  1.00 35.89 ? 151 PHE A CD1 1 
ATOM   426  C CD2 . PHE A 1 58  ? -9.325  -7.830  -3.824  1.00 35.37 ? 151 PHE A CD2 1 
ATOM   427  C CE1 . PHE A 1 58  ? -11.948 -8.152  -4.698  1.00 37.53 ? 151 PHE A CE1 1 
ATOM   428  C CE2 . PHE A 1 58  ? -9.646  -7.593  -5.164  1.00 32.63 ? 151 PHE A CE2 1 
ATOM   429  C CZ  . PHE A 1 58  ? -10.957 -7.815  -5.596  1.00 35.00 ? 151 PHE A CZ  1 
ATOM   430  N N   . ASP A 1 59  ? -9.125  -11.314 -2.793  1.00 31.65 ? 152 ASP A N   1 
ATOM   431  C CA  . ASP A 1 59  ? -8.150  -12.173 -3.486  1.00 33.58 ? 152 ASP A CA  1 
ATOM   432  C C   . ASP A 1 59  ? -7.820  -11.507 -4.781  1.00 35.01 ? 152 ASP A C   1 
ATOM   433  O O   . ASP A 1 59  ? -8.697  -11.330 -5.688  1.00 34.68 ? 152 ASP A O   1 
ATOM   434  C CB  . ASP A 1 59  ? -8.748  -13.563 -3.705  1.00 37.06 ? 152 ASP A CB  1 
ATOM   435  C CG  . ASP A 1 59  ? -7.824  -14.506 -4.453  1.00 39.67 ? 152 ASP A CG  1 
ATOM   436  O OD1 . ASP A 1 59  ? -6.664  -14.186 -4.819  1.00 39.55 ? 152 ASP A OD1 1 
ATOM   437  O OD2 . ASP A 1 59  ? -8.284  -15.636 -4.708  1.00 49.75 ? 152 ASP A OD2 1 
ATOM   438  N N   . ILE A 1 60  ? -6.568  -11.100 -4.888  1.00 31.54 ? 153 ILE A N   1 
ATOM   439  C CA  . ILE A 1 60  ? -6.141  -10.368 -6.087  1.00 32.44 ? 153 ILE A CA  1 
ATOM   440  C C   . ILE A 1 60  ? -5.572  -11.276 -7.182  1.00 31.37 ? 153 ILE A C   1 
ATOM   441  O O   . ILE A 1 60  ? -5.100  -10.810 -8.178  1.00 32.49 ? 153 ILE A O   1 
ATOM   442  C CB  . ILE A 1 60  ? -5.127  -9.265  -5.776  1.00 29.86 ? 153 ILE A CB  1 
ATOM   443  C CG1 . ILE A 1 60  ? -3.807  -9.817  -5.328  1.00 31.27 ? 153 ILE A CG1 1 
ATOM   444  C CG2 . ILE A 1 60  ? -5.695  -8.189  -4.888  1.00 33.80 ? 153 ILE A CG2 1 
ATOM   445  C CD1 . ILE A 1 60  ? -2.748  -8.751  -5.205  1.00 31.26 ? 153 ILE A CD1 1 
ATOM   446  N N   . LYS A 1 61  ? -5.583  -12.572 -6.971  1.00 32.12 ? 154 LYS A N   1 
ATOM   447  C CA  . LYS A 1 61  ? -4.758  -13.444 -7.781  1.00 41.53 ? 154 LYS A CA  1 
ATOM   448  C C   . LYS A 1 61  ? -5.200  -13.320 -9.253  1.00 37.51 ? 154 LYS A C   1 
ATOM   449  O O   . LYS A 1 61  ? -4.358  -13.230 -10.131 1.00 33.29 ? 154 LYS A O   1 
ATOM   450  C CB  . LYS A 1 61  ? -4.839  -14.898 -7.249  1.00 44.83 ? 154 LYS A CB  1 
ATOM   451  C CG  . LYS A 1 61  ? -4.666  -16.025 -8.251  1.00 60.88 ? 154 LYS A CG  1 
ATOM   452  C CD  . LYS A 1 61  ? -4.726  -17.440 -7.632  1.00 66.42 ? 154 LYS A CD  1 
ATOM   453  C CE  . LYS A 1 61  ? -5.960  -17.725 -6.748  1.00 71.65 ? 154 LYS A CE  1 
ATOM   454  N NZ  . LYS A 1 61  ? -7.308  -17.622 -7.391  1.00 75.02 ? 154 LYS A NZ  1 
ATOM   455  N N   . ASP A 1 62  ? -6.509  -13.254 -9.502  1.00 36.47 ? 155 ASP A N   1 
ATOM   456  C CA  . ASP A 1 62  ? -6.985  -13.169 -10.916 1.00 36.45 ? 155 ASP A CA  1 
ATOM   457  C C   . ASP A 1 62  ? -6.699  -11.821 -11.568 1.00 39.18 ? 155 ASP A C   1 
ATOM   458  O O   . ASP A 1 62  ? -6.861  -11.690 -12.791 1.00 40.57 ? 155 ASP A O   1 
ATOM   459  C CB  . ASP A 1 62  ? -8.484  -13.394 -10.943 1.00 44.39 ? 155 ASP A CB  1 
ATOM   460  C CG  . ASP A 1 62  ? -8.888  -14.863 -10.695 1.00 51.86 ? 155 ASP A CG  1 
ATOM   461  O OD1 . ASP A 1 62  ? -8.051  -15.792 -10.759 1.00 54.81 ? 155 ASP A OD1 1 
ATOM   462  O OD2 . ASP A 1 62  ? -10.085 -15.071 -10.440 1.00 52.05 ? 155 ASP A OD2 1 
ATOM   463  N N   . TYR A 1 63  ? -6.318  -10.791 -10.766 1.00 34.81 ? 156 TYR A N   1 
ATOM   464  C CA  . TYR A 1 63  ? -6.162  -9.417  -11.262 1.00 33.83 ? 156 TYR A CA  1 
ATOM   465  C C   . TYR A 1 63  ? -4.743  -8.908  -11.360 1.00 36.86 ? 156 TYR A C   1 
ATOM   466  O O   . TYR A 1 63  ? -4.487  -7.917  -12.047 1.00 38.37 ? 156 TYR A O   1 
ATOM   467  C CB  . TYR A 1 63  ? -6.956  -8.437  -10.436 1.00 34.41 ? 156 TYR A CB  1 
ATOM   468  C CG  . TYR A 1 63  ? -8.311  -8.881  -10.265 1.00 34.73 ? 156 TYR A CG  1 
ATOM   469  C CD1 . TYR A 1 63  ? -9.083  -9.206  -11.408 1.00 43.09 ? 156 TYR A CD1 1 
ATOM   470  C CD2 . TYR A 1 63  ? -8.802  -9.158  -9.041  1.00 36.39 ? 156 TYR A CD2 1 
ATOM   471  C CE1 . TYR A 1 63  ? -10.344 -9.727  -11.286 1.00 45.31 ? 156 TYR A CE1 1 
ATOM   472  C CE2 . TYR A 1 63  ? -10.065 -9.679  -8.870  1.00 41.34 ? 156 TYR A CE2 1 
ATOM   473  C CZ  . TYR A 1 63  ? -10.838 -9.936  -10.003 1.00 47.06 ? 156 TYR A CZ  1 
ATOM   474  O OH  . TYR A 1 63  ? -12.070 -10.440 -9.852  1.00 51.60 ? 156 TYR A OH  1 
ATOM   475  N N   . ILE A 1 64  ? -3.792  -9.586  -10.740 1.00 34.94 ? 157 ILE A N   1 
ATOM   476  C CA  . ILE A 1 64  ? -2.396  -9.126  -10.817 1.00 36.69 ? 157 ILE A CA  1 
ATOM   477  C C   . ILE A 1 64  ? -1.898  -9.146  -12.229 1.00 41.74 ? 157 ILE A C   1 
ATOM   478  O O   . ILE A 1 64  ? -2.127  -10.160 -12.970 1.00 40.36 ? 157 ILE A O   1 
ATOM   479  C CB  . ILE A 1 64  ? -1.408  -10.055 -10.035 1.00 39.38 ? 157 ILE A CB  1 
ATOM   480  C CG1 . ILE A 1 64  ? -1.484  -9.787  -8.544  1.00 45.29 ? 157 ILE A CG1 1 
ATOM   481  C CG2 . ILE A 1 64  ? 0.045   -9.816  -10.425 1.00 40.12 ? 157 ILE A CG2 1 
ATOM   482  C CD1 . ILE A 1 64  ? -0.810  -10.828 -7.646  1.00 46.22 ? 157 ILE A CD1 1 
ATOM   483  N N   A CYS A 1 65  ? -1.220  -8.071  -12.616 0.25 35.97 ? 158 CYS A N   1 
ATOM   484  N N   B CYS A 1 65  ? -1.228  -8.068  -12.633 0.25 41.11 ? 158 CYS A N   1 
ATOM   485  C CA  A CYS A 1 65  ? -0.523  -7.988  -13.878 0.25 35.69 ? 158 CYS A CA  1 
ATOM   486  C CA  B CYS A 1 65  ? -0.557  -7.972  -13.922 0.25 43.92 ? 158 CYS A CA  1 
ATOM   487  C C   A CYS A 1 65  ? 0.959   -7.955  -13.576 0.25 39.22 ? 158 CYS A C   1 
ATOM   488  C C   B CYS A 1 65  ? 0.946   -7.917  -13.645 0.25 44.04 ? 158 CYS A C   1 
ATOM   489  O O   A CYS A 1 65  ? 1.434   -7.079  -12.849 0.25 40.26 ? 158 CYS A O   1 
ATOM   490  O O   B CYS A 1 65  ? 1.422   -6.977  -13.006 0.25 45.51 ? 158 CYS A O   1 
ATOM   491  C CB  A CYS A 1 65  ? -0.936  -6.753  -14.634 0.25 34.02 ? 158 CYS A CB  1 
ATOM   492  C CB  B CYS A 1 65  ? -1.033  -6.735  -14.685 0.25 47.62 ? 158 CYS A CB  1 
ATOM   493  S SG  A CYS A 1 65  ? -2.646  -6.815  -15.162 0.25 29.09 ? 158 CYS A SG  1 
ATOM   494  S SG  B CYS A 1 65  ? -0.148  -6.384  -16.231 0.25 56.55 ? 158 CYS A SG  1 
ATOM   495  N N   . LYS A 1 66  ? 1.681   -8.924  -14.123 1.00 41.16 ? 159 LYS A N   1 
ATOM   496  C CA  . LYS A 1 66  ? 3.125   -9.109  -13.840 1.00 42.60 ? 159 LYS A CA  1 
ATOM   497  C C   . LYS A 1 66  ? 4.010   -7.900  -13.914 1.00 40.96 ? 159 LYS A C   1 
ATOM   498  O O   . LYS A 1 66  ? 4.944   -7.761  -13.113 1.00 43.95 ? 159 LYS A O   1 
ATOM   499  C CB  . LYS A 1 66  ? 3.716   -10.178 -14.791 1.00 47.03 ? 159 LYS A CB  1 
ATOM   500  C CG  . LYS A 1 66  ? 3.724   -9.802  -16.281 1.00 54.66 ? 159 LYS A CG  1 
ATOM   501  N N   . ASP A 1 67  ? 3.734   -7.027  -14.865 1.00 40.94 ? 160 ASP A N   1 
ATOM   502  C CA  . ASP A 1 67  ? 4.572   -5.839  -15.076 1.00 46.11 ? 160 ASP A CA  1 
ATOM   503  C C   . ASP A 1 67  ? 4.028   -4.572  -14.455 1.00 43.27 ? 160 ASP A C   1 
ATOM   504  O O   . ASP A 1 67  ? 4.644   -3.517  -14.604 1.00 39.15 ? 160 ASP A O   1 
ATOM   505  C CB  . ASP A 1 67  ? 4.722   -5.606  -16.585 1.00 57.72 ? 160 ASP A CB  1 
ATOM   506  C CG  . ASP A 1 67  ? 5.426   -6.764  -17.258 1.00 68.45 ? 160 ASP A CG  1 
ATOM   507  O OD1 . ASP A 1 67  ? 6.569   -7.049  -16.830 1.00 70.62 ? 160 ASP A OD1 1 
ATOM   508  O OD2 . ASP A 1 67  ? 4.813   -7.416  -18.139 1.00 69.79 ? 160 ASP A OD2 1 
ATOM   509  N N   . ASP A 1 68  ? 2.893   -4.643  -13.759 1.00 38.21 ? 161 ASP A N   1 
ATOM   510  C CA  . ASP A 1 68  ? 2.273   -3.435  -13.183 1.00 34.89 ? 161 ASP A CA  1 
ATOM   511  C C   . ASP A 1 68  ? 2.493   -3.384  -11.695 1.00 31.89 ? 161 ASP A C   1 
ATOM   512  O O   . ASP A 1 68  ? 1.721   -3.947  -10.932 1.00 29.32 ? 161 ASP A O   1 
ATOM   513  C CB  . ASP A 1 68  ? 0.788   -3.407  -13.457 1.00 37.47 ? 161 ASP A CB  1 
ATOM   514  C CG  . ASP A 1 68  ? 0.464   -3.298  -14.914 1.00 41.15 ? 161 ASP A CG  1 
ATOM   515  O OD1 . ASP A 1 68  ? 1.377   -3.026  -15.677 1.00 38.81 ? 161 ASP A OD1 1 
ATOM   516  O OD2 . ASP A 1 68  ? -0.733  -3.371  -15.264 1.00 38.26 ? 161 ASP A OD2 1 
ATOM   517  N N   . TYR A 1 69  ? 3.600   -2.782  -11.284 1.00 33.80 ? 162 TYR A N   1 
ATOM   518  C CA  . TYR A 1 69  ? 3.900   -2.682  -9.851  1.00 30.56 ? 162 TYR A CA  1 
ATOM   519  C C   . TYR A 1 69  ? 4.756   -1.453  -9.601  1.00 35.58 ? 162 TYR A C   1 
ATOM   520  O O   . TYR A 1 69  ? 5.303   -0.864  -10.540 1.00 33.78 ? 162 TYR A O   1 
ATOM   521  C CB  . TYR A 1 69  ? 4.567   -3.955  -9.321  1.00 34.04 ? 162 TYR A CB  1 
ATOM   522  C CG  . TYR A 1 69  ? 5.887   -4.288  -10.035 1.00 39.65 ? 162 TYR A CG  1 
ATOM   523  C CD1 . TYR A 1 69  ? 7.109   -3.646  -9.679  1.00 42.48 ? 162 TYR A CD1 1 
ATOM   524  C CD2 . TYR A 1 69  ? 5.904   -5.239  -11.056 1.00 40.69 ? 162 TYR A CD2 1 
ATOM   525  C CE1 . TYR A 1 69  ? 8.288   -3.949  -10.329 1.00 41.75 ? 162 TYR A CE1 1 
ATOM   526  C CE2 . TYR A 1 69  ? 7.077   -5.534  -11.746 1.00 45.59 ? 162 TYR A CE2 1 
ATOM   527  C CZ  . TYR A 1 69  ? 8.255   -4.910  -11.368 1.00 49.54 ? 162 TYR A CZ  1 
ATOM   528  O OH  . TYR A 1 69  ? 9.385   -5.225  -12.039 1.00 58.71 ? 162 TYR A OH  1 
ATOM   529  N N   . ILE A 1 70  ? 4.817   -1.033  -8.356  1.00 35.37 ? 163 ILE A N   1 
ATOM   530  C CA  . ILE A 1 70  ? 5.809   -0.059  -7.878  1.00 36.34 ? 163 ILE A CA  1 
ATOM   531  C C   . ILE A 1 70  ? 6.692   -0.722  -6.872  1.00 34.14 ? 163 ILE A C   1 
ATOM   532  O O   . ILE A 1 70  ? 6.218   -1.357  -5.944  1.00 31.98 ? 163 ILE A O   1 
ATOM   533  C CB  . ILE A 1 70  ? 5.113   1.178   -7.308  1.00 40.75 ? 163 ILE A CB  1 
ATOM   534  C CG1 . ILE A 1 70  ? 4.543   1.948   -8.486  1.00 43.90 ? 163 ILE A CG1 1 
ATOM   535  C CG2 . ILE A 1 70  ? 6.100   2.113   -6.600  1.00 45.62 ? 163 ILE A CG2 1 
ATOM   536  C CD1 . ILE A 1 70  ? 3.479   2.908   -8.053  1.00 48.91 ? 163 ILE A CD1 1 
ATOM   537  N N   . GLU A 1 71  ? 8.002   -0.596  -7.082  1.00 34.13 ? 164 GLU A N   1 
ATOM   538  C CA  . GLU A 1 71  ? 8.989   -1.241  -6.227  1.00 35.25 ? 164 GLU A CA  1 
ATOM   539  C C   . GLU A 1 71  ? 9.906   -0.170  -5.629  1.00 38.04 ? 164 GLU A C   1 
ATOM   540  O O   . GLU A 1 71  ? 10.392  0.671   -6.349  1.00 38.27 ? 164 GLU A O   1 
ATOM   541  C CB  . GLU A 1 71  ? 9.791   -2.199  -7.037  1.00 40.02 ? 164 GLU A CB  1 
ATOM   542  C CG  . GLU A 1 71  ? 10.748  -3.054  -6.261  1.00 47.90 ? 164 GLU A CG  1 
ATOM   543  C CD  . GLU A 1 71  ? 11.351  -4.095  -7.205  1.00 55.55 ? 164 GLU A CD  1 
ATOM   544  O OE1 . GLU A 1 71  ? 12.246  -3.715  -8.004  1.00 57.34 ? 164 GLU A OE1 1 
ATOM   545  O OE2 . GLU A 1 71  ? 10.884  -5.255  -7.177  1.00 46.92 ? 164 GLU A OE2 1 
ATOM   546  N N   . LEU A 1 72  ? 10.106  -0.195  -4.327  1.00 35.16 ? 165 LEU A N   1 
ATOM   547  C CA  . LEU A 1 72  ? 11.011  0.726   -3.685  1.00 39.33 ? 165 LEU A CA  1 
ATOM   548  C C   . LEU A 1 72  ? 11.952  -0.014  -2.734  1.00 40.10 ? 165 LEU A C   1 
ATOM   549  O O   . LEU A 1 72  ? 11.583  -0.981  -2.082  1.00 39.20 ? 165 LEU A O   1 
ATOM   550  C CB  . LEU A 1 72  ? 10.236  1.736   -2.845  1.00 38.45 ? 165 LEU A CB  1 
ATOM   551  C CG  . LEU A 1 72  ? 9.314   2.657   -3.554  1.00 41.76 ? 165 LEU A CG  1 
ATOM   552  C CD1 . LEU A 1 72  ? 8.594   3.468   -2.485  1.00 40.62 ? 165 LEU A CD1 1 
ATOM   553  C CD2 . LEU A 1 72  ? 10.038  3.558   -4.573  1.00 41.87 ? 165 LEU A CD2 1 
ATOM   554  N N   . ARG A 1 73  ? 13.157  0.507   -2.603  1.00 41.87 ? 166 ARG A N   1 
ATOM   555  C CA  . ARG A 1 73  ? 14.092  -0.016  -1.646  1.00 47.10 ? 166 ARG A CA  1 
ATOM   556  C C   . ARG A 1 73  ? 14.247  1.041   -0.582  1.00 43.47 ? 166 ARG A C   1 
ATOM   557  O O   . ARG A 1 73  ? 14.661  2.163   -0.850  1.00 47.21 ? 166 ARG A O   1 
ATOM   558  C CB  . ARG A 1 73  ? 15.425  -0.356  -2.310  1.00 51.21 ? 166 ARG A CB  1 
ATOM   559  C CG  . ARG A 1 73  ? 16.386  -1.077  -1.374  1.00 57.59 ? 166 ARG A CG  1 
ATOM   560  C CD  . ARG A 1 73  ? 17.772  -1.247  -2.004  1.00 66.13 ? 166 ARG A CD  1 
ATOM   561  N NE  . ARG A 1 73  ? 18.471  0.046   -2.184  1.00 60.96 ? 166 ARG A NE  1 
ATOM   562  C CZ  . ARG A 1 73  ? 19.276  0.358   -3.215  1.00 68.07 ? 166 ARG A CZ  1 
ATOM   563  N NH1 . ARG A 1 73  ? 19.535  -0.503  -4.207  1.00 66.16 ? 166 ARG A NH1 1 
ATOM   564  N NH2 . ARG A 1 73  ? 19.845  1.563   -3.267  1.00 66.63 ? 166 ARG A NH2 1 
ATOM   565  N N   . ILE A 1 74  ? 13.880  0.684   0.623   1.00 39.23 ? 167 ILE A N   1 
ATOM   566  C CA  . ILE A 1 74  ? 13.938  1.578   1.730   1.00 45.67 ? 167 ILE A CA  1 
ATOM   567  C C   . ILE A 1 74  ? 14.836  0.905   2.753   1.00 47.74 ? 167 ILE A C   1 
ATOM   568  O O   . ILE A 1 74  ? 14.588  -0.240  3.169   1.00 42.43 ? 167 ILE A O   1 
ATOM   569  C CB  . ILE A 1 74  ? 12.517  1.781   2.272   1.00 53.12 ? 167 ILE A CB  1 
ATOM   570  C CG1 . ILE A 1 74  ? 11.700  2.589   1.224   1.00 52.82 ? 167 ILE A CG1 1 
ATOM   571  C CG2 . ILE A 1 74  ? 12.549  2.434   3.659   1.00 55.96 ? 167 ILE A CG2 1 
ATOM   572  C CD1 . ILE A 1 74  ? 10.204  2.509   1.445   1.00 56.41 ? 167 ILE A CD1 1 
ATOM   573  N N   . ASN A 1 75  ? 15.906  1.591   3.120   1.00 42.99 ? 168 ASN A N   1 
ATOM   574  C CA  . ASN A 1 75  ? 16.882  1.041   4.049   1.00 47.51 ? 168 ASN A CA  1 
ATOM   575  C C   . ASN A 1 75  ? 17.270  -0.366  3.755   1.00 45.73 ? 168 ASN A C   1 
ATOM   576  O O   . ASN A 1 75  ? 17.229  -1.237  4.614   1.00 53.40 ? 168 ASN A O   1 
ATOM   577  C CB  . ASN A 1 75  ? 16.325  1.168   5.450   1.00 48.86 ? 168 ASN A CB  1 
ATOM   578  C CG  . ASN A 1 75  ? 16.144  2.601   5.814   1.00 50.94 ? 168 ASN A CG  1 
ATOM   579  O OD1 . ASN A 1 75  ? 16.973  3.445   5.420   1.00 49.63 ? 168 ASN A OD1 1 
ATOM   580  N ND2 . ASN A 1 75  ? 15.051  2.917   6.497   1.00 47.73 ? 168 ASN A ND2 1 
ATOM   581  N N   . ASP A 1 76  ? 17.574  -0.563  2.500   1.00 40.96 ? 169 ASP A N   1 
ATOM   582  C CA  . ASP A 1 76  ? 18.067  -1.800  1.961   1.00 61.10 ? 169 ASP A CA  1 
ATOM   583  C C   . ASP A 1 76  ? 17.067  -2.996  2.056   1.00 61.51 ? 169 ASP A C   1 
ATOM   584  O O   . ASP A 1 76  ? 17.491  -4.153  2.054   1.00 71.29 ? 169 ASP A O   1 
ATOM   585  C CB  . ASP A 1 76  ? 19.455  -2.099  2.563   1.00 65.59 ? 169 ASP A CB  1 
ATOM   586  C CG  . ASP A 1 76  ? 20.500  -2.366  1.492   1.00 76.55 ? 169 ASP A CG  1 
ATOM   587  O OD1 . ASP A 1 76  ? 20.994  -1.405  0.728   1.00 59.76 ? 169 ASP A OD1 1 
ATOM   588  O OD2 . ASP A 1 76  ? 20.804  -3.585  1.441   1.00 75.60 ? 169 ASP A OD2 1 
ATOM   589  N N   . GLN A 1 77  ? 15.765  -2.696  2.122   1.00 56.83 ? 170 GLN A N   1 
ATOM   590  C CA  . GLN A 1 77  ? 14.670  -3.695  2.010   1.00 54.09 ? 170 GLN A CA  1 
ATOM   591  C C   . GLN A 1 77  ? 13.790  -3.338  0.794   1.00 53.99 ? 170 GLN A C   1 
ATOM   592  O O   . GLN A 1 77  ? 13.353  -2.191  0.632   1.00 49.02 ? 170 GLN A O   1 
ATOM   593  C CB  . GLN A 1 77  ? 13.826  -3.719  3.269   1.00 63.19 ? 170 GLN A CB  1 
ATOM   594  C CG  . GLN A 1 77  ? 12.522  -4.546  3.163   1.00 76.66 ? 170 GLN A CG  1 
ATOM   595  C CD  . GLN A 1 77  ? 12.260  -5.494  4.331   1.00 79.08 ? 170 GLN A CD  1 
ATOM   596  O OE1 . GLN A 1 77  ? 13.058  -5.636  5.257   1.00 83.45 ? 170 GLN A OE1 1 
ATOM   597  N NE2 . GLN A 1 77  ? 11.132  -6.170  4.266   1.00 94.44 ? 170 GLN A NE2 1 
ATOM   598  N N   . LEU A 1 78  ? 13.538  -4.337  -0.042  1.00 42.59 ? 171 LEU A N   1 
ATOM   599  C CA  . LEU A 1 78  ? 12.782  -4.189  -1.241  1.00 45.28 ? 171 LEU A CA  1 
ATOM   600  C C   . LEU A 1 78  ? 11.306  -4.325  -0.840  1.00 42.62 ? 171 LEU A C   1 
ATOM   601  O O   . LEU A 1 78  ? 11.007  -5.168  -0.049  1.00 41.05 ? 171 LEU A O   1 
ATOM   602  C CB  . LEU A 1 78  ? 13.185  -5.267  -2.212  1.00 55.82 ? 171 LEU A CB  1 
ATOM   603  C CG  . LEU A 1 78  ? 12.794  -5.015  -3.644  1.00 65.11 ? 171 LEU A CG  1 
ATOM   604  C CD1 . LEU A 1 78  ? 13.958  -4.323  -4.340  1.00 77.94 ? 171 LEU A CD1 1 
ATOM   605  C CD2 . LEU A 1 78  ? 12.375  -6.327  -4.315  1.00 70.56 ? 171 LEU A CD2 1 
ATOM   606  N N   . ALA A 1 79  ? 10.434  -3.428  -1.330  1.00 36.02 ? 172 ALA A N   1 
ATOM   607  C CA  . ALA A 1 79  ? 8.974   -3.548  -1.184  1.00 35.47 ? 172 ALA A CA  1 
ATOM   608  C C   . ALA A 1 79  ? 8.362   -3.358  -2.559  1.00 37.24 ? 172 ALA A C   1 
ATOM   609  O O   . ALA A 1 79  ? 8.609   -2.353  -3.251  1.00 34.63 ? 172 ALA A O   1 
ATOM   610  C CB  . ALA A 1 79  ? 8.413   -2.569  -0.126  1.00 37.12 ? 172 ALA A CB  1 
ATOM   611  N N   . ARG A 1 80  ? 7.631   -4.383  -3.029  1.00 31.87 ? 173 ARG A N   1 
ATOM   612  C CA  . ARG A 1 80  ? 7.016   -4.317  -4.332  1.00 31.44 ? 173 ARG A CA  1 
ATOM   613  C C   . ARG A 1 80  ? 5.495   -4.452  -4.191  1.00 30.14 ? 173 ARG A C   1 
ATOM   614  O O   . ARG A 1 80  ? 5.010   -5.440  -3.588  1.00 33.39 ? 173 ARG A O   1 
ATOM   615  C CB  . ARG A 1 80  ? 7.533   -5.408  -5.261  1.00 33.87 ? 173 ARG A CB  1 
ATOM   616  C CG  . ARG A 1 80  ? 6.743   -5.384  -6.585  1.00 35.25 ? 173 ARG A CG  1 
ATOM   617  C CD  . ARG A 1 80  ? 6.997   -6.655  -7.361  1.00 36.75 ? 173 ARG A CD  1 
ATOM   618  N NE  . ARG A 1 80  ? 8.416   -6.649  -7.750  1.00 39.26 ? 173 ARG A NE  1 
ATOM   619  C CZ  . ARG A 1 80  ? 9.001   -7.641  -8.442  1.00 48.26 ? 173 ARG A CZ  1 
ATOM   620  N NH1 . ARG A 1 80  ? 8.285   -8.693  -8.858  1.00 45.57 ? 173 ARG A NH1 1 
ATOM   621  N NH2 . ARG A 1 80  ? 10.279  -7.552  -8.747  1.00 44.60 ? 173 ARG A NH2 1 
ATOM   622  N N   . LEU A 1 81  ? 4.761   -3.474  -4.749  1.00 30.19 ? 174 LEU A N   1 
ATOM   623  C CA  . LEU A 1 81  ? 3.319   -3.449  -4.665  1.00 25.53 ? 174 LEU A CA  1 
ATOM   624  C C   . LEU A 1 81  ? 2.791   -3.496  -6.029  1.00 26.39 ? 174 LEU A C   1 
ATOM   625  O O   . LEU A 1 81  ? 3.030   -2.594  -6.799  1.00 26.11 ? 174 LEU A O   1 
ATOM   626  C CB  . LEU A 1 81  ? 2.758   -2.213  -3.967  1.00 26.96 ? 174 LEU A CB  1 
ATOM   627  C CG  . LEU A 1 81  ? 3.305   -1.944  -2.565  1.00 29.42 ? 174 LEU A CG  1 
ATOM   628  C CD1 . LEU A 1 81  ? 2.782   -0.611  -2.039  1.00 31.28 ? 174 LEU A CD1 1 
ATOM   629  C CD2 . LEU A 1 81  ? 2.960   -3.072  -1.575  1.00 29.08 ? 174 LEU A CD2 1 
ATOM   630  N N   . TYR A 1 82  ? 2.045   -4.558  -6.323  1.00 25.97 ? 175 TYR A N   1 
ATOM   631  C CA  . TYR A 1 82  ? 1.346   -4.687  -7.572  1.00 25.43 ? 175 TYR A CA  1 
ATOM   632  C C   . TYR A 1 82  ? 0.182   -3.774  -7.599  1.00 27.95 ? 175 TYR A C   1 
ATOM   633  O O   . TYR A 1 82  ? -0.544  -3.683  -6.606  1.00 28.13 ? 175 TYR A O   1 
ATOM   634  C CB  . TYR A 1 82  ? 0.850   -6.112  -7.749  1.00 27.56 ? 175 TYR A CB  1 
ATOM   635  C CG  . TYR A 1 82  ? 2.026   -7.033  -7.977  1.00 28.79 ? 175 TYR A CG  1 
ATOM   636  C CD1 . TYR A 1 82  ? 2.525   -7.220  -9.266  1.00 32.92 ? 175 TYR A CD1 1 
ATOM   637  C CD2 . TYR A 1 82  ? 2.693   -7.606  -6.947  1.00 31.80 ? 175 TYR A CD2 1 
ATOM   638  C CE1 . TYR A 1 82  ? 3.616   -8.049  -9.508  1.00 34.57 ? 175 TYR A CE1 1 
ATOM   639  C CE2 . TYR A 1 82  ? 3.816   -8.373  -7.163  1.00 31.77 ? 175 TYR A CE2 1 
ATOM   640  C CZ  . TYR A 1 82  ? 4.241   -8.623  -8.468  1.00 32.69 ? 175 TYR A CZ  1 
ATOM   641  O OH  . TYR A 1 82  ? 5.326   -9.398  -8.666  1.00 37.64 ? 175 TYR A OH  1 
ATOM   642  N N   . ILE A 1 83  ? -0.032  -3.154  -8.767  1.00 24.41 ? 176 ILE A N   1 
ATOM   643  C CA  . ILE A 1 83  ? -1.094  -2.202  -8.968  1.00 28.69 ? 176 ILE A CA  1 
ATOM   644  C C   . ILE A 1 83  ? -2.333  -2.901  -9.494  1.00 26.91 ? 176 ILE A C   1 
ATOM   645  O O   . ILE A 1 83  ? -2.315  -3.551  -10.530 1.00 29.51 ? 176 ILE A O   1 
ATOM   646  C CB  . ILE A 1 83  ? -0.605  -1.034  -9.837  1.00 29.32 ? 176 ILE A CB  1 
ATOM   647  C CG1 . ILE A 1 83  ? 0.486   -0.293  -9.061  1.00 34.98 ? 176 ILE A CG1 1 
ATOM   648  C CG2 . ILE A 1 83  ? -1.707  -0.027  -10.139 1.00 30.47 ? 176 ILE A CG2 1 
ATOM   649  C CD1 . ILE A 1 83  ? 1.386   0.461   -9.986  1.00 47.24 ? 176 ILE A CD1 1 
ATOM   650  N N   . ILE A 1 84  ? -3.420  -2.778  -8.734  1.00 27.31 ? 177 ILE A N   1 
ATOM   651  C CA  . ILE A 1 84  ? -4.672  -3.450  -8.996  1.00 27.55 ? 177 ILE A CA  1 
ATOM   652  C C   . ILE A 1 84  ? -5.842  -2.465  -9.105  1.00 24.62 ? 177 ILE A C   1 
ATOM   653  O O   . ILE A 1 84  ? -6.512  -2.221  -8.147  1.00 25.61 ? 177 ILE A O   1 
ATOM   654  C CB  . ILE A 1 84  ? -4.993  -4.451  -7.900  1.00 30.03 ? 177 ILE A CB  1 
ATOM   655  C CG1 . ILE A 1 84  ? -3.784  -5.321  -7.545  1.00 29.81 ? 177 ILE A CG1 1 
ATOM   656  C CG2 . ILE A 1 84  ? -6.184  -5.292  -8.343  1.00 33.84 ? 177 ILE A CG2 1 
ATOM   657  C CD1 . ILE A 1 84  ? -3.374  -6.321  -8.569  1.00 33.64 ? 177 ILE A CD1 1 
ATOM   658  N N   . PRO A 1 85  ? -6.119  -1.915  -10.301 1.00 27.90 ? 178 PRO A N   1 
ATOM   659  C CA  . PRO A 1 85  ? -7.203  -0.930  -10.430 1.00 25.60 ? 178 PRO A CA  1 
ATOM   660  C C   . PRO A 1 85  ? -8.535  -1.556  -10.594 1.00 29.82 ? 178 PRO A C   1 
ATOM   661  O O   . PRO A 1 85  ? -8.641  -2.763  -10.817 1.00 29.37 ? 178 PRO A O   1 
ATOM   662  C CB  . PRO A 1 85  ? -6.854  -0.163  -11.716 1.00 29.75 ? 178 PRO A CB  1 
ATOM   663  C CG  . PRO A 1 85  ? -5.575  -0.696  -12.181 1.00 30.59 ? 178 PRO A CG  1 
ATOM   664  C CD  . PRO A 1 85  ? -5.219  -1.939  -11.459 1.00 30.85 ? 178 PRO A CD  1 
ATOM   665  N N   . GLY A 1 86  ? -9.554  -0.729  -10.474 1.00 29.64 ? 179 GLY A N   1 
ATOM   666  C CA  . GLY A 1 86  ? -10.915 -1.102  -10.796 1.00 32.97 ? 179 GLY A CA  1 
ATOM   667  C C   . GLY A 1 86  ? -11.682 -1.945  -9.829  1.00 31.24 ? 179 GLY A C   1 
ATOM   668  O O   . GLY A 1 86  ? -12.597 -2.664  -10.219 1.00 37.61 ? 179 GLY A O   1 
ATOM   669  N N   . ILE A 1 87  ? -11.286 -1.953  -8.578  1.00 31.18 ? 180 ILE A N   1 
ATOM   670  C CA  . ILE A 1 87  ? -11.958 -2.762  -7.578  1.00 29.83 ? 180 ILE A CA  1 
ATOM   671  C C   . ILE A 1 87  ? -13.094 -1.906  -6.988  1.00 33.67 ? 180 ILE A C   1 
ATOM   672  O O   . ILE A 1 87  ? -12.830 -0.863  -6.473  1.00 32.21 ? 180 ILE A O   1 
ATOM   673  C CB  . ILE A 1 87  ? -10.978 -3.206  -6.493  1.00 29.57 ? 180 ILE A CB  1 
ATOM   674  C CG1 . ILE A 1 87  ? -9.820  -4.007  -7.124  1.00 28.45 ? 180 ILE A CG1 1 
ATOM   675  C CG2 . ILE A 1 87  ? -11.671 -3.976  -5.427  1.00 33.92 ? 180 ILE A CG2 1 
ATOM   676  C CD1 . ILE A 1 87  ? -10.218 -5.103  -8.115  1.00 30.75 ? 180 ILE A CD1 1 
ATOM   677  N N   . PRO A 1 88  ? -14.358 -2.375  -7.062  1.00 36.39 ? 181 PRO A N   1 
ATOM   678  C CA  . PRO A 1 88  ? -15.486 -1.539  -6.603  1.00 36.73 ? 181 PRO A CA  1 
ATOM   679  C C   . PRO A 1 88  ? -15.347 -1.093  -5.163  1.00 39.53 ? 181 PRO A C   1 
ATOM   680  O O   . PRO A 1 88  ? -14.981 -1.928  -4.258  1.00 35.34 ? 181 PRO A O   1 
ATOM   681  C CB  . PRO A 1 88  ? -16.713 -2.468  -6.748  1.00 39.72 ? 181 PRO A CB  1 
ATOM   682  C CG  . PRO A 1 88  ? -16.322 -3.401  -7.860  1.00 45.47 ? 181 PRO A CG  1 
ATOM   683  C CD  . PRO A 1 88  ? -14.824 -3.644  -7.654  1.00 39.89 ? 181 PRO A CD  1 
ATOM   684  N N   . LYS A 1 89  ? -15.638 0.184   -4.927  0.50 40.85 ? 182 LYS A N   1 
ATOM   685  C CA  . LYS A 1 89  ? -15.615 0.770   -3.596  0.50 45.59 ? 182 LYS A CA  1 
ATOM   686  C C   . LYS A 1 89  ? -16.573 0.117   -2.604  0.50 44.61 ? 182 LYS A C   1 
ATOM   687  O O   . LYS A 1 89  ? -16.382 0.269   -1.406  0.50 45.56 ? 182 LYS A O   1 
ATOM   688  C CB  . LYS A 1 89  ? -15.906 2.276   -3.659  0.50 50.54 ? 182 LYS A CB  1 
ATOM   689  C CG  . LYS A 1 89  ? -14.683 3.161   -3.446  0.50 53.50 ? 182 LYS A CG  1 
ATOM   690  C CD  . LYS A 1 89  ? -15.064 4.591   -3.079  0.50 55.98 ? 182 LYS A CD  1 
ATOM   691  N N   . ASP A 1 90  ? -17.595 -0.589  -3.085  1.00 43.22 ? 183 ASP A N   1 
ATOM   692  C CA  . ASP A 1 90  ? -18.521 -1.352  -2.188  1.00 47.49 ? 183 ASP A CA  1 
ATOM   693  C C   . ASP A 1 90  ? -18.072 -2.802  -1.859  1.00 43.17 ? 183 ASP A C   1 
ATOM   694  O O   . ASP A 1 90  ? -18.793 -3.553  -1.164  1.00 42.14 ? 183 ASP A O   1 
ATOM   695  C CB  . ASP A 1 90  ? -19.951 -1.312  -2.738  1.00 49.63 ? 183 ASP A CB  1 
ATOM   696  C CG  . ASP A 1 90  ? -20.122 -2.102  -4.037  1.00 58.23 ? 183 ASP A CG  1 
ATOM   697  O OD1 . ASP A 1 90  ? -19.165 -2.672  -4.601  1.00 60.39 ? 183 ASP A OD1 1 
ATOM   698  O OD2 . ASP A 1 90  ? -21.250 -2.135  -4.529  1.00 67.40 ? 183 ASP A OD2 1 
ATOM   699  N N   . THR A 1 91  ? -16.885 -3.208  -2.322  1.00 42.89 ? 184 THR A N   1 
ATOM   700  C CA  . THR A 1 91  ? -16.284 -4.499  -1.915  1.00 36.61 ? 184 THR A CA  1 
ATOM   701  C C   . THR A 1 91  ? -16.189 -4.607  -0.392  1.00 41.67 ? 184 THR A C   1 
ATOM   702  O O   . THR A 1 91  ? -15.780 -3.666  0.285   1.00 45.62 ? 184 THR A O   1 
ATOM   703  C CB  . THR A 1 91  ? -14.878 -4.693  -2.496  1.00 34.37 ? 184 THR A CB  1 
ATOM   704  O OG1 . THR A 1 91  ? -14.871 -4.526  -3.942  1.00 38.10 ? 184 THR A OG1 1 
ATOM   705  C CG2 . THR A 1 91  ? -14.317 -6.047  -2.136  1.00 36.50 ? 184 THR A CG2 1 
ATOM   706  N N   . LYS A 1 92  ? -16.533 -5.762  0.146   1.00 43.51 ? 185 LYS A N   1 
ATOM   707  C CA  . LYS A 1 92  ? -16.502 -6.008  1.577   1.00 46.05 ? 185 LYS A CA  1 
ATOM   708  C C   . LYS A 1 92  ? -15.148 -6.588  1.869   1.00 43.61 ? 185 LYS A C   1 
ATOM   709  O O   . LYS A 1 92  ? -14.786 -7.635  1.343   1.00 47.50 ? 185 LYS A O   1 
ATOM   710  C CB  . LYS A 1 92  ? -17.630 -7.015  1.995   1.00 54.85 ? 185 LYS A CB  1 
ATOM   711  C CG  . LYS A 1 92  ? -19.074 -6.507  1.811   1.00 54.05 ? 185 LYS A CG  1 
ATOM   712  C CD  . LYS A 1 92  ? -19.291 -5.028  2.206   1.00 58.82 ? 185 LYS A CD  1 
ATOM   713  N N   . PHE A 1 93  ? -14.371 -5.860  2.660   1.00 42.87 ? 186 PHE A N   1 
ATOM   714  C CA  . PHE A 1 93  ? -13.046 -6.236  2.972   1.00 39.64 ? 186 PHE A CA  1 
ATOM   715  C C   . PHE A 1 93  ? -13.116 -6.661  4.396   1.00 42.18 ? 186 PHE A C   1 
ATOM   716  O O   . PHE A 1 93  ? -13.702 -5.964  5.196   1.00 47.25 ? 186 PHE A O   1 
ATOM   717  C CB  . PHE A 1 93  ? -12.125 -5.043  2.846   1.00 36.61 ? 186 PHE A CB  1 
ATOM   718  C CG  . PHE A 1 93  ? -11.929 -4.593  1.434   1.00 34.25 ? 186 PHE A CG  1 
ATOM   719  C CD1 . PHE A 1 93  ? -11.195 -5.373  0.572   1.00 33.12 ? 186 PHE A CD1 1 
ATOM   720  C CD2 . PHE A 1 93  ? -12.523 -3.432  0.960   1.00 30.66 ? 186 PHE A CD2 1 
ATOM   721  C CE1 . PHE A 1 93  ? -11.010 -4.992  -0.736  1.00 32.27 ? 186 PHE A CE1 1 
ATOM   722  C CE2 . PHE A 1 93  ? -12.352 -3.038  -0.342  1.00 29.87 ? 186 PHE A CE2 1 
ATOM   723  C CZ  . PHE A 1 93  ? -11.586 -3.799  -1.199  1.00 30.19 ? 186 PHE A CZ  1 
ATOM   724  N N   . ASN A 1 94  ? -12.495 -7.778  4.717   1.00 45.69 ? 187 ASN A N   1 
ATOM   725  C CA  . ASN A 1 94  ? -12.455 -8.312  6.080   1.00 53.02 ? 187 ASN A CA  1 
ATOM   726  C C   . ASN A 1 94  ? -11.181 -9.072  6.329   1.00 47.74 ? 187 ASN A C   1 
ATOM   727  O O   . ASN A 1 94  ? -10.993 -10.127 5.750   1.00 45.25 ? 187 ASN A O   1 
ATOM   728  C CB  . ASN A 1 94  ? -13.622 -9.278  6.238   1.00 59.87 ? 187 ASN A CB  1 
ATOM   729  C CG  . ASN A 1 94  ? -14.911 -8.557  6.525   1.00 70.20 ? 187 ASN A CG  1 
ATOM   730  O OD1 . ASN A 1 94  ? -15.837 -8.525  5.696   1.00 77.96 ? 187 ASN A OD1 1 
ATOM   731  N ND2 . ASN A 1 94  ? -14.973 -7.941  7.702   1.00 75.89 ? 187 ASN A ND2 1 
ATOM   732  N N   . PRO A 1 95  ? -10.310 -8.582  7.224   1.00 47.18 ? 188 PRO A N   1 
ATOM   733  C CA  . PRO A 1 95  ? -9.095  -9.352  7.431   1.00 47.33 ? 188 PRO A CA  1 
ATOM   734  C C   . PRO A 1 95  ? -9.341  -10.705 8.044   1.00 54.47 ? 188 PRO A C   1 
ATOM   735  O O   . PRO A 1 95  ? -10.398 -10.958 8.636   1.00 49.19 ? 188 PRO A O   1 
ATOM   736  C CB  . PRO A 1 95  ? -8.304  -8.505  8.411   1.00 49.18 ? 188 PRO A CB  1 
ATOM   737  C CG  . PRO A 1 95  ? -9.362  -7.844  9.194   1.00 53.52 ? 188 PRO A CG  1 
ATOM   738  C CD  . PRO A 1 95  ? -10.449 -7.501  8.220   1.00 49.96 ? 188 PRO A CD  1 
ATOM   739  N N   . LYS A 1 96  ? -8.353  -11.584 7.919   0.50 56.50 ? 189 LYS A N   1 
ATOM   740  C CA  . LYS A 1 96  ? -8.454  -12.933 8.455   0.50 61.23 ? 189 LYS A CA  1 
ATOM   741  C C   . LYS A 1 96  ? -8.366  -12.933 9.985   0.50 61.98 ? 189 LYS A C   1 
ATOM   742  O O   . LYS A 1 96  ? -9.076  -13.676 10.661  0.50 60.54 ? 189 LYS A O   1 
ATOM   743  C CB  . LYS A 1 96  ? -7.361  -13.813 7.859   0.50 66.59 ? 189 LYS A CB  1 
ATOM   744  C CG  . LYS A 1 96  ? -7.443  -13.948 6.340   0.50 71.12 ? 189 LYS A CG  1 
ATOM   745  C CD  . LYS A 1 96  ? -8.794  -14.450 5.846   0.50 74.70 ? 189 LYS A CD  1 
ATOM   746  C CE  . LYS A 1 96  ? -9.746  -13.302 5.535   0.50 75.25 ? 189 LYS A CE  1 
ATOM   747  N NZ  . LYS A 1 96  ? -11.004 -13.775 4.897   0.50 75.55 ? 189 LYS A NZ  1 
ATOM   748  N N   . THR A 1 97  ? -7.507  -12.066 10.512  0.50 61.96 ? 190 THR A N   1 
ATOM   749  C CA  . THR A 1 97  ? -7.211  -12.010 11.934  0.50 61.36 ? 190 THR A CA  1 
ATOM   750  C C   . THR A 1 97  ? -7.205  -10.561 12.358  0.50 59.94 ? 190 THR A C   1 
ATOM   751  O O   . THR A 1 97  ? -6.295  -9.796  11.994  0.50 57.51 ? 190 THR A O   1 
ATOM   752  C CB  . THR A 1 97  ? -5.812  -12.591 12.237  0.50 63.57 ? 190 THR A CB  1 
ATOM   753  O OG1 . THR A 1 97  ? -5.413  -12.242 13.567  0.50 60.31 ? 190 THR A OG1 1 
ATOM   754  C CG2 . THR A 1 97  ? -4.783  -12.039 11.257  0.50 66.97 ? 190 THR A CG2 1 
ATOM   755  N N   . ARG A 1 98  ? -8.193  -10.164 13.144  0.50 52.69 ? 191 ARG A N   1 
ATOM   756  C CA  . ARG A 1 98  ? -8.189  -8.800  13.623  0.50 53.26 ? 191 ARG A CA  1 
ATOM   757  C C   . ARG A 1 98  ? -7.146  -8.542  14.723  0.50 48.94 ? 191 ARG A C   1 
ATOM   758  O O   . ARG A 1 98  ? -7.093  -7.423  15.270  0.50 45.00 ? 191 ARG A O   1 
ATOM   759  C CB  . ARG A 1 98  ? -9.602  -8.340  13.996  0.50 55.57 ? 191 ARG A CB  1 
ATOM   760  C CG  . ARG A 1 98  ? -10.467 -8.225  12.744  0.50 59.65 ? 191 ARG A CG  1 
ATOM   761  C CD  . ARG A 1 98  ? -11.531 -7.145  12.834  0.50 61.02 ? 191 ARG A CD  1 
ATOM   762  N NE  . ARG A 1 98  ? -10.996 -5.803  13.086  0.50 59.73 ? 191 ARG A NE  1 
ATOM   763  C CZ  . ARG A 1 98  ? -11.538 -4.967  13.968  0.50 61.03 ? 191 ARG A CZ  1 
ATOM   764  N NH1 . ARG A 1 98  ? -12.589 -5.365  14.672  0.50 63.06 ? 191 ARG A NH1 1 
ATOM   765  N NH2 . ARG A 1 98  ? -11.037 -3.759  14.172  0.50 58.20 ? 191 ARG A NH2 1 
ATOM   766  N N   . ARG A 1 99  ? -6.297  -9.542  15.026  1.00 44.15 ? 192 ARG A N   1 
ATOM   767  C CA  . ARG A 1 99  ? -5.176  -9.347  15.911  1.00 43.63 ? 192 ARG A CA  1 
ATOM   768  C C   . ARG A 1 99  ? -4.073  -8.604  15.192  1.00 41.90 ? 192 ARG A C   1 
ATOM   769  O O   . ARG A 1 99  ? -3.200  -8.130  15.866  1.00 35.92 ? 192 ARG A O   1 
ATOM   770  C CB  . ARG A 1 99  ? -4.641  -10.684 16.490  1.00 54.02 ? 192 ARG A CB  1 
ATOM   771  C CG  . ARG A 1 99  ? -5.602  -11.435 17.441  1.00 56.36 ? 192 ARG A CG  1 
ATOM   772  C CD  . ARG A 1 99  ? -5.026  -12.818 17.837  1.00 64.76 ? 192 ARG A CD  1 
ATOM   773  N NE  . ARG A 1 99  ? -5.173  -13.051 19.266  1.00 74.82 ? 192 ARG A NE  1 
ATOM   774  C CZ  . ARG A 1 99  ? -6.274  -13.505 19.862  1.00 83.30 ? 192 ARG A CZ  1 
ATOM   775  N NH1 . ARG A 1 99  ? -7.353  -13.847 19.156  1.00 89.14 ? 192 ARG A NH1 1 
ATOM   776  N NH2 . ARG A 1 99  ? -6.294  -13.647 21.180  1.00 79.06 ? 192 ARG A NH2 1 
ATOM   777  N N   . GLU A 1 100 ? -4.110  -8.466  13.837  1.00 37.44 ? 193 GLU A N   1 
ATOM   778  C CA  . GLU A 1 100 ? -3.104  -7.661  13.105  1.00 37.80 ? 193 GLU A CA  1 
ATOM   779  C C   . GLU A 1 100 ? -3.614  -6.405  12.424  1.00 29.01 ? 193 GLU A C   1 
ATOM   780  O O   . GLU A 1 100 ? -2.852  -5.506  12.297  1.00 34.89 ? 193 GLU A O   1 
ATOM   781  C CB  . GLU A 1 100 ? -2.363  -8.521  12.092  1.00 47.97 ? 193 GLU A CB  1 
ATOM   782  C CG  . GLU A 1 100 ? -1.886  -9.818  12.743  1.00 64.11 ? 193 GLU A CG  1 
ATOM   783  C CD  . GLU A 1 100 ? -1.184  -10.744 11.773  1.00 72.77 ? 193 GLU A CD  1 
ATOM   784  O OE1 . GLU A 1 100 ? -0.160  -10.287 11.206  1.00 73.51 ? 193 GLU A OE1 1 
ATOM   785  O OE2 . GLU A 1 100 ? -1.669  -11.901 11.598  1.00 77.78 ? 193 GLU A OE2 1 
ATOM   786  N N   . ILE A 1 101 ? -4.888  -6.360  12.036  1.00 27.93 ? 194 ILE A N   1 
ATOM   787  C CA  . ILE A 1 101 ? -5.444  -5.261  11.221  1.00 30.03 ? 194 ILE A CA  1 
ATOM   788  C C   . ILE A 1 101 ? -6.603  -4.648  12.027  1.00 28.10 ? 194 ILE A C   1 
ATOM   789  O O   . ILE A 1 101 ? -7.599  -5.317  12.349  1.00 30.33 ? 194 ILE A O   1 
ATOM   790  C CB  . ILE A 1 101 ? -5.955  -5.708  9.835   1.00 32.49 ? 194 ILE A CB  1 
ATOM   791  C CG1 . ILE A 1 101 ? -4.827  -6.283  8.963   1.00 32.13 ? 194 ILE A CG1 1 
ATOM   792  C CG2 . ILE A 1 101 ? -6.622  -4.562  9.098   1.00 31.45 ? 194 ILE A CG2 1 
ATOM   793  C CD1 . ILE A 1 101 ? -3.627  -5.377  8.755   1.00 33.00 ? 194 ILE A CD1 1 
ATOM   794  N N   . ARG A 1 102 ? -6.424  -3.387  12.375  1.00 27.49 ? 195 ARG A N   1 
ATOM   795  C CA  . ARG A 1 102 ? -7.440  -2.612  13.047  1.00 30.59 ? 195 ARG A CA  1 
ATOM   796  C C   . ARG A 1 102 ? -8.554  -2.223  12.097  1.00 30.72 ? 195 ARG A C   1 
ATOM   797  O O   . ARG A 1 102 ? -9.714  -2.285  12.464  1.00 31.08 ? 195 ARG A O   1 
ATOM   798  C CB  . ARG A 1 102 ? -6.851  -1.345  13.700  1.00 28.77 ? 195 ARG A CB  1 
ATOM   799  C CG  . ARG A 1 102 ? -7.818  -0.737  14.709  1.00 30.16 ? 195 ARG A CG  1 
ATOM   800  C CD  . ARG A 1 102 ? -7.464  0.664   15.087  1.00 27.46 ? 195 ARG A CD  1 
ATOM   801  N NE  . ARG A 1 102 ? -6.252  0.718   15.870  1.00 30.43 ? 195 ARG A NE  1 
ATOM   802  C CZ  . ARG A 1 102 ? -6.223  0.415   17.170  1.00 33.25 ? 195 ARG A CZ  1 
ATOM   803  N NH1 . ARG A 1 102 ? -7.363  0.128   17.833  1.00 32.15 ? 195 ARG A NH1 1 
ATOM   804  N NH2 . ARG A 1 102 ? -5.102  0.471   17.821  1.00 34.01 ? 195 ARG A NH2 1 
ATOM   805  N N   . ASN A 1 103 ? -8.196  -1.725  10.928  1.00 32.36 ? 196 ASN A N   1 
ATOM   806  C CA  . ASN A 1 103 ? -9.161  -1.098  10.057  1.00 32.51 ? 196 ASN A CA  1 
ATOM   807  C C   . ASN A 1 103 ? -8.624  -1.089  8.635   1.00 30.16 ? 196 ASN A C   1 
ATOM   808  O O   . ASN A 1 103 ? -7.440  -1.337  8.410   1.00 25.98 ? 196 ASN A O   1 
ATOM   809  C CB  . ASN A 1 103 ? -9.437  0.328   10.585  1.00 31.89 ? 196 ASN A CB  1 
ATOM   810  C CG  . ASN A 1 103 ? -10.816 0.806   10.209  1.00 42.19 ? 196 ASN A CG  1 
ATOM   811  O OD1 . ASN A 1 103 ? -11.551 0.101   9.498   1.00 38.81 ? 196 ASN A OD1 1 
ATOM   812  N ND2 . ASN A 1 103 ? -11.139 2.052   10.572  1.00 42.64 ? 196 ASN A ND2 1 
ATOM   813  N N   . ILE A 1 104 ? -9.549  -0.997  7.684   1.00 29.36 ? 197 ILE A N   1 
ATOM   814  C CA  . ILE A 1 104 ? -9.295  -1.057  6.272   1.00 29.85 ? 197 ILE A CA  1 
ATOM   815  C C   . ILE A 1 104 ? -10.161 0.048   5.690   1.00 31.76 ? 197 ILE A C   1 
ATOM   816  O O   . ILE A 1 104 ? -11.368 0.026   5.903   1.00 27.79 ? 197 ILE A O   1 
ATOM   817  C CB  . ILE A 1 104 ? -9.763  -2.387  5.619   1.00 29.17 ? 197 ILE A CB  1 
ATOM   818  C CG1 . ILE A 1 104 ? -9.010  -3.568  6.137   1.00 31.84 ? 197 ILE A CG1 1 
ATOM   819  C CG2 . ILE A 1 104 ? -9.638  -2.319  4.104   1.00 29.58 ? 197 ILE A CG2 1 
ATOM   820  C CD1 . ILE A 1 104 ? -9.639  -4.902  5.884   1.00 35.87 ? 197 ILE A CD1 1 
ATOM   821  N N   . GLU A 1 105 ? -9.577  0.973   4.929   1.00 30.04 ? 198 GLU A N   1 
ATOM   822  C CA  . GLU A 1 105 ? -10.328 2.135   4.420   1.00 30.46 ? 198 GLU A CA  1 
ATOM   823  C C   . GLU A 1 105 ? -9.854  2.565   3.094   1.00 26.53 ? 198 GLU A C   1 
ATOM   824  O O   . GLU A 1 105 ? -8.661  2.442   2.777   1.00 27.16 ? 198 GLU A O   1 
ATOM   825  C CB  . GLU A 1 105 ? -10.266 3.344   5.347   1.00 31.91 ? 198 GLU A CB  1 
ATOM   826  C CG  . GLU A 1 105 ? -11.205 3.293   6.527   1.00 40.28 ? 198 GLU A CG  1 
ATOM   827  C CD  . GLU A 1 105 ? -11.021 4.467   7.487   1.00 44.31 ? 198 GLU A CD  1 
ATOM   828  O OE1 . GLU A 1 105 ? -10.600 5.570   7.053   1.00 40.67 ? 198 GLU A OE1 1 
ATOM   829  O OE2 . GLU A 1 105 ? -11.355 4.280   8.686   1.00 55.32 ? 198 GLU A OE2 1 
ATOM   830  N N   . TRP A 1 106 ? -10.768 3.198   2.363   1.00 26.71 ? 199 TRP A N   1 
ATOM   831  C CA  . TRP A 1 106 ? -10.420 3.907   1.123   1.00 27.61 ? 199 TRP A CA  1 
ATOM   832  C C   . TRP A 1 106 ? -9.970  5.314   1.397   1.00 29.75 ? 199 TRP A C   1 
ATOM   833  O O   . TRP A 1 106 ? -10.626 6.014   2.163   1.00 32.85 ? 199 TRP A O   1 
ATOM   834  C CB  . TRP A 1 106 ? -11.632 4.008   0.137   1.00 28.65 ? 199 TRP A CB  1 
ATOM   835  C CG  . TRP A 1 106 ? -12.033 2.707   -0.469  1.00 27.89 ? 199 TRP A CG  1 
ATOM   836  C CD1 . TRP A 1 106 ? -13.134 1.955   -0.110  1.00 34.37 ? 199 TRP A CD1 1 
ATOM   837  C CD2 . TRP A 1 106 ? -11.407 1.980   -1.574  1.00 28.53 ? 199 TRP A CD2 1 
ATOM   838  N NE1 . TRP A 1 106 ? -13.191 0.818   -0.883  1.00 35.88 ? 199 TRP A NE1 1 
ATOM   839  C CE2 . TRP A 1 106 ? -12.144 0.790   -1.760  1.00 30.72 ? 199 TRP A CE2 1 
ATOM   840  C CE3 . TRP A 1 106 ? -10.275 2.171   -2.336  1.00 29.63 ? 199 TRP A CE3 1 
ATOM   841  C CZ2 . TRP A 1 106 ? -11.842 -0.150  -2.763  1.00 31.39 ? 199 TRP A CZ2 1 
ATOM   842  C CZ3 . TRP A 1 106 ? -9.951  1.235   -3.347  1.00 31.67 ? 199 TRP A CZ3 1 
ATOM   843  C CH2 . TRP A 1 106 ? -10.742 0.088   -3.552  1.00 35.47 ? 199 TRP A CH2 1 
ATOM   844  N N   . PHE A 1 107 ? -8.926  5.768   0.711   1.00 27.25 ? 200 PHE A N   1 
ATOM   845  C CA  . PHE A 1 107 ? -8.428  7.140   0.874   1.00 28.59 ? 200 PHE A CA  1 
ATOM   846  C C   . PHE A 1 107 ? -8.318  7.733   -0.475  1.00 33.16 ? 200 PHE A C   1 
ATOM   847  O O   . PHE A 1 107 ? -7.911  7.036   -1.409  1.00 31.73 ? 200 PHE A O   1 
ATOM   848  C CB  . PHE A 1 107 ? -7.061  7.193   1.594   1.00 27.84 ? 200 PHE A CB  1 
ATOM   849  C CG  . PHE A 1 107 ? -7.137  6.832   3.068   1.00 25.04 ? 200 PHE A CG  1 
ATOM   850  C CD1 . PHE A 1 107 ? -7.058  5.504   3.493   1.00 28.30 ? 200 PHE A CD1 1 
ATOM   851  C CD2 . PHE A 1 107 ? -7.428  7.828   4.018   1.00 28.28 ? 200 PHE A CD2 1 
ATOM   852  C CE1 . PHE A 1 107 ? -7.191  5.193   4.851   1.00 31.02 ? 200 PHE A CE1 1 
ATOM   853  C CE2 . PHE A 1 107 ? -7.572  7.511   5.377   1.00 27.99 ? 200 PHE A CE2 1 
ATOM   854  C CZ  . PHE A 1 107 ? -7.461  6.191   5.779   1.00 28.06 ? 200 PHE A CZ  1 
ATOM   855  N N   . SER A 1 108 ? -8.586  9.056   -0.557  1.00 29.45 ? 201 SER A N   1 
ATOM   856  C CA  . SER A 1 108 ? -8.452  9.813   -1.765  1.00 30.34 ? 201 SER A CA  1 
ATOM   857  C C   . SER A 1 108 ? -6.994  9.993   -2.029  1.00 28.62 ? 201 SER A C   1 
ATOM   858  O O   . SER A 1 108 ? -6.277  10.566  -1.199  1.00 30.17 ? 201 SER A O   1 
ATOM   859  C CB  . SER A 1 108 ? -9.165  11.216  -1.646  1.00 31.77 ? 201 SER A CB  1 
ATOM   860  O OG  . SER A 1 108 ? -8.682  12.090  -2.608  1.00 37.23 ? 201 SER A OG  1 
ATOM   861  N N   . ILE A 1 109 ? -6.563  9.590   -3.221  1.00 26.72 ? 202 ILE A N   1 
ATOM   862  C CA  . ILE A 1 109 ? -5.178  9.740   -3.638  1.00 31.85 ? 202 ILE A CA  1 
ATOM   863  C C   . ILE A 1 109 ? -4.702  11.178  -3.627  1.00 35.89 ? 202 ILE A C   1 
ATOM   864  O O   . ILE A 1 109 ? -3.583  11.494  -3.184  1.00 35.36 ? 202 ILE A O   1 
ATOM   865  C CB  . ILE A 1 109 ? -4.906  9.116   -5.006  1.00 36.88 ? 202 ILE A CB  1 
ATOM   866  C CG1 . ILE A 1 109 ? -5.097  7.605   -4.978  1.00 48.03 ? 202 ILE A CG1 1 
ATOM   867  C CG2 . ILE A 1 109 ? -3.435  9.280   -5.353  1.00 42.84 ? 202 ILE A CG2 1 
ATOM   868  C CD1 . ILE A 1 109 ? -5.115  6.991   -6.369  1.00 50.42 ? 202 ILE A CD1 1 
ATOM   869  N N   . GLU A 1 110 ? -5.572  12.081  -4.072  1.00 36.37 ? 203 GLU A N   1 
ATOM   870  C CA  . GLU A 1 110 ? -5.149  13.460  -4.186  1.00 39.44 ? 203 GLU A CA  1 
ATOM   871  C C   . GLU A 1 110 ? -4.988  14.135  -2.827  1.00 36.55 ? 203 GLU A C   1 
ATOM   872  O O   . GLU A 1 110 ? -4.249  15.097  -2.697  1.00 35.00 ? 203 GLU A O   1 
ATOM   873  C CB  . GLU A 1 110 ? -6.044  14.189  -5.192  1.00 43.86 ? 203 GLU A CB  1 
ATOM   874  C CG  . GLU A 1 110 ? -7.480  14.443  -4.817  1.00 52.10 ? 203 GLU A CG  1 
ATOM   875  C CD  . GLU A 1 110 ? -8.202  15.167  -5.958  1.00 59.34 ? 203 GLU A CD  1 
ATOM   876  O OE1 . GLU A 1 110 ? -7.921  14.872  -7.143  1.00 70.82 ? 203 GLU A OE1 1 
ATOM   877  O OE2 . GLU A 1 110 ? -9.005  16.060  -5.665  1.00 62.35 ? 203 GLU A OE2 1 
ATOM   878  N N   . LYS A 1 111 ? -5.681  13.614  -1.809  1.00 32.97 ? 204 LYS A N   1 
ATOM   879  C CA  . LYS A 1 111 ? -5.581  14.150  -0.437  1.00 34.52 ? 204 LYS A CA  1 
ATOM   880  C C   . LYS A 1 111 ? -4.454  13.547  0.380   1.00 35.86 ? 204 LYS A C   1 
ATOM   881  O O   . LYS A 1 111 ? -4.113  14.077  1.422   1.00 31.67 ? 204 LYS A O   1 
ATOM   882  C CB  . LYS A 1 111 ? -6.860  13.925  0.314   1.00 42.18 ? 204 LYS A CB  1 
ATOM   883  C CG  . LYS A 1 111 ? -8.046  14.627  -0.353  1.00 49.87 ? 204 LYS A CG  1 
ATOM   884  C CD  . LYS A 1 111 ? -9.238  14.600  0.575   1.00 56.69 ? 204 LYS A CD  1 
ATOM   885  C CE  . LYS A 1 111 ? -10.346 15.448  0.006   1.00 69.38 ? 204 LYS A CE  1 
ATOM   886  N NZ  . LYS A 1 111 ? -11.464 15.402  0.976   1.00 82.95 ? 204 LYS A NZ  1 
ATOM   887  N N   . LEU A 1 112 ? -3.903  12.413  -0.050  1.00 31.00 ? 205 LEU A N   1 
ATOM   888  C CA  . LEU A 1 112 ? -2.835  11.748  0.698   1.00 29.07 ? 205 LEU A CA  1 
ATOM   889  C C   . LEU A 1 112 ? -1.593  12.565  0.550   1.00 32.30 ? 205 LEU A C   1 
ATOM   890  O O   . LEU A 1 112 ? -1.369  13.168  -0.485  1.00 34.72 ? 205 LEU A O   1 
ATOM   891  C CB  . LEU A 1 112 ? -2.566  10.315  0.197   1.00 29.16 ? 205 LEU A CB  1 
ATOM   892  C CG  . LEU A 1 112 ? -3.705  9.322   0.572   1.00 28.34 ? 205 LEU A CG  1 
ATOM   893  C CD1 . LEU A 1 112 ? -3.531  7.988   -0.165  1.00 29.48 ? 205 LEU A CD1 1 
ATOM   894  C CD2 . LEU A 1 112 ? -3.706  9.076   2.114   1.00 30.10 ? 205 LEU A CD2 1 
ATOM   895  N N   . PRO A 1 113 ? -0.775  12.623  1.610   1.00 36.14 ? 206 PRO A N   1 
ATOM   896  C CA  . PRO A 1 113 ? 0.500   13.306  1.480   1.00 38.31 ? 206 PRO A CA  1 
ATOM   897  C C   . PRO A 1 113 ? 1.460   12.477  0.634   1.00 37.29 ? 206 PRO A C   1 
ATOM   898  O O   . PRO A 1 113 ? 1.408   11.237  0.686   1.00 32.43 ? 206 PRO A O   1 
ATOM   899  C CB  . PRO A 1 113 ? 1.015   13.380  2.931   1.00 34.16 ? 206 PRO A CB  1 
ATOM   900  C CG  . PRO A 1 113 ? 0.408   12.162  3.547   1.00 37.32 ? 206 PRO A CG  1 
ATOM   901  C CD  . PRO A 1 113 ? -0.958  12.015  2.944   1.00 36.12 ? 206 PRO A CD  1 
ATOM   902  N N   . CYS A 1 114 ? 2.356   13.139  -0.087  1.00 35.73 ? 207 CYS A N   1 
ATOM   903  C CA  . CYS A 1 114 ? 3.441   12.436  -0.726  1.00 41.51 ? 207 CYS A CA  1 
ATOM   904  C C   . CYS A 1 114 ? 4.811   12.805  -0.091  1.00 43.46 ? 207 CYS A C   1 
ATOM   905  O O   . CYS A 1 114 ? 5.835   12.382  -0.575  1.00 44.32 ? 207 CYS A O   1 
ATOM   906  C CB  . CYS A 1 114 ? 3.419   12.687  -2.194  1.00 45.46 ? 207 CYS A CB  1 
ATOM   907  S SG  . CYS A 1 114 ? 3.807   14.394  -2.497  1.00 57.84 ? 207 CYS A SG  1 
ATOM   908  N N   . HIS A 1 115 ? 4.797   13.499  1.048   1.00 43.26 ? 208 HIS A N   1 
ATOM   909  C CA  . HIS A 1 115 ? 6.027   13.654  1.887   1.00 46.25 ? 208 HIS A CA  1 
ATOM   910  C C   . HIS A 1 115 ? 5.516   14.014  3.250   1.00 44.81 ? 208 HIS A C   1 
ATOM   911  O O   . HIS A 1 115 ? 4.361   14.454  3.368   1.00 42.94 ? 208 HIS A O   1 
ATOM   912  C CB  . HIS A 1 115 ? 6.878   14.793  1.302   1.00 46.88 ? 208 HIS A CB  1 
ATOM   913  C CG  . HIS A 1 115 ? 6.147   16.112  1.293   1.00 52.23 ? 208 HIS A CG  1 
ATOM   914  N ND1 . HIS A 1 115 ? 5.942   16.853  2.442   1.00 52.78 ? 208 HIS A ND1 1 
ATOM   915  C CD2 . HIS A 1 115 ? 5.481   16.763  0.310   1.00 48.36 ? 208 HIS A CD2 1 
ATOM   916  C CE1 . HIS A 1 115 ? 5.213   17.921  2.161   1.00 47.53 ? 208 HIS A CE1 1 
ATOM   917  N NE2 . HIS A 1 115 ? 4.943   17.903  0.872   1.00 50.29 ? 208 HIS A NE2 1 
ATOM   918  N N   . ARG A 1 116 ? 6.314   13.832  4.302   0.52 46.82 ? 209 ARG A N   1 
ATOM   919  C CA  . ARG A 1 116 ? 5.931   14.368  5.621   0.52 46.78 ? 209 ARG A CA  1 
ATOM   920  C C   . ARG A 1 116 ? 6.389   15.810  5.722   0.52 46.77 ? 209 ARG A C   1 
ATOM   921  O O   . ARG A 1 116 ? 7.205   16.258  4.939   0.52 43.83 ? 209 ARG A O   1 
ATOM   922  C CB  . ARG A 1 116 ? 6.518   13.544  6.746   0.52 49.00 ? 209 ARG A CB  1 
ATOM   923  C CG  . ARG A 1 116 ? 5.993   12.125  6.749   0.52 48.60 ? 209 ARG A CG  1 
ATOM   924  C CD  . ARG A 1 116 ? 7.021   11.178  7.285   0.52 50.82 ? 209 ARG A CD  1 
ATOM   925  N NE  . ARG A 1 116 ? 7.099   11.236  8.730   0.52 51.02 ? 209 ARG A NE  1 
ATOM   926  C CZ  . ARG A 1 116 ? 8.149   10.861  9.462   0.52 50.29 ? 209 ARG A CZ  1 
ATOM   927  N NH1 . ARG A 1 116 ? 9.276   10.405  8.909   0.52 51.82 ? 209 ARG A NH1 1 
ATOM   928  N NH2 . ARG A 1 116 ? 8.072   10.953  10.778  0.52 47.09 ? 209 ARG A NH2 1 
ATOM   929  N N   . ASN A 1 117 ? 5.821   16.541  6.670   1.00 51.00 ? 210 ASN A N   1 
ATOM   930  C CA  . ASN A 1 117 ? 6.143   17.937  6.870   1.00 54.23 ? 210 ASN A CA  1 
ATOM   931  C C   . ASN A 1 117 ? 7.314   18.016  7.786   1.00 55.69 ? 210 ASN A C   1 
ATOM   932  O O   . ASN A 1 117 ? 7.511   17.157  8.687   1.00 45.87 ? 210 ASN A O   1 
ATOM   933  C CB  . ASN A 1 117 ? 4.940   18.671  7.451   1.00 58.93 ? 210 ASN A CB  1 
ATOM   934  C CG  . ASN A 1 117 ? 3.753   18.587  6.532   1.00 59.95 ? 210 ASN A CG  1 
ATOM   935  O OD1 . ASN A 1 117 ? 3.916   18.591  5.301   1.00 49.79 ? 210 ASN A OD1 1 
ATOM   936  N ND2 . ASN A 1 117 ? 2.571   18.472  7.109   1.00 57.59 ? 210 ASN A ND2 1 
ATOM   937  N N   . ASP A 1 118 ? 8.102   19.058  7.550   1.00 59.57 ? 211 ASP A N   1 
ATOM   938  C CA  . ASP A 1 118 ? 9.211   19.355  8.429   1.00 60.84 ? 211 ASP A CA  1 
ATOM   939  C C   . ASP A 1 118 ? 8.648   20.079  9.673   1.00 65.85 ? 211 ASP A C   1 
ATOM   940  O O   . ASP A 1 118 ? 7.389   20.076  9.911   1.00 51.58 ? 211 ASP A O   1 
ATOM   941  C CB  . ASP A 1 118 ? 10.378  20.037  7.666   1.00 61.31 ? 211 ASP A CB  1 
ATOM   942  C CG  . ASP A 1 118 ? 10.050  21.400  7.122   1.00 62.38 ? 211 ASP A CG  1 
ATOM   943  O OD1 . ASP A 1 118 ? 9.116   22.106  7.603   1.00 53.19 ? 211 ASP A OD1 1 
ATOM   944  O OD2 . ASP A 1 118 ? 10.803  21.767  6.205   1.00 62.86 ? 211 ASP A OD2 1 
ATOM   945  N N   . MET A 1 119 ? 9.574   20.582  10.502  1.00 63.76 ? 212 MET A N   1 
ATOM   946  C CA  . MET A 1 119 ? 9.259   21.334  11.723  1.00 64.51 ? 212 MET A CA  1 
ATOM   947  C C   . MET A 1 119 ? 10.028  22.680  11.739  1.00 71.23 ? 212 MET A C   1 
ATOM   948  O O   . MET A 1 119 ? 10.389  23.205  12.808  1.00 69.60 ? 212 MET A O   1 
ATOM   949  C CB  . MET A 1 119 ? 9.589   20.432  12.898  1.00 59.84 ? 212 MET A CB  1 
ATOM   950  C CG  . MET A 1 119 ? 8.673   19.217  12.882  1.00 61.59 ? 212 MET A CG  1 
ATOM   951  S SD  . MET A 1 119 ? 8.872   18.077  14.216  1.00 66.02 ? 212 MET A SD  1 
ATOM   952  C CE  . MET A 1 119 ? 10.490  17.424  13.810  1.00 72.07 ? 212 MET A CE  1 
ATOM   953  N N   . THR A 1 120 ? 10.256  23.226  10.536  1.00 68.22 ? 213 THR A N   1 
ATOM   954  C CA  . THR A 1 120 ? 10.898  24.523  10.319  1.00 78.06 ? 213 THR A CA  1 
ATOM   955  C C   . THR A 1 120 ? 10.130  25.689  10.981  1.00 79.96 ? 213 THR A C   1 
ATOM   956  O O   . THR A 1 120 ? 10.774  26.653  11.358  1.00 81.86 ? 213 THR A O   1 
ATOM   957  C CB  . THR A 1 120 ? 11.153  24.822  8.809   1.00 81.83 ? 213 THR A CB  1 
ATOM   958  O OG1 . THR A 1 120 ? 9.915   24.818  8.082   1.00 95.17 ? 213 THR A OG1 1 
ATOM   959  C CG2 . THR A 1 120 ? 12.124  23.799  8.172   1.00 80.85 ? 213 THR A CG2 1 
ATOM   960  N N   . PRO A 1 121 ? 8.772   25.599  11.136  1.00 90.30 ? 214 PRO A N   1 
ATOM   961  C CA  . PRO A 1 121 ? 8.124   26.499  12.114  1.00 84.83 ? 214 PRO A CA  1 
ATOM   962  C C   . PRO A 1 121 ? 8.779   26.512  13.527  1.00 80.74 ? 214 PRO A C   1 
ATOM   963  O O   . PRO A 1 121 ? 8.860   27.568  14.143  1.00 71.56 ? 214 PRO A O   1 
ATOM   964  C CB  . PRO A 1 121 ? 6.661   25.975  12.175  1.00 86.92 ? 214 PRO A CB  1 
ATOM   965  C CG  . PRO A 1 121 ? 6.607   24.745  11.304  1.00 93.77 ? 214 PRO A CG  1 
ATOM   966  C CD  . PRO A 1 121 ? 7.738   24.910  10.324  1.00 95.10 ? 214 PRO A CD  1 
ATOM   967  N N   . LYS A 1 122 ? 9.261   25.371  14.015  1.00 72.94 ? 215 LYS A N   1 
ATOM   968  C CA  . LYS A 1 122 ? 9.864   25.271  15.359  1.00 71.91 ? 215 LYS A CA  1 
ATOM   969  C C   . LYS A 1 122 ? 11.441  25.323  15.390  1.00 67.49 ? 215 LYS A C   1 
ATOM   970  O O   . LYS A 1 122 ? 12.038  25.076  16.443  1.00 77.79 ? 215 LYS A O   1 
ATOM   971  C CB  . LYS A 1 122 ? 9.330   23.988  16.023  1.00 69.74 ? 215 LYS A CB  1 
ATOM   972  C CG  . LYS A 1 122 ? 9.397   23.951  17.539  1.00 73.58 ? 215 LYS A CG  1 
ATOM   973  N N   . SER A 1 123 ? 12.096  25.655  14.265  1.00 63.29 ? 216 SER A N   1 
ATOM   974  C CA  . SER A 1 123 ? 13.577  25.564  14.112  1.00 56.08 ? 216 SER A CA  1 
ATOM   975  C C   . SER A 1 123 ? 14.159  24.235  14.660  1.00 51.86 ? 216 SER A C   1 
ATOM   976  O O   . SER A 1 123 ? 15.174  24.188  15.354  1.00 48.77 ? 216 SER A O   1 
ATOM   977  C CB  . SER A 1 123 ? 14.231  26.766  14.780  1.00 58.85 ? 216 SER A CB  1 
ATOM   978  O OG  . SER A 1 123 ? 13.691  27.976  14.276  1.00 58.71 ? 216 SER A OG  1 
ATOM   979  N N   . LYS A 1 124 ? 13.453  23.146  14.368  1.00 40.95 ? 217 LYS A N   1 
ATOM   980  C CA  . LYS A 1 124 ? 13.815  21.863  14.822  1.00 40.59 ? 217 LYS A CA  1 
ATOM   981  C C   . LYS A 1 124 ? 14.019  20.973  13.591  1.00 39.25 ? 217 LYS A C   1 
ATOM   982  O O   . LYS A 1 124 ? 13.256  21.070  12.587  1.00 40.24 ? 217 LYS A O   1 
ATOM   983  C CB  . LYS A 1 124 ? 12.681  21.366  15.724  1.00 46.91 ? 217 LYS A CB  1 
ATOM   984  C CG  . LYS A 1 124 ? 12.927  20.049  16.430  1.00 48.31 ? 217 LYS A CG  1 
ATOM   985  C CD  . LYS A 1 124 ? 11.985  19.932  17.632  1.00 59.58 ? 217 LYS A CD  1 
ATOM   986  N N   . LEU A 1 125 ? 15.005  20.088  13.677  1.00 35.67 ? 218 LEU A N   1 
ATOM   987  C CA  . LEU A 1 125 ? 15.263  19.161  12.579  1.00 36.19 ? 218 LEU A CA  1 
ATOM   988  C C   . LEU A 1 125 ? 14.336  17.957  12.615  1.00 35.79 ? 218 LEU A C   1 
ATOM   989  O O   . LEU A 1 125 ? 13.991  17.459  13.654  1.00 35.87 ? 218 LEU A O   1 
ATOM   990  C CB  . LEU A 1 125 ? 16.688  18.631  12.614  1.00 31.96 ? 218 LEU A CB  1 
ATOM   991  C CG  . LEU A 1 125 ? 17.757  19.735  12.575  1.00 35.80 ? 218 LEU A CG  1 
ATOM   992  C CD1 . LEU A 1 125 ? 19.089  19.143  12.299  1.00 38.25 ? 218 LEU A CD1 1 
ATOM   993  C CD2 . LEU A 1 125 ? 17.471  20.836  11.558  1.00 41.35 ? 218 LEU A CD2 1 
ATOM   994  N N   . GLY A 1 126 ? 14.075  17.442  11.436  1.00 34.36 ? 219 GLY A N   1 
ATOM   995  C CA  . GLY A 1 126 ? 13.366  16.161  11.330  1.00 34.78 ? 219 GLY A CA  1 
ATOM   996  C C   . GLY A 1 126 ? 12.001  16.406  10.716  1.00 32.46 ? 219 GLY A C   1 
ATOM   997  O O   . GLY A 1 126 ? 11.754  17.424  10.090  1.00 34.32 ? 219 GLY A O   1 
ATOM   998  N N   . LEU A 1 127 ? 11.136  15.422  10.891  1.00 36.76 ? 220 LEU A N   1 
ATOM   999  C CA  . LEU A 1 127 ? 9.816   15.392  10.282  1.00 35.95 ? 220 LEU A CA  1 
ATOM   1000 C C   . LEU A 1 127 ? 8.759   15.257  11.367  1.00 31.73 ? 220 LEU A C   1 
ATOM   1001 O O   . LEU A 1 127 ? 8.965   14.535  12.292  1.00 33.58 ? 220 LEU A O   1 
ATOM   1002 C CB  . LEU A 1 127 ? 9.766   14.181  9.312   1.00 36.18 ? 220 LEU A CB  1 
ATOM   1003 C CG  . LEU A 1 127 ? 10.641  14.360  8.056   1.00 38.83 ? 220 LEU A CG  1 
ATOM   1004 C CD1 . LEU A 1 127 ? 10.651  13.060  7.282   1.00 44.81 ? 220 LEU A CD1 1 
ATOM   1005 C CD2 . LEU A 1 127 ? 10.143  15.541  7.196   1.00 41.54 ? 220 LEU A CD2 1 
ATOM   1006 N N   . ALA A 1 128 ? 7.592   15.858  11.184  1.00 36.12 ? 221 ALA A N   1 
ATOM   1007 C CA  . ALA A 1 128 ? 6.477   15.652  12.103  1.00 37.65 ? 221 ALA A CA  1 
ATOM   1008 C C   . ALA A 1 128 ? 5.907   14.250  11.849  1.00 38.43 ? 221 ALA A C   1 
ATOM   1009 O O   . ALA A 1 128 ? 6.007   13.710  10.734  1.00 36.59 ? 221 ALA A O   1 
ATOM   1010 C CB  . ALA A 1 128 ? 5.406   16.707  11.875  1.00 41.28 ? 221 ALA A CB  1 
ATOM   1011 N N   . PRO A 1 129 ? 5.348   13.636  12.887  1.00 42.65 ? 222 PRO A N   1 
ATOM   1012 C CA  . PRO A 1 129 ? 4.688   12.352  12.699  1.00 39.84 ? 222 PRO A CA  1 
ATOM   1013 C C   . PRO A 1 129 ? 3.525   12.466  11.726  1.00 34.84 ? 222 PRO A C   1 
ATOM   1014 O O   . PRO A 1 129 ? 2.988   13.564  11.508  1.00 33.03 ? 222 PRO A O   1 
ATOM   1015 C CB  . PRO A 1 129 ? 4.209   11.963  14.107  1.00 44.12 ? 222 PRO A CB  1 
ATOM   1016 C CG  . PRO A 1 129 ? 4.474   13.129  15.000  1.00 50.52 ? 222 PRO A CG  1 
ATOM   1017 C CD  . PRO A 1 129 ? 5.108   14.228  14.228  1.00 46.65 ? 222 PRO A CD  1 
ATOM   1018 N N   . ASN A 1 130 ? 3.246   11.351  11.039  1.00 34.82 ? 223 ASN A N   1 
ATOM   1019 C CA  . ASN A 1 130 ? 2.193   11.330  10.024  1.00 35.26 ? 223 ASN A CA  1 
ATOM   1020 C C   . ASN A 1 130 ? 1.679   9.954   10.002  1.00 31.26 ? 223 ASN A C   1 
ATOM   1021 O O   . ASN A 1 130 ? 2.438   9.017   9.933   1.00 29.75 ? 223 ASN A O   1 
ATOM   1022 C CB  . ASN A 1 130 ? 2.731   11.707  8.678   1.00 40.94 ? 223 ASN A CB  1 
ATOM   1023 C CG  . ASN A 1 130 ? 1.637   11.986  7.668   1.00 39.79 ? 223 ASN A CG  1 
ATOM   1024 O OD1 . ASN A 1 130 ? 0.952   11.086  7.232   1.00 34.16 ? 223 ASN A OD1 1 
ATOM   1025 N ND2 . ASN A 1 130 ? 1.451   13.223  7.325   1.00 40.80 ? 223 ASN A ND2 1 
ATOM   1026 N N   . LYS A 1 131 ? 0.376   9.807   10.116  1.00 30.13 ? 224 LYS A N   1 
ATOM   1027 C CA  . LYS A 1 131 ? -0.204  8.472   10.181  1.00 32.35 ? 224 LYS A CA  1 
ATOM   1028 C C   . LYS A 1 131 ? -0.086  7.698   8.877   1.00 30.24 ? 224 LYS A C   1 
ATOM   1029 O O   . LYS A 1 131 ? -0.347  6.515   8.867   1.00 30.45 ? 224 LYS A O   1 
ATOM   1030 C CB  . LYS A 1 131 ? -1.666  8.502   10.649  1.00 35.21 ? 224 LYS A CB  1 
ATOM   1031 C CG  . LYS A 1 131 ? -2.582  9.326   9.767   1.00 35.89 ? 224 LYS A CG  1 
ATOM   1032 C CD  . LYS A 1 131 ? -3.983  9.170   10.333  1.00 38.59 ? 224 LYS A CD  1 
ATOM   1033 C CE  . LYS A 1 131 ? -5.019  9.828   9.437   1.00 40.92 ? 224 LYS A CE  1 
ATOM   1034 N NZ  . LYS A 1 131 ? -6.412  9.684   10.049  1.00 44.01 ? 224 LYS A NZ  1 
ATOM   1035 N N   . PHE A 1 132 ? 0.271   8.376   7.778   1.00 28.95 ? 225 PHE A N   1 
ATOM   1036 C CA  . PHE A 1 132 ? 0.435   7.720   6.478   1.00 28.20 ? 225 PHE A CA  1 
ATOM   1037 C C   . PHE A 1 132 ? 1.940   7.431   6.132   1.00 29.00 ? 225 PHE A C   1 
ATOM   1038 O O   . PHE A 1 132 ? 2.242   7.152   4.967   1.00 29.76 ? 225 PHE A O   1 
ATOM   1039 C CB  . PHE A 1 132 ? -0.154  8.625   5.441   1.00 25.52 ? 225 PHE A CB  1 
ATOM   1040 C CG  . PHE A 1 132 ? -1.627  8.831   5.622   1.00 28.58 ? 225 PHE A CG  1 
ATOM   1041 C CD1 . PHE A 1 132 ? -2.520  7.770   5.407   1.00 29.33 ? 225 PHE A CD1 1 
ATOM   1042 C CD2 . PHE A 1 132 ? -2.126  10.066  5.987   1.00 31.09 ? 225 PHE A CD2 1 
ATOM   1043 C CE1 . PHE A 1 132 ? -3.858  7.951   5.580   1.00 28.53 ? 225 PHE A CE1 1 
ATOM   1044 C CE2 . PHE A 1 132 ? -3.474  10.243  6.184   1.00 32.83 ? 225 PHE A CE2 1 
ATOM   1045 C CZ  . PHE A 1 132 ? -4.329  9.190   5.958   1.00 31.99 ? 225 PHE A CZ  1 
ATOM   1046 N N   . PHE A 1 133 ? 2.814   7.484   7.144   0.52 29.31 ? 226 PHE A N   1 
ATOM   1047 C CA  . PHE A 1 133 ? 4.264   7.275   7.001   0.52 32.27 ? 226 PHE A CA  1 
ATOM   1048 C C   . PHE A 1 133 ? 4.606   6.141   6.045   0.52 30.58 ? 226 PHE A C   1 
ATOM   1049 O O   . PHE A 1 133 ? 5.367   6.348   5.118   0.52 31.34 ? 226 PHE A O   1 
ATOM   1050 C CB  . PHE A 1 133 ? 4.906   7.000   8.375   0.52 35.43 ? 226 PHE A CB  1 
ATOM   1051 C CG  . PHE A 1 133 ? 6.381   6.656   8.314   0.52 38.53 ? 226 PHE A CG  1 
ATOM   1052 C CD1 . PHE A 1 133 ? 7.305   7.577   7.823   0.52 43.85 ? 226 PHE A CD1 1 
ATOM   1053 C CD2 . PHE A 1 133 ? 6.852   5.432   8.760   0.52 41.77 ? 226 PHE A CD2 1 
ATOM   1054 C CE1 . PHE A 1 133 ? 8.670   7.283   7.762   0.52 43.38 ? 226 PHE A CE1 1 
ATOM   1055 C CE2 . PHE A 1 133 ? 8.219   5.131   8.707   0.52 43.90 ? 226 PHE A CE2 1 
ATOM   1056 C CZ  . PHE A 1 133 ? 9.124   6.050   8.203   0.52 43.98 ? 226 PHE A CZ  1 
ATOM   1057 N N   . MET A 1 134 ? 4.029   4.966   6.255   0.52 31.19 ? 227 MET A N   1 
ATOM   1058 C CA  . MET A 1 134 ? 4.370   3.804   5.410   0.52 32.15 ? 227 MET A CA  1 
ATOM   1059 C C   . MET A 1 134 ? 3.890   3.914   3.963   0.52 32.20 ? 227 MET A C   1 
ATOM   1060 O O   . MET A 1 134 ? 4.572   3.443   3.057   0.52 30.98 ? 227 MET A O   1 
ATOM   1061 C CB  . MET A 1 134 ? 3.871   2.509   6.032   0.52 34.59 ? 227 MET A CB  1 
ATOM   1062 C CG  . MET A 1 134 ? 4.774   2.013   7.143   0.52 38.11 ? 227 MET A CG  1 
ATOM   1063 S SD  . MET A 1 134 ? 6.419   1.521   6.630   0.52 40.32 ? 227 MET A SD  1 
ATOM   1064 C CE  . MET A 1 134 ? 7.456   2.149   7.922   0.52 45.09 ? 227 MET A CE  1 
ATOM   1065 N N   . ALA A 1 135 ? 2.746   4.560   3.745   1.00 29.78 ? 228 ALA A N   1 
ATOM   1066 C CA  . ALA A 1 135 ? 2.239   4.784   2.384   1.00 28.14 ? 228 ALA A CA  1 
ATOM   1067 C C   . ALA A 1 135 ? 2.925   5.850   1.593   1.00 29.07 ? 228 ALA A C   1 
ATOM   1068 O O   . ALA A 1 135 ? 3.020   5.758   0.381   1.00 26.59 ? 228 ALA A O   1 
ATOM   1069 C CB  . ALA A 1 135 ? 0.774   5.130   2.453   1.00 24.96 ? 228 ALA A CB  1 
ATOM   1070 N N   . ILE A 1 136 ? 3.388   6.904   2.285   1.00 29.49 ? 229 ILE A N   1 
ATOM   1071 C CA  . ILE A 1 136 ? 3.901   8.085   1.661   1.00 27.15 ? 229 ILE A CA  1 
ATOM   1072 C C   . ILE A 1 136 ? 4.928   7.826   0.544   1.00 27.85 ? 229 ILE A C   1 
ATOM   1073 O O   . ILE A 1 136 ? 4.873   8.456   -0.516  1.00 29.18 ? 229 ILE A O   1 
ATOM   1074 C CB  . ILE A 1 136 ? 4.464   9.047   2.749   1.00 30.35 ? 229 ILE A CB  1 
ATOM   1075 C CG1 . ILE A 1 136 ? 3.288   9.816   3.332   1.00 33.38 ? 229 ILE A CG1 1 
ATOM   1076 C CG2 . ILE A 1 136 ? 5.603   9.923   2.194   1.00 30.86 ? 229 ILE A CG2 1 
ATOM   1077 C CD1 . ILE A 1 136 ? 3.573   10.622  4.607   1.00 34.46 ? 229 ILE A CD1 1 
ATOM   1078 N N   . PRO A 1 137 ? 5.876   6.892   0.751   1.00 30.80 ? 230 PRO A N   1 
ATOM   1079 C CA  . PRO A 1 137 ? 6.937   6.742   -0.271  1.00 30.25 ? 230 PRO A CA  1 
ATOM   1080 C C   . PRO A 1 137 ? 6.395   6.270   -1.622  1.00 30.61 ? 230 PRO A C   1 
ATOM   1081 O O   . PRO A 1 137 ? 7.020   6.486   -2.626  1.00 32.70 ? 230 PRO A O   1 
ATOM   1082 C CB  . PRO A 1 137 ? 7.876   5.692   0.330   1.00 34.12 ? 230 PRO A CB  1 
ATOM   1083 C CG  . PRO A 1 137 ? 7.609   5.669   1.777   1.00 37.36 ? 230 PRO A CG  1 
ATOM   1084 C CD  . PRO A 1 137 ? 6.162   6.121   1.967   1.00 32.56 ? 230 PRO A CD  1 
ATOM   1085 N N   . PHE A 1 138 ? 5.200   5.676   -1.655  1.00 31.76 ? 231 PHE A N   1 
ATOM   1086 C CA  . PHE A 1 138 ? 4.615   5.195   -2.887  1.00 28.48 ? 231 PHE A CA  1 
ATOM   1087 C C   . PHE A 1 138 ? 3.704   6.176   -3.599  1.00 28.65 ? 231 PHE A C   1 
ATOM   1088 O O   . PHE A 1 138 ? 3.318   5.890   -4.706  1.00 27.82 ? 231 PHE A O   1 
ATOM   1089 C CB  . PHE A 1 138 ? 3.778   3.921   -2.595  1.00 26.95 ? 231 PHE A CB  1 
ATOM   1090 C CG  . PHE A 1 138 ? 4.595   2.771   -2.110  1.00 29.20 ? 231 PHE A CG  1 
ATOM   1091 C CD1 . PHE A 1 138 ? 5.182   1.887   -3.023  1.00 32.65 ? 231 PHE A CD1 1 
ATOM   1092 C CD2 . PHE A 1 138 ? 4.876   2.619   -0.752  1.00 30.29 ? 231 PHE A CD2 1 
ATOM   1093 C CE1 . PHE A 1 138 ? 5.987   0.872   -2.563  1.00 30.37 ? 231 PHE A CE1 1 
ATOM   1094 C CE2 . PHE A 1 138 ? 5.620   1.564   -0.309  1.00 33.01 ? 231 PHE A CE2 1 
ATOM   1095 C CZ  . PHE A 1 138 ? 6.189   0.721   -1.219  1.00 30.50 ? 231 PHE A CZ  1 
ATOM   1096 N N   . ILE A 1 139 ? 3.331   7.282   -2.983  1.00 28.37 ? 232 ILE A N   1 
ATOM   1097 C CA  . ILE A 1 139 ? 2.272   8.110   -3.498  1.00 29.39 ? 232 ILE A CA  1 
ATOM   1098 C C   . ILE A 1 139 ? 2.686   8.881   -4.764  1.00 36.77 ? 232 ILE A C   1 
ATOM   1099 O O   . ILE A 1 139 ? 1.944   8.934   -5.748  1.00 30.34 ? 232 ILE A O   1 
ATOM   1100 C CB  . ILE A 1 139 ? 1.757   9.058   -2.440  1.00 31.51 ? 232 ILE A CB  1 
ATOM   1101 C CG1 . ILE A 1 139 ? 1.150   8.293   -1.255  1.00 31.69 ? 232 ILE A CG1 1 
ATOM   1102 C CG2 . ILE A 1 139 ? 0.732   9.972   -3.026  1.00 34.46 ? 232 ILE A CG2 1 
ATOM   1103 C CD1 . ILE A 1 139 ? -0.005  7.378   -1.617  1.00 31.68 ? 232 ILE A CD1 1 
ATOM   1104 N N   . ARG A 1 140 ? 3.865   9.491   -4.751  1.00 34.07 ? 233 ARG A N   1 
ATOM   1105 C CA  . ARG A 1 140 ? 4.324   10.170  -5.957  1.00 35.02 ? 233 ARG A CA  1 
ATOM   1106 C C   . ARG A 1 140 ? 4.609   9.185   -7.107  1.00 32.18 ? 233 ARG A C   1 
ATOM   1107 O O   . ARG A 1 140 ? 4.186   9.429   -8.242  1.00 34.06 ? 233 ARG A O   1 
ATOM   1108 C CB  . ARG A 1 140 ? 5.534   11.065  -5.646  1.00 42.70 ? 233 ARG A CB  1 
ATOM   1109 C CG  . ARG A 1 140 ? 6.156   11.755  -6.849  1.00 50.41 ? 233 ARG A CG  1 
ATOM   1110 C CD  . ARG A 1 140 ? 5.138   12.563  -7.610  1.00 63.94 ? 233 ARG A CD  1 
ATOM   1111 N NE  . ARG A 1 140 ? 4.320   13.422  -6.731  1.00 74.18 ? 233 ARG A NE  1 
ATOM   1112 C CZ  . ARG A 1 140 ? 3.211   14.057  -7.114  1.00 80.75 ? 233 ARG A CZ  1 
ATOM   1113 N NH1 . ARG A 1 140 ? 2.742   13.956  -8.375  1.00 90.52 ? 233 ARG A NH1 1 
ATOM   1114 N NH2 . ARG A 1 140 ? 2.568   14.812  -6.237  1.00 80.48 ? 233 ARG A NH2 1 
ATOM   1115 N N   . PRO A 1 141 ? 5.332   8.079   -6.853  1.00 31.43 ? 234 PRO A N   1 
ATOM   1116 C CA  . PRO A 1 141 ? 5.471   7.110   -7.938  1.00 34.46 ? 234 PRO A CA  1 
ATOM   1117 C C   . PRO A 1 141 ? 4.129   6.560   -8.461  1.00 35.97 ? 234 PRO A C   1 
ATOM   1118 O O   . PRO A 1 141 ? 3.976   6.242   -9.671  1.00 33.84 ? 234 PRO A O   1 
ATOM   1119 C CB  . PRO A 1 141 ? 6.334   5.987   -7.311  1.00 34.80 ? 234 PRO A CB  1 
ATOM   1120 C CG  . PRO A 1 141 ? 7.048   6.639   -6.209  1.00 35.66 ? 234 PRO A CG  1 
ATOM   1121 C CD  . PRO A 1 141 ? 6.168   7.735   -5.693  1.00 33.00 ? 234 PRO A CD  1 
ATOM   1122 N N   . LEU A 1 142 ? 3.153   6.425   -7.582  1.00 32.89 ? 235 LEU A N   1 
ATOM   1123 C CA  . LEU A 1 142 ? 1.841   5.953   -8.027  1.00 31.99 ? 235 LEU A CA  1 
ATOM   1124 C C   . LEU A 1 142 ? 1.128   6.981   -8.891  1.00 32.70 ? 235 LEU A C   1 
ATOM   1125 O O   . LEU A 1 142 ? 0.547   6.610   -9.915  1.00 30.25 ? 235 LEU A O   1 
ATOM   1126 C CB  . LEU A 1 142 ? 0.936   5.506   -6.860  1.00 31.33 ? 235 LEU A CB  1 
ATOM   1127 C CG  . LEU A 1 142 ? -0.542  5.261   -7.208  1.00 30.87 ? 235 LEU A CG  1 
ATOM   1128 C CD1 . LEU A 1 142 ? -0.663  3.975   -8.025  1.00 29.40 ? 235 LEU A CD1 1 
ATOM   1129 C CD2 . LEU A 1 142 ? -1.407  5.229   -5.930  1.00 30.12 ? 235 LEU A CD2 1 
ATOM   1130 N N   . ARG A 1 143 ? 1.158   8.237   -8.472  1.00 32.72 ? 236 ARG A N   1 
ATOM   1131 C CA  . ARG A 1 143 ? 0.572   9.298   -9.268  1.00 34.43 ? 236 ARG A CA  1 
ATOM   1132 C C   . ARG A 1 143 ? 1.257   9.360   -10.648 1.00 34.43 ? 236 ARG A C   1 
ATOM   1133 O O   . ARG A 1 143 ? 0.574   9.462   -11.656 1.00 34.45 ? 236 ARG A O   1 
ATOM   1134 C CB  . ARG A 1 143 ? 0.653   10.627  -8.570  1.00 35.34 ? 236 ARG A CB  1 
ATOM   1135 C CG  . ARG A 1 143 ? -0.212  10.731  -7.341  1.00 34.30 ? 236 ARG A CG  1 
ATOM   1136 C CD  . ARG A 1 143 ? 0.035   12.061  -6.663  1.00 38.63 ? 236 ARG A CD  1 
ATOM   1137 N NE  . ARG A 1 143 ? -0.822  12.253  -5.483  1.00 42.01 ? 236 ARG A NE  1 
ATOM   1138 C CZ  . ARG A 1 143 ? -0.527  13.019  -4.407  1.00 44.93 ? 236 ARG A CZ  1 
ATOM   1139 N NH1 . ARG A 1 143 ? 0.632   13.669  -4.323  1.00 40.92 ? 236 ARG A NH1 1 
ATOM   1140 N NH2 . ARG A 1 143 ? -1.381  13.106  -3.384  1.00 42.87 ? 236 ARG A NH2 1 
ATOM   1141 N N   . ASP A 1 144 ? 2.575   9.194   -10.697 1.00 38.62 ? 237 ASP A N   1 
ATOM   1142 C CA  . ASP A 1 144 ? 3.314   9.253   -11.967 1.00 42.05 ? 237 ASP A CA  1 
ATOM   1143 C C   . ASP A 1 144 ? 3.019   8.050   -12.809 1.00 41.99 ? 237 ASP A C   1 
ATOM   1144 O O   . ASP A 1 144 ? 2.920   8.158   -13.996 1.00 41.96 ? 237 ASP A O   1 
ATOM   1145 C CB  . ASP A 1 144 ? 4.841   9.320   -11.751 1.00 44.18 ? 237 ASP A CB  1 
ATOM   1146 C CG  . ASP A 1 144 ? 5.310   10.665  -11.084 1.00 53.55 ? 237 ASP A CG  1 
ATOM   1147 O OD1 . ASP A 1 144 ? 4.496   11.624  -10.901 1.00 48.12 ? 237 ASP A OD1 1 
ATOM   1148 O OD2 . ASP A 1 144 ? 6.492   10.721  -10.665 1.00 56.56 ? 237 ASP A OD2 1 
ATOM   1149 N N   . TRP A 1 145 ? 2.915   6.890   -12.186 1.00 37.78 ? 238 TRP A N   1 
ATOM   1150 C CA  . TRP A 1 145 ? 2.542   5.673   -12.881 1.00 38.49 ? 238 TRP A CA  1 
ATOM   1151 C C   . TRP A 1 145 ? 1.127   5.728   -13.472 1.00 36.94 ? 238 TRP A C   1 
ATOM   1152 O O   . TRP A 1 145 ? 0.919   5.307   -14.631 1.00 41.48 ? 238 TRP A O   1 
ATOM   1153 C CB  . TRP A 1 145 ? 2.712   4.476   -11.936 1.00 38.75 ? 238 TRP A CB  1 
ATOM   1154 C CG  . TRP A 1 145 ? 2.581   3.123   -12.585 1.00 40.82 ? 238 TRP A CG  1 
ATOM   1155 C CD1 . TRP A 1 145 ? 3.600   2.275   -12.918 1.00 40.68 ? 238 TRP A CD1 1 
ATOM   1156 C CD2 . TRP A 1 145 ? 1.373   2.455   -12.932 1.00 37.81 ? 238 TRP A CD2 1 
ATOM   1157 N NE1 . TRP A 1 145 ? 3.108   1.112   -13.441 1.00 43.17 ? 238 TRP A NE1 1 
ATOM   1158 C CE2 . TRP A 1 145 ? 1.736   1.199   -13.472 1.00 42.59 ? 238 TRP A CE2 1 
ATOM   1159 C CE3 . TRP A 1 145 ? 0.010   2.768   -12.798 1.00 36.26 ? 238 TRP A CE3 1 
ATOM   1160 C CZ2 . TRP A 1 145 ? 0.786   0.270   -13.886 1.00 39.97 ? 238 TRP A CZ2 1 
ATOM   1161 C CZ3 . TRP A 1 145 ? -0.940  1.814   -13.197 1.00 34.90 ? 238 TRP A CZ3 1 
ATOM   1162 C CH2 . TRP A 1 145 ? -0.539  0.613   -13.772 1.00 37.52 ? 238 TRP A CH2 1 
ATOM   1163 N N   . LEU A 1 146 ? 0.164   6.282   -12.729 1.00 35.06 ? 239 LEU A N   1 
ATOM   1164 C CA  . LEU A 1 146 ? -1.237  6.415   -13.246 1.00 34.88 ? 239 LEU A CA  1 
ATOM   1165 C C   . LEU A 1 146 ? -1.377  7.428   -14.425 1.00 41.36 ? 239 LEU A C   1 
ATOM   1166 O O   . LEU A 1 146 ? -2.185  7.249   -15.343 1.00 40.79 ? 239 LEU A O   1 
ATOM   1167 C CB  . LEU A 1 146 ? -2.172  6.840   -12.150 1.00 32.26 ? 239 LEU A CB  1 
ATOM   1168 C CG  . LEU A 1 146 ? -2.372  5.858   -10.966 1.00 31.34 ? 239 LEU A CG  1 
ATOM   1169 C CD1 . LEU A 1 146 ? -3.165  6.477   -9.828  1.00 29.94 ? 239 LEU A CD1 1 
ATOM   1170 C CD2 . LEU A 1 146 ? -3.109  4.660   -11.545 1.00 32.31 ? 239 LEU A CD2 1 
ATOM   1171 N N   . SER A 1 147 ? -0.600  8.490   -14.353 1.00 45.62 ? 240 SER A N   1 
ATOM   1172 C CA  . SER A 1 147 ? -0.424  9.432   -15.471 1.00 49.17 ? 240 SER A CA  1 
ATOM   1173 C C   . SER A 1 147 ? 0.137   8.790   -16.714 1.00 46.47 ? 240 SER A C   1 
ATOM   1174 O O   . SER A 1 147 ? -0.449  8.925   -17.755 1.00 51.06 ? 240 SER A O   1 
ATOM   1175 C CB  . SER A 1 147 ? 0.500   10.562  -15.063 1.00 50.06 ? 240 SER A CB  1 
ATOM   1176 O OG  . SER A 1 147 ? -0.203  11.338  -14.147 1.00 56.90 ? 240 SER A OG  1 
ATOM   1177 N N   . ARG A 1 148 ? 1.244   8.071   -16.606 1.00 48.24 ? 241 ARG A N   1 
ATOM   1178 C CA  . ARG A 1 148 ? 1.771   7.337   -17.737 1.00 53.02 ? 241 ARG A CA  1 
ATOM   1179 C C   . ARG A 1 148 ? 0.829   6.225   -18.325 1.00 66.78 ? 241 ARG A C   1 
ATOM   1180 O O   . ARG A 1 148 ? 0.681   6.130   -19.552 1.00 70.21 ? 241 ARG A O   1 
ATOM   1181 C CB  . ARG A 1 148 ? 3.169   6.765   -17.449 1.00 56.58 ? 241 ARG A CB  1 
ATOM   1182 C CG  . ARG A 1 148 ? 4.264   7.781   -17.113 1.00 61.01 ? 241 ARG A CG  1 
ATOM   1183 N N   . ARG A 1 149 ? 0.219   5.423   -17.452 0.50 66.30 ? 242 ARG A N   1 
ATOM   1184 C CA  . ARG A 1 149 ? -0.619  4.291   -17.867 0.50 68.08 ? 242 ARG A CA  1 
ATOM   1185 C C   . ARG A 1 149 ? -2.021  4.665   -18.345 0.50 68.51 ? 242 ARG A C   1 
ATOM   1186 O O   . ARG A 1 149 ? -2.563  3.992   -19.222 0.50 74.22 ? 242 ARG A O   1 
ATOM   1187 C CB  . ARG A 1 149 ? -0.758  3.295   -16.725 0.50 72.65 ? 242 ARG A CB  1 
ATOM   1188 C CG  . ARG A 1 149 ? -1.875  2.287   -16.942 0.50 76.93 ? 242 ARG A CG  1 
ATOM   1189 C CD  . ARG A 1 149 ? -1.636  1.458   -18.189 0.50 81.06 ? 242 ARG A CD  1 
ATOM   1190 N NE  . ARG A 1 149 ? -0.282  0.911   -18.229 0.50 85.48 ? 242 ARG A NE  1 
ATOM   1191 C CZ  . ARG A 1 149 ? 0.035   -0.317  -17.837 0.50 84.68 ? 242 ARG A CZ  1 
ATOM   1192 N NH1 . ARG A 1 149 ? 1.291   -0.735  -17.905 0.50 87.13 ? 242 ARG A NH1 1 
ATOM   1193 N NH2 . ARG A 1 149 ? -0.911  -1.125  -17.376 0.50 85.59 ? 242 ARG A NH2 1 
ATOM   1194 N N   . PHE A 1 150 ? -2.607  5.717   -17.772 1.00 67.79 ? 243 PHE A N   1 
ATOM   1195 C CA  . PHE A 1 150 ? -3.984  6.153   -18.111 1.00 61.49 ? 243 PHE A CA  1 
ATOM   1196 C C   . PHE A 1 150 ? -4.042  7.556   -18.713 1.00 71.79 ? 243 PHE A C   1 
ATOM   1197 O O   . PHE A 1 150 ? -4.545  7.732   -19.818 1.00 90.15 ? 243 PHE A O   1 
ATOM   1198 C CB  . PHE A 1 150 ? -4.881  6.091   -16.867 1.00 57.61 ? 243 PHE A CB  1 
ATOM   1199 C CG  . PHE A 1 150 ? -5.035  4.700   -16.302 1.00 66.86 ? 243 PHE A CG  1 
ATOM   1200 C CD1 . PHE A 1 150 ? -5.978  3.817   -16.825 1.00 69.35 ? 243 PHE A CD1 1 
ATOM   1201 C CD2 . PHE A 1 150 ? -4.244  4.257   -15.262 1.00 56.37 ? 243 PHE A CD2 1 
ATOM   1202 C CE1 . PHE A 1 150 ? -6.117  2.526   -16.321 1.00 67.97 ? 243 PHE A CE1 1 
ATOM   1203 C CE2 . PHE A 1 150 ? -4.371  2.955   -14.773 1.00 60.06 ? 243 PHE A CE2 1 
ATOM   1204 C CZ  . PHE A 1 150 ? -5.296  2.086   -15.305 1.00 63.94 ? 243 PHE A CZ  1 
ATOM   1205 N N   . GLY A 1 151 ? -3.574  8.560   -17.971 1.00 89.56 ? 244 GLY A N   1 
ATOM   1206 C CA  . GLY A 1 151 ? -3.668  9.974   -18.384 1.00 82.96 ? 244 GLY A CA  1 
ATOM   1207 C C   . GLY A 1 151 ? -5.065  10.524  -18.162 1.00 85.82 ? 244 GLY A C   1 
ATOM   1208 O O   . GLY A 1 151 ? -5.381  11.647  -18.558 1.00 96.56 ? 244 GLY A O   1 
HETATM 1209 C C1  . EDO B 2 .   ? -4.322  -16.120 -1.598  1.00 67.14 ? 301 EDO A C1  1 
HETATM 1210 O O1  . EDO B 2 .   ? -5.272  -16.779 -0.743  1.00 70.30 ? 301 EDO A O1  1 
HETATM 1211 C C2  . EDO B 2 .   ? -5.069  -15.671 -2.841  1.00 68.71 ? 301 EDO A C2  1 
HETATM 1212 O O2  . EDO B 2 .   ? -4.533  -16.285 -4.022  1.00 67.17 ? 301 EDO A O2  1 
HETATM 1213 C C1  . EDO C 2 .   ? 0.861   9.044   13.715  1.00 75.20 ? 302 EDO A C1  1 
HETATM 1214 O O1  . EDO C 2 .   ? 2.159   8.703   13.172  1.00 73.55 ? 302 EDO A O1  1 
HETATM 1215 C C2  . EDO C 2 .   ? 0.781   10.419  14.381  1.00 68.82 ? 302 EDO A C2  1 
HETATM 1216 O O2  . EDO C 2 .   ? 0.283   11.429  13.484  1.00 73.10 ? 302 EDO A O2  1 
HETATM 1217 S S   . DMS D 3 .   ? -13.625 7.222   -0.156  1.00 85.34 ? 303 DMS A S   1 
HETATM 1218 O O   . DMS D 3 .   ? -12.415 7.939   0.245   1.00 60.81 ? 303 DMS A O   1 
HETATM 1219 C C1  . DMS D 3 .   ? -14.699 7.088   1.169   1.00 71.75 ? 303 DMS A C1  1 
HETATM 1220 C C2  . DMS D 3 .   ? -14.453 8.240   -1.249  1.00 79.04 ? 303 DMS A C2  1 
HETATM 1221 C C   . ACT E 4 .   ? -1.147  3.023   19.076  1.00 56.38 ? 304 ACT A C   1 
HETATM 1222 O O   . ACT E 4 .   ? -0.070  2.386   19.102  1.00 59.89 ? 304 ACT A O   1 
HETATM 1223 O OXT . ACT E 4 .   ? -1.993  2.705   18.237  1.00 66.70 ? 304 ACT A OXT 1 
HETATM 1224 C CH3 . ACT E 4 .   ? -1.475  4.110   20.089  1.00 59.65 ? 304 ACT A CH3 1 
HETATM 1225 C C   . ACT F 4 .   ? 5.698   8.244   11.996  1.00 54.80 ? 305 ACT A C   1 
HETATM 1226 O O   . ACT F 4 .   ? 5.420   9.219   11.272  1.00 49.56 ? 305 ACT A O   1 
HETATM 1227 O OXT . ACT F 4 .   ? 4.781   7.691   12.667  1.00 72.32 ? 305 ACT A OXT 1 
HETATM 1228 C CH3 . ACT F 4 .   ? 7.132   7.774   12.077  1.00 53.32 ? 305 ACT A CH3 1 
HETATM 1229 N N1  . LFM G 5 .   ? 1.217   -0.458  8.280   0.52 53.25 ? 306 LFM A N1  1 
HETATM 1230 N N3  . LFM G 5 .   ? 5.277   0.471   10.301  0.52 52.11 ? 306 LFM A N3  1 
HETATM 1231 C C4  . LFM G 5 .   ? 0.098   -2.592  7.749   0.52 50.81 ? 306 LFM A C4  1 
HETATM 1232 C C5  . LFM G 5 .   ? 0.227   -1.121  7.436   0.52 51.72 ? 306 LFM A C5  1 
HETATM 1233 C C6  . LFM G 5 .   ? 2.516   -0.793  8.243   0.52 53.71 ? 306 LFM A C6  1 
HETATM 1234 C C7  . LFM G 5 .   ? 3.450   -0.091  9.156   0.52 53.48 ? 306 LFM A C7  1 
HETATM 1235 C C8  . LFM G 5 .   ? 3.240   1.126   9.832   0.52 51.96 ? 306 LFM A C8  1 
HETATM 1236 C C10 . LFM G 5 .   ? 7.338   -0.769  10.555  0.52 54.65 ? 306 LFM A C10 1 
HETATM 1237 C C13 . LFM G 5 .   ? 0.518   -3.559  6.848   0.52 51.77 ? 306 LFM A C13 1 
HETATM 1238 C C1  . LFM G 5 .   ? -0.141  -5.266  8.345   0.52 49.96 ? 306 LFM A C1  1 
HETATM 1239 C C11 . LFM G 5 .   ? 6.915   -1.323  9.195   0.52 54.23 ? 306 LFM A C11 1 
HETATM 1240 C C12 . LFM G 5 .   ? 4.772   -0.472  9.470   0.52 52.26 ? 306 LFM A C12 1 
HETATM 1241 C C14 . LFM G 5 .   ? 0.408   -4.909  7.145   0.52 51.70 ? 306 LFM A C14 1 
HETATM 1242 C C2  . LFM G 5 .   ? -0.559  -4.352  9.267   0.52 49.65 ? 306 LFM A C2  1 
HETATM 1243 C C3  . LFM G 5 .   ? -0.442  -3.007  8.953   0.52 48.24 ? 306 LFM A C3  1 
HETATM 1244 C C9  . LFM G 5 .   ? 6.603   0.502   10.904  0.52 53.30 ? 306 LFM A C9  1 
HETATM 1245 F F1  . LFM G 5 .   ? -0.259  -6.590  8.644   0.52 49.21 ? 306 LFM A F1  1 
HETATM 1246 N N2  . LFM G 5 .   ? 4.332   1.453   10.510  0.52 51.55 ? 306 LFM A N2  1 
HETATM 1247 O O1  . LFM G 5 .   ? 2.955   -1.641  7.443   0.52 53.15 ? 306 LFM A O1  1 
HETATM 1248 O O2  . LFM G 5 .   ? 5.499   -1.545  9.100   0.52 54.78 ? 306 LFM A O2  1 
HETATM 1249 O O   . HOH H 6 .   ? -0.529  -10.660 6.714   1.00 54.27 ? 401 HOH A O   1 
HETATM 1250 O O   . HOH H 6 .   ? 5.165   -1.231  -13.837 1.00 46.84 ? 402 HOH A O   1 
HETATM 1251 O O   . HOH H 6 .   ? 2.205   -18.579 -1.427  1.00 56.72 ? 403 HOH A O   1 
HETATM 1252 O O   . HOH H 6 .   ? 5.765   -9.590  -11.586 1.00 51.41 ? 404 HOH A O   1 
HETATM 1253 O O   . HOH H 6 .   ? -15.464 -1.174  0.521   1.00 51.69 ? 405 HOH A O   1 
HETATM 1254 O O   . HOH H 6 .   ? 4.820   -19.390 -4.814  1.00 44.01 ? 406 HOH A O   1 
HETATM 1255 O O   . HOH H 6 .   ? 1.974   15.298  13.055  1.00 53.31 ? 407 HOH A O   1 
HETATM 1256 O O   . HOH H 6 .   ? -11.798 10.437  -3.572  1.00 50.84 ? 408 HOH A O   1 
HETATM 1257 O O   . HOH H 6 .   ? -1.663  10.690  -11.445 1.00 44.92 ? 409 HOH A O   1 
HETATM 1258 O O   . HOH H 6 .   ? -6.134  9.341   -9.777  1.00 46.32 ? 410 HOH A O   1 
HETATM 1259 O O   . HOH H 6 .   ? 2.329   12.809  -11.591 1.00 61.49 ? 411 HOH A O   1 
HETATM 1260 O O   . HOH H 6 .   ? 18.278  5.530   6.207   1.00 46.85 ? 412 HOH A O   1 
HETATM 1261 O O   . HOH H 6 .   ? 3.881   -19.500 1.423   1.00 57.98 ? 413 HOH A O   1 
HETATM 1262 O O   . HOH H 6 .   ? -9.480  2.985   12.351  1.00 45.68 ? 414 HOH A O   1 
HETATM 1263 O O   . HOH H 6 .   ? 17.058  25.451  16.666  1.00 34.67 ? 415 HOH A O   1 
HETATM 1264 O O   . HOH H 6 .   ? 11.522  -12.344 -3.294  1.00 51.04 ? 416 HOH A O   1 
HETATM 1265 O O   . HOH H 6 .   ? 6.076   5.665   -11.142 1.00 41.04 ? 417 HOH A O   1 
HETATM 1266 O O   . HOH H 6 .   ? 12.348  19.986  10.100  1.00 38.57 ? 418 HOH A O   1 
HETATM 1267 O O   . HOH H 6 .   ? 7.804   9.368   -8.818  1.00 56.57 ? 419 HOH A O   1 
HETATM 1268 O O   . HOH H 6 .   ? -4.555  -5.302  -12.413 1.00 30.01 ? 420 HOH A O   1 
HETATM 1269 O O   . HOH H 6 .   ? 5.638   9.916   -2.588  1.00 29.05 ? 421 HOH A O   1 
HETATM 1270 O O   . HOH H 6 .   ? 9.496   7.394   -2.870  1.00 37.66 ? 422 HOH A O   1 
HETATM 1271 O O   . HOH H 6 .   ? -3.633  1.183   15.274  1.00 30.24 ? 423 HOH A O   1 
HETATM 1272 O O   . HOH H 6 .   ? 7.094   0.941   -11.307 1.00 55.88 ? 424 HOH A O   1 
HETATM 1273 O O   . HOH H 6 .   ? 1.841   4.635   8.167   1.00 28.52 ? 425 HOH A O   1 
HETATM 1274 O O   . HOH H 6 .   ? -5.103  -11.207 -2.527  1.00 36.18 ? 426 HOH A O   1 
HETATM 1275 O O   . HOH H 6 .   ? -1.498  -9.378  9.071   1.00 49.64 ? 427 HOH A O   1 
HETATM 1276 O O   . HOH H 6 .   ? -11.372 -11.550 -5.853  1.00 41.28 ? 428 HOH A O   1 
HETATM 1277 O O   . HOH H 6 .   ? 2.699   16.401  4.308   1.00 51.79 ? 429 HOH A O   1 
HETATM 1278 O O   . HOH H 6 .   ? -5.621  -16.777 -11.418 1.00 62.35 ? 430 HOH A O   1 
HETATM 1279 O O   . HOH H 6 .   ? -15.044 13.287  -8.153  1.00 44.14 ? 431 HOH A O   1 
HETATM 1280 O O   . HOH H 6 .   ? -1.694  0.039   18.604  1.00 40.55 ? 432 HOH A O   1 
HETATM 1281 O O   . HOH H 6 .   ? 7.094   2.444   3.306   1.00 48.85 ? 433 HOH A O   1 
HETATM 1282 O O   . HOH H 6 .   ? -10.906 7.034   4.777   1.00 43.01 ? 434 HOH A O   1 
HETATM 1283 O O   . HOH H 6 .   ? -3.766  -12.342 -12.858 1.00 54.91 ? 435 HOH A O   1 
HETATM 1284 O O   . HOH H 6 .   ? -7.929  11.296  -5.797  1.00 37.10 ? 436 HOH A O   1 
HETATM 1285 O O   . HOH H 6 .   ? -2.620  -3.283  -13.272 1.00 37.30 ? 437 HOH A O   1 
HETATM 1286 O O   . HOH H 6 .   ? -4.014  -1.384  -1.491  1.00 28.38 ? 438 HOH A O   1 
HETATM 1287 O O   . HOH H 6 .   ? 2.509   -1.087  4.492   1.00 33.13 ? 439 HOH A O   1 
HETATM 1288 O O   . HOH H 6 .   ? -8.717  -13.284 -7.846  1.00 37.64 ? 440 HOH A O   1 
HETATM 1289 O O   . HOH H 6 .   ? -0.990  -16.709 -2.785  1.00 44.08 ? 441 HOH A O   1 
HETATM 1290 O O   . HOH H 6 .   ? -14.374 9.054   -4.531  1.00 63.92 ? 442 HOH A O   1 
HETATM 1291 O O   . HOH H 6 .   ? 18.152  1.414   0.245   1.00 43.40 ? 443 HOH A O   1 
HETATM 1292 O O   . HOH H 6 .   ? -0.676  -5.831  -11.011 1.00 29.78 ? 444 HOH A O   1 
HETATM 1293 O O   . HOH H 6 .   ? -5.145  16.559  2.247   1.00 54.63 ? 445 HOH A O   1 
HETATM 1294 O O   . HOH H 6 .   ? 11.842  -15.799 3.233   1.00 62.66 ? 446 HOH A O   1 
HETATM 1295 O O   . HOH H 6 .   ? 10.554  10.535  12.052  1.00 55.46 ? 447 HOH A O   1 
HETATM 1296 O O   . HOH H 6 .   ? -10.386 6.165   10.564  1.00 48.49 ? 448 HOH A O   1 
HETATM 1297 O O   . HOH H 6 .   ? 9.082   0.231   -9.584  1.00 49.59 ? 449 HOH A O   1 
HETATM 1298 O O   . HOH H 6 .   ? -11.922 -11.767 -3.104  1.00 36.86 ? 450 HOH A O   1 
HETATM 1299 O O   . HOH H 6 .   ? -7.357  -14.274 -13.901 1.00 37.82 ? 451 HOH A O   1 
HETATM 1300 O O   . HOH H 6 .   ? 13.749  2.769   -4.272  1.00 45.26 ? 452 HOH A O   1 
HETATM 1301 O O   . HOH H 6 .   ? 9.041   -19.293 4.781   1.00 60.06 ? 453 HOH A O   1 
HETATM 1302 O O   . HOH H 6 .   ? 5.150   -9.689  7.009   1.00 47.62 ? 454 HOH A O   1 
HETATM 1303 O O   . HOH H 6 .   ? -9.372  9.449   -12.527 1.00 48.76 ? 455 HOH A O   1 
HETATM 1304 O O   . HOH H 6 .   ? 2.735   0.861   2.636   1.00 31.28 ? 456 HOH A O   1 
HETATM 1305 O O   . HOH H 6 .   ? 6.002   -13.669 -9.393  1.00 48.43 ? 457 HOH A O   1 
HETATM 1306 O O   . HOH H 6 .   ? 0.303   -10.639 -16.054 1.00 53.76 ? 458 HOH A O   1 
HETATM 1307 O O   . HOH H 6 .   ? 7.732   8.058   4.810   1.00 49.33 ? 459 HOH A O   1 
HETATM 1308 O O   . HOH H 6 .   ? -15.079 -6.856  -5.744  1.00 51.83 ? 460 HOH A O   1 
HETATM 1309 O O   . HOH H 6 .   ? 12.561  12.967  11.713  1.00 44.71 ? 461 HOH A O   1 
HETATM 1310 O O   . HOH H 6 .   ? -1.097  -14.255 -7.317  1.00 54.83 ? 462 HOH A O   1 
HETATM 1311 O O   . HOH H 6 .   ? -9.618  10.570  1.765   1.00 27.15 ? 463 HOH A O   1 
HETATM 1312 O O   . HOH H 6 .   ? -11.193 -17.808 -10.637 1.00 58.05 ? 464 HOH A O   1 
HETATM 1313 O O   . HOH H 6 .   ? 14.815  -7.017  -0.053  1.00 59.03 ? 465 HOH A O   1 
HETATM 1314 O O   . HOH H 6 .   ? -13.602 3.407   3.234   1.00 37.58 ? 466 HOH A O   1 
HETATM 1315 O O   . HOH H 6 .   ? -1.648  -14.468 -9.556  1.00 54.93 ? 467 HOH A O   1 
HETATM 1316 O O   . HOH H 6 .   ? -1.841  -16.638 -5.764  1.00 56.22 ? 468 HOH A O   1 
HETATM 1317 O O   . HOH H 6 .   ? -1.175  12.348  10.845  1.00 39.54 ? 469 HOH A O   1 
HETATM 1318 O O   . HOH H 6 .   ? 8.372   11.290  0.796   1.00 56.83 ? 470 HOH A O   1 
HETATM 1319 O O   . HOH H 6 .   ? -18.029 -7.924  -1.503  1.00 55.98 ? 471 HOH A O   1 
HETATM 1320 O O   . HOH H 6 .   ? 19.906  -6.355  0.366   1.00 65.74 ? 472 HOH A O   1 
HETATM 1321 O O   . HOH H 6 .   ? -2.966  5.869   12.735  1.00 56.85 ? 473 HOH A O   1 
HETATM 1322 O O   . HOH H 6 .   ? -20.450 -6.011  -2.164  1.00 63.10 ? 474 HOH A O   1 
HETATM 1323 O O   . HOH H 6 .   ? 9.251   3.137   -7.985  1.00 60.19 ? 475 HOH A O   1 
HETATM 1324 O O   . HOH H 6 .   ? 6.438   20.639  5.216   1.00 74.03 ? 476 HOH A O   1 
HETATM 1325 O O   . HOH H 6 .   ? 21.851  1.880   -6.039  1.00 34.59 ? 477 HOH A O   1 
HETATM 1326 O O   . HOH H 6 .   ? 8.211   -2.386  -14.420 1.00 59.82 ? 478 HOH A O   1 
HETATM 1327 O O   . HOH H 6 .   ? -6.153  12.152  3.917   1.00 47.46 ? 479 HOH A O   1 
HETATM 1328 O O   . HOH H 6 .   ? 8.285   7.388   -10.552 1.00 57.99 ? 480 HOH A O   1 
HETATM 1329 O O   . HOH H 6 .   ? -13.987 -10.315 -2.035  1.00 50.80 ? 481 HOH A O   1 
HETATM 1330 O O   . HOH H 6 .   ? 7.391   3.704   -10.431 1.00 52.26 ? 482 HOH A O   1 
HETATM 1331 O O   . HOH H 6 .   ? -12.163 -14.770 -2.428  1.00 53.44 ? 483 HOH A O   1 
# 
